data_1SXL
#
_entry.id   1SXL
#
_cell.length_a   1.000
_cell.length_b   1.000
_cell.length_c   1.000
_cell.angle_alpha   90.00
_cell.angle_beta   90.00
_cell.angle_gamma   90.00
#
_symmetry.space_group_name_H-M   'P 1'
#
_entity_poly.entity_id   1
_entity_poly.type   'polypeptide(L)'
_entity_poly.pdbx_seq_one_letter_code
;MSYARPGGESIKDTNLYVTNLPRTITDDQLDTIFGKYGSIVQKNILRDKLTGRPRGVAFVRYNKREEAQEAISALNNVIP
EGGSQPLSVRLAEEHGK
;
_entity_poly.pdbx_strand_id   A
#
# COMPACT_ATOMS: atom_id res chain seq x y z
N MET A 1 15.47 -7.17 -16.13
CA MET A 1 14.21 -6.43 -16.37
C MET A 1 13.89 -5.56 -15.15
N SER A 2 13.62 -6.18 -14.02
CA SER A 2 13.31 -5.38 -12.81
C SER A 2 13.65 -6.21 -11.56
N TYR A 3 14.66 -5.82 -10.83
CA TYR A 3 15.04 -6.58 -9.61
C TYR A 3 14.60 -5.81 -8.37
N ALA A 4 13.41 -6.04 -7.90
CA ALA A 4 12.92 -5.31 -6.69
C ALA A 4 12.83 -3.82 -6.98
N ARG A 5 12.11 -3.07 -6.18
CA ARG A 5 11.99 -1.61 -6.42
C ARG A 5 12.59 -0.82 -5.24
N PRO A 6 11.77 -0.55 -4.25
CA PRO A 6 12.30 0.24 -3.10
C PRO A 6 13.69 -0.27 -2.69
N GLY A 7 14.49 0.58 -2.10
CA GLY A 7 15.87 0.16 -1.68
C GLY A 7 15.94 0.08 -0.14
N GLY A 8 16.68 0.97 0.47
CA GLY A 8 16.79 0.95 1.96
C GLY A 8 17.26 2.31 2.48
N GLU A 9 16.77 2.72 3.61
CA GLU A 9 17.17 4.04 4.17
C GLU A 9 16.22 4.44 5.30
N SER A 10 16.74 5.02 6.36
CA SER A 10 15.87 5.42 7.51
C SER A 10 14.53 5.98 7.02
N ILE A 11 13.55 6.01 7.89
CA ILE A 11 12.21 6.54 7.49
C ILE A 11 12.40 7.79 6.62
N LYS A 12 12.22 7.66 5.33
CA LYS A 12 12.37 8.84 4.44
C LYS A 12 11.08 8.98 3.62
N ASP A 13 11.00 8.31 2.49
CA ASP A 13 9.77 8.40 1.67
C ASP A 13 9.74 7.22 0.70
N THR A 14 9.05 6.18 1.05
CA THR A 14 8.97 5.00 0.14
C THR A 14 7.62 4.31 0.32
N ASN A 15 6.54 5.03 0.17
CA ASN A 15 5.21 4.41 0.32
C ASN A 15 4.90 3.63 -0.96
N LEU A 16 3.93 2.76 -0.93
CA LEU A 16 3.63 2.01 -2.18
C LEU A 16 2.15 2.11 -2.54
N TYR A 17 1.87 2.23 -3.81
CA TYR A 17 0.45 2.35 -4.25
C TYR A 17 -0.17 0.95 -4.35
N VAL A 18 -1.09 0.64 -3.49
CA VAL A 18 -1.74 -0.70 -3.54
C VAL A 18 -2.89 -0.66 -4.54
N THR A 19 -2.79 -1.43 -5.59
CA THR A 19 -3.90 -1.42 -6.60
C THR A 19 -4.93 -2.50 -6.24
N ASN A 20 -6.10 -2.41 -6.81
CA ASN A 20 -7.16 -3.42 -6.51
C ASN A 20 -7.34 -3.54 -4.99
N LEU A 21 -8.22 -2.75 -4.43
CA LEU A 21 -8.44 -2.81 -2.96
C LEU A 21 -9.83 -2.26 -2.64
N PRO A 22 -10.77 -3.15 -2.51
CA PRO A 22 -12.14 -2.70 -2.19
C PRO A 22 -12.20 -2.14 -0.77
N ARG A 23 -13.29 -1.49 -0.42
CA ARG A 23 -13.41 -0.92 0.95
C ARG A 23 -13.98 -1.98 1.89
N THR A 24 -13.53 -3.20 1.78
CA THR A 24 -14.06 -4.28 2.68
C THR A 24 -13.36 -4.18 4.05
N ILE A 25 -12.32 -3.41 4.15
CA ILE A 25 -11.61 -3.28 5.45
C ILE A 25 -11.51 -1.80 5.83
N THR A 26 -10.88 -1.50 6.93
CA THR A 26 -10.75 -0.08 7.35
C THR A 26 -9.29 0.37 7.22
N ASP A 27 -9.08 1.65 7.02
CA ASP A 27 -7.69 2.16 6.88
C ASP A 27 -6.88 1.77 8.12
N ASP A 28 -7.42 2.01 9.29
CA ASP A 28 -6.68 1.67 10.53
C ASP A 28 -6.52 0.14 10.62
N GLN A 29 -7.30 -0.60 9.89
CA GLN A 29 -7.18 -2.08 9.94
C GLN A 29 -5.89 -2.52 9.25
N LEU A 30 -5.63 -2.02 8.07
CA LEU A 30 -4.39 -2.43 7.36
C LEU A 30 -3.22 -2.36 8.35
N ASP A 31 -3.33 -1.52 9.35
CA ASP A 31 -2.24 -1.41 10.35
C ASP A 31 -2.11 -2.73 11.10
N THR A 32 -3.20 -3.24 11.61
CA THR A 32 -3.15 -4.53 12.36
C THR A 32 -2.51 -5.59 11.47
N ILE A 33 -2.90 -5.65 10.23
CA ILE A 33 -2.31 -6.66 9.31
C ILE A 33 -0.79 -6.48 9.28
N PHE A 34 -0.32 -5.26 9.34
CA PHE A 34 1.16 -5.04 9.30
C PHE A 34 1.74 -5.30 10.71
N GLY A 35 1.68 -4.32 11.59
CA GLY A 35 2.22 -4.49 12.99
C GLY A 35 3.27 -5.61 13.04
N LYS A 36 4.40 -5.41 12.42
CA LYS A 36 5.44 -6.48 12.44
C LYS A 36 6.74 -5.95 11.81
N TYR A 37 6.63 -5.22 10.74
CA TYR A 37 7.85 -4.70 10.07
C TYR A 37 8.15 -3.28 10.58
N GLY A 38 7.44 -2.32 10.11
CA GLY A 38 7.68 -0.92 10.57
C GLY A 38 6.44 -0.41 11.29
N SER A 39 6.36 0.87 11.57
CA SER A 39 5.17 1.40 12.26
C SER A 39 4.30 2.18 11.28
N ILE A 40 4.30 1.74 10.04
CA ILE A 40 3.48 2.41 8.97
C ILE A 40 3.24 3.90 9.29
N VAL A 41 3.97 4.82 8.68
CA VAL A 41 3.75 6.27 9.00
C VAL A 41 2.47 6.78 8.31
N GLN A 42 1.67 5.91 7.74
CA GLN A 42 0.42 6.38 7.08
C GLN A 42 -0.50 5.20 6.74
N LYS A 43 -1.46 5.43 5.89
CA LYS A 43 -2.44 4.36 5.51
C LYS A 43 -3.69 5.06 4.97
N ASN A 44 -3.92 5.04 3.68
CA ASN A 44 -5.13 5.72 3.14
C ASN A 44 -5.79 4.89 2.04
N ILE A 45 -6.84 5.41 1.46
CA ILE A 45 -7.56 4.67 0.38
C ILE A 45 -7.96 5.67 -0.72
N LEU A 46 -7.87 5.28 -1.96
CA LEU A 46 -8.25 6.22 -3.06
C LEU A 46 -9.26 5.55 -3.98
N ARG A 47 -10.34 6.21 -4.28
CA ARG A 47 -11.37 5.60 -5.18
C ARG A 47 -11.45 6.41 -6.47
N ASP A 48 -12.05 5.86 -7.49
CA ASP A 48 -12.16 6.59 -8.78
C ASP A 48 -13.58 6.45 -9.32
N LYS A 49 -14.53 7.07 -8.67
CA LYS A 49 -15.94 6.97 -9.14
C LYS A 49 -16.55 8.37 -9.24
N LEU A 50 -15.79 9.38 -8.93
CA LEU A 50 -16.32 10.77 -9.01
C LEU A 50 -15.20 11.74 -9.40
N THR A 51 -14.11 11.21 -9.90
CA THR A 51 -12.97 12.09 -10.31
C THR A 51 -12.34 11.54 -11.59
N GLY A 52 -12.21 10.25 -11.68
CA GLY A 52 -11.61 9.65 -12.91
C GLY A 52 -10.10 9.91 -12.90
N ARG A 53 -9.49 9.90 -11.74
CA ARG A 53 -8.02 10.14 -11.68
C ARG A 53 -7.30 8.83 -11.40
N PRO A 54 -7.65 8.19 -10.30
CA PRO A 54 -6.99 6.91 -9.99
C PRO A 54 -7.76 5.76 -10.64
N ARG A 55 -7.51 4.56 -10.20
CA ARG A 55 -8.22 3.38 -10.78
C ARG A 55 -8.53 2.37 -9.67
N GLY A 56 -9.31 2.77 -8.71
CA GLY A 56 -9.64 1.83 -7.59
C GLY A 56 -8.35 1.31 -6.97
N VAL A 57 -7.73 2.09 -6.14
CA VAL A 57 -6.46 1.65 -5.50
C VAL A 57 -6.23 2.44 -4.21
N ALA A 58 -5.70 1.79 -3.20
CA ALA A 58 -5.44 2.50 -1.93
C ALA A 58 -3.95 2.86 -1.86
N PHE A 59 -3.51 3.43 -0.77
CA PHE A 59 -2.07 3.80 -0.67
C PHE A 59 -1.52 3.36 0.69
N VAL A 60 -0.71 2.34 0.71
CA VAL A 60 -0.14 1.88 2.00
C VAL A 60 1.11 2.71 2.29
N ARG A 61 1.51 2.73 3.53
CA ARG A 61 2.72 3.51 3.90
C ARG A 61 3.92 2.61 4.13
N TYR A 62 5.06 3.03 3.68
CA TYR A 62 6.30 2.27 3.93
C TYR A 62 7.48 3.22 3.73
N ASN A 63 7.63 4.18 4.61
CA ASN A 63 8.71 5.17 4.47
C ASN A 63 10.03 4.47 4.16
N LYS A 64 10.72 4.05 5.19
CA LYS A 64 12.03 3.34 4.99
C LYS A 64 11.94 2.44 3.76
N ARG A 65 12.76 2.70 2.77
CA ARG A 65 12.72 1.87 1.54
C ARG A 65 12.66 0.39 1.93
N GLU A 66 13.50 -0.04 2.83
CA GLU A 66 13.50 -1.47 3.24
C GLU A 66 12.08 -1.87 3.69
N GLU A 67 11.49 -1.09 4.55
CA GLU A 67 10.12 -1.43 5.02
C GLU A 67 9.19 -1.61 3.82
N ALA A 68 9.29 -0.75 2.83
CA ALA A 68 8.42 -0.89 1.64
C ALA A 68 8.62 -2.30 1.07
N GLN A 69 9.82 -2.79 1.05
CA GLN A 69 10.05 -4.16 0.53
C GLN A 69 9.14 -5.09 1.33
N GLU A 70 9.11 -4.93 2.62
CA GLU A 70 8.21 -5.78 3.45
C GLU A 70 6.83 -5.76 2.81
N ALA A 71 6.22 -4.62 2.73
CA ALA A 71 4.87 -4.53 2.10
C ALA A 71 4.85 -5.36 0.83
N ILE A 72 5.91 -5.32 0.07
CA ILE A 72 5.93 -6.15 -1.18
C ILE A 72 5.44 -7.55 -0.81
N SER A 73 6.13 -8.22 0.06
CA SER A 73 5.70 -9.59 0.47
C SER A 73 4.63 -9.49 1.57
N ALA A 74 5.02 -9.07 2.74
CA ALA A 74 4.06 -8.96 3.88
C ALA A 74 2.74 -8.30 3.46
N LEU A 75 2.79 -7.16 2.82
CA LEU A 75 1.51 -6.49 2.43
C LEU A 75 0.93 -7.14 1.16
N ASN A 76 1.73 -7.73 0.29
CA ASN A 76 1.11 -8.37 -0.92
C ASN A 76 -0.07 -9.21 -0.45
N ASN A 77 -1.26 -8.86 -0.84
CA ASN A 77 -2.44 -9.62 -0.35
C ASN A 77 -2.49 -9.50 1.17
N VAL A 78 -2.95 -8.39 1.68
CA VAL A 78 -2.99 -8.19 3.15
C VAL A 78 -4.28 -8.81 3.72
N ILE A 79 -4.61 -10.00 3.29
CA ILE A 79 -5.83 -10.67 3.78
C ILE A 79 -5.58 -12.17 3.89
N PRO A 80 -6.17 -12.78 4.88
CA PRO A 80 -5.98 -14.24 5.04
C PRO A 80 -6.55 -14.96 3.80
N GLU A 81 -5.87 -15.96 3.32
CA GLU A 81 -6.37 -16.68 2.11
C GLU A 81 -7.88 -16.86 2.20
N GLY A 82 -8.63 -16.13 1.41
CA GLY A 82 -10.11 -16.26 1.46
C GLY A 82 -10.76 -15.06 0.74
N GLY A 83 -10.18 -14.62 -0.34
CA GLY A 83 -10.76 -13.47 -1.08
C GLY A 83 -10.33 -12.16 -0.42
N SER A 84 -11.24 -11.22 -0.32
CA SER A 84 -10.90 -9.91 0.30
C SER A 84 -10.13 -9.05 -0.71
N GLN A 85 -9.81 -9.59 -1.86
CA GLN A 85 -9.07 -8.82 -2.89
C GLN A 85 -7.75 -8.32 -2.31
N PRO A 86 -6.68 -8.78 -2.89
CA PRO A 86 -5.35 -8.36 -2.40
C PRO A 86 -4.95 -7.01 -3.02
N LEU A 87 -3.82 -6.49 -2.65
CA LEU A 87 -3.39 -5.18 -3.20
C LEU A 87 -2.08 -5.36 -3.97
N SER A 88 -1.95 -4.72 -5.11
CA SER A 88 -0.68 -4.84 -5.87
C SER A 88 0.32 -3.91 -5.21
N VAL A 89 1.24 -4.44 -4.46
CA VAL A 89 2.23 -3.59 -3.75
C VAL A 89 3.39 -3.21 -4.68
N ARG A 90 3.89 -2.02 -4.51
CA ARG A 90 5.03 -1.55 -5.37
C ARG A 90 5.26 -0.05 -5.10
N LEU A 91 6.49 0.34 -4.89
CA LEU A 91 6.78 1.77 -4.61
C LEU A 91 6.34 2.62 -5.81
N ALA A 92 5.39 3.48 -5.63
CA ALA A 92 4.92 4.33 -6.76
C ALA A 92 6.04 5.32 -7.14
N GLU A 93 5.96 5.89 -8.30
CA GLU A 93 7.01 6.86 -8.72
C GLU A 93 6.54 8.28 -8.40
N GLU A 94 6.52 8.63 -7.14
CA GLU A 94 6.07 10.00 -6.76
C GLU A 94 6.77 10.42 -5.46
N HIS A 95 6.94 9.51 -4.55
CA HIS A 95 7.61 9.85 -3.27
C HIS A 95 6.76 10.90 -2.53
N GLY A 96 6.09 10.50 -1.49
CA GLY A 96 5.25 11.47 -0.73
C GLY A 96 4.60 10.76 0.47
N LYS A 97 5.20 10.87 1.61
CA LYS A 97 4.63 10.20 2.82
C LYS A 97 3.59 11.12 3.46
N MET A 1 18.83 -1.27 -17.12
CA MET A 1 17.85 -1.65 -18.17
C MET A 1 16.75 -2.52 -17.56
N SER A 2 16.32 -2.19 -16.37
CA SER A 2 15.25 -2.99 -15.72
C SER A 2 13.90 -2.29 -15.88
N TYR A 3 12.85 -2.88 -15.40
CA TYR A 3 11.51 -2.25 -15.52
C TYR A 3 10.62 -2.72 -14.37
N ALA A 4 11.20 -3.19 -13.31
CA ALA A 4 10.38 -3.66 -12.15
C ALA A 4 10.14 -2.49 -11.20
N ARG A 5 11.18 -1.89 -10.69
CA ARG A 5 11.00 -0.74 -9.75
C ARG A 5 10.41 0.45 -10.51
N PRO A 6 9.55 1.17 -9.82
CA PRO A 6 8.93 2.36 -10.47
C PRO A 6 9.74 3.61 -10.14
N GLY A 7 10.82 3.47 -9.41
CA GLY A 7 11.65 4.65 -9.06
C GLY A 7 11.67 4.81 -7.54
N GLY A 8 11.97 5.97 -7.04
CA GLY A 8 12.01 6.18 -5.57
C GLY A 8 11.13 7.37 -5.19
N GLU A 9 11.64 8.26 -4.39
CA GLU A 9 10.84 9.44 -3.96
C GLU A 9 9.63 8.99 -3.13
N SER A 10 9.61 9.36 -1.87
CA SER A 10 8.48 8.97 -0.98
C SER A 10 8.63 9.71 0.34
N ILE A 11 7.97 9.26 1.37
CA ILE A 11 8.09 9.93 2.69
C ILE A 11 9.50 9.73 3.24
N LYS A 12 10.43 10.53 2.79
CA LYS A 12 11.85 10.41 3.27
C LYS A 12 12.27 8.94 3.35
N ASP A 13 11.60 8.04 2.66
CA ASP A 13 12.03 6.62 2.73
C ASP A 13 11.54 5.82 1.50
N THR A 14 10.53 4.99 1.65
CA THR A 14 10.03 4.19 0.49
C THR A 14 8.59 3.71 0.73
N ASN A 15 7.62 4.47 0.30
CA ASN A 15 6.19 4.06 0.49
C ASN A 15 5.78 3.10 -0.63
N LEU A 16 4.64 2.46 -0.52
CA LEU A 16 4.21 1.54 -1.61
C LEU A 16 2.73 1.76 -1.96
N TYR A 17 2.47 2.07 -3.20
CA TYR A 17 1.07 2.31 -3.64
C TYR A 17 0.41 0.95 -3.84
N VAL A 18 -0.79 0.79 -3.38
CA VAL A 18 -1.45 -0.53 -3.53
C VAL A 18 -2.69 -0.43 -4.42
N THR A 19 -2.98 -1.48 -5.14
CA THR A 19 -4.17 -1.47 -6.03
C THR A 19 -4.99 -2.75 -5.81
N ASN A 20 -6.09 -2.90 -6.49
CA ASN A 20 -6.92 -4.12 -6.32
C ASN A 20 -7.33 -4.30 -4.86
N LEU A 21 -8.46 -3.76 -4.47
CA LEU A 21 -8.92 -3.89 -3.06
C LEU A 21 -10.11 -4.85 -3.01
N PRO A 22 -10.57 -5.14 -1.82
CA PRO A 22 -11.72 -6.06 -1.71
C PRO A 22 -12.93 -5.34 -1.15
N ARG A 23 -12.82 -4.07 -0.99
CA ARG A 23 -13.94 -3.27 -0.45
C ARG A 23 -13.42 -1.91 0.03
N THR A 24 -13.17 -1.77 1.30
CA THR A 24 -12.66 -0.47 1.82
C THR A 24 -12.04 -0.69 3.20
N ILE A 25 -12.70 -1.43 4.04
CA ILE A 25 -12.16 -1.67 5.42
C ILE A 25 -11.74 -0.32 6.02
N THR A 26 -11.14 -0.34 7.18
CA THR A 26 -10.71 0.93 7.80
C THR A 26 -9.20 1.13 7.56
N ASP A 27 -8.79 2.35 7.35
CA ASP A 27 -7.34 2.62 7.12
C ASP A 27 -6.53 2.09 8.31
N ASP A 28 -6.77 2.64 9.47
CA ASP A 28 -6.00 2.19 10.68
C ASP A 28 -6.08 0.66 10.80
N GLN A 29 -7.01 0.03 10.15
CA GLN A 29 -7.11 -1.46 10.27
C GLN A 29 -6.00 -2.12 9.45
N LEU A 30 -5.97 -1.92 8.15
CA LEU A 30 -4.91 -2.58 7.34
C LEU A 30 -3.56 -2.43 8.03
N ASP A 31 -3.40 -1.44 8.86
CA ASP A 31 -2.10 -1.26 9.58
C ASP A 31 -1.89 -2.45 10.52
N THR A 32 -2.85 -2.71 11.37
CA THR A 32 -2.73 -3.85 12.32
C THR A 32 -2.65 -5.15 11.51
N ILE A 33 -3.37 -5.23 10.42
CA ILE A 33 -3.33 -6.47 9.59
C ILE A 33 -1.89 -6.69 9.11
N PHE A 34 -1.15 -5.62 8.97
CA PHE A 34 0.26 -5.77 8.51
C PHE A 34 1.10 -6.36 9.65
N GLY A 35 1.31 -5.61 10.69
CA GLY A 35 2.12 -6.13 11.83
C GLY A 35 2.73 -4.97 12.61
N LYS A 36 3.93 -4.58 12.25
CA LYS A 36 4.60 -3.46 12.97
C LYS A 36 6.07 -3.37 12.55
N TYR A 37 6.35 -3.36 11.27
CA TYR A 37 7.77 -3.27 10.84
C TYR A 37 8.13 -1.80 10.58
N GLY A 38 7.87 -1.30 9.40
CA GLY A 38 8.19 0.13 9.12
C GLY A 38 7.17 1.00 9.83
N SER A 39 7.49 2.23 10.09
CA SER A 39 6.51 3.13 10.77
C SER A 39 5.52 3.61 9.72
N ILE A 40 4.56 2.78 9.37
CA ILE A 40 3.56 3.17 8.33
C ILE A 40 3.28 4.66 8.43
N VAL A 41 3.62 5.40 7.40
CA VAL A 41 3.40 6.87 7.41
C VAL A 41 1.94 7.18 7.03
N GLN A 42 1.01 6.38 7.51
CA GLN A 42 -0.44 6.60 7.23
C GLN A 42 -0.88 5.85 5.96
N LYS A 43 -1.59 4.77 6.14
CA LYS A 43 -2.10 3.97 4.98
C LYS A 43 -3.57 4.34 4.75
N ASN A 44 -4.06 4.26 3.55
CA ASN A 44 -5.49 4.63 3.33
C ASN A 44 -6.12 3.76 2.24
N ILE A 45 -7.40 3.94 2.01
CA ILE A 45 -8.11 3.14 0.97
C ILE A 45 -9.15 4.04 0.28
N LEU A 46 -9.22 4.00 -1.02
CA LEU A 46 -10.21 4.86 -1.74
C LEU A 46 -10.63 4.20 -3.05
N ARG A 47 -11.82 4.46 -3.51
CA ARG A 47 -12.28 3.85 -4.79
C ARG A 47 -13.14 4.84 -5.58
N ASP A 48 -13.91 5.65 -4.90
CA ASP A 48 -14.77 6.62 -5.62
C ASP A 48 -13.94 7.83 -6.07
N LYS A 49 -14.53 8.76 -6.76
CA LYS A 49 -13.78 9.95 -7.22
C LYS A 49 -14.77 11.07 -7.57
N LEU A 50 -15.85 10.75 -8.25
CA LEU A 50 -16.84 11.79 -8.61
C LEU A 50 -18.23 11.16 -8.73
N THR A 51 -18.30 9.99 -9.31
CA THR A 51 -19.62 9.32 -9.47
C THR A 51 -19.51 7.85 -9.07
N GLY A 52 -18.37 7.45 -8.55
CA GLY A 52 -18.20 6.03 -8.13
C GLY A 52 -17.50 5.25 -9.25
N ARG A 53 -16.33 5.65 -9.62
CA ARG A 53 -15.60 4.94 -10.71
C ARG A 53 -15.29 3.51 -10.26
N PRO A 54 -15.23 2.63 -11.22
CA PRO A 54 -14.94 1.22 -10.89
C PRO A 54 -13.42 1.00 -10.79
N ARG A 55 -12.85 1.30 -9.66
CA ARG A 55 -11.38 1.10 -9.50
C ARG A 55 -11.11 0.41 -8.16
N GLY A 56 -10.93 1.18 -7.11
CA GLY A 56 -10.66 0.56 -5.78
C GLY A 56 -9.15 0.43 -5.57
N VAL A 57 -8.48 1.52 -5.29
CA VAL A 57 -7.01 1.45 -5.07
C VAL A 57 -6.66 2.10 -3.72
N ALA A 58 -5.74 1.53 -2.99
CA ALA A 58 -5.36 2.12 -1.68
C ALA A 58 -3.93 2.64 -1.74
N PHE A 59 -3.41 3.08 -0.64
CA PHE A 59 -2.02 3.59 -0.64
C PHE A 59 -1.32 3.23 0.66
N VAL A 60 -0.53 2.19 0.65
CA VAL A 60 0.22 1.84 1.89
C VAL A 60 1.49 2.68 1.83
N ARG A 61 2.04 3.09 2.93
CA ARG A 61 3.25 3.93 2.80
C ARG A 61 4.32 3.53 3.82
N TYR A 62 5.04 2.48 3.55
CA TYR A 62 6.11 2.08 4.48
C TYR A 62 7.29 2.99 4.21
N ASN A 63 8.21 3.13 5.13
CA ASN A 63 9.34 4.05 4.85
C ASN A 63 10.61 3.28 4.48
N LYS A 64 11.43 2.97 5.47
CA LYS A 64 12.72 2.26 5.24
C LYS A 64 12.66 1.43 3.97
N ARG A 65 13.71 1.46 3.18
CA ARG A 65 13.71 0.66 1.93
C ARG A 65 13.34 -0.78 2.28
N GLU A 66 14.00 -1.36 3.25
CA GLU A 66 13.66 -2.75 3.65
C GLU A 66 12.22 -2.76 4.19
N GLU A 67 11.82 -1.71 4.86
CA GLU A 67 10.44 -1.64 5.40
C GLU A 67 9.46 -1.72 4.22
N ALA A 68 9.87 -1.26 3.07
CA ALA A 68 8.99 -1.32 1.89
C ALA A 68 8.97 -2.76 1.40
N GLN A 69 10.12 -3.38 1.35
CA GLN A 69 10.18 -4.80 0.92
C GLN A 69 9.34 -5.62 1.90
N GLU A 70 9.11 -5.09 3.07
CA GLU A 70 8.29 -5.82 4.08
C GLU A 70 6.85 -5.80 3.59
N ALA A 71 6.29 -4.64 3.46
CA ALA A 71 4.89 -4.52 2.98
C ALA A 71 4.81 -4.95 1.52
N ILE A 72 5.92 -5.22 0.91
CA ILE A 72 5.89 -5.65 -0.51
C ILE A 72 5.68 -7.16 -0.54
N SER A 73 6.58 -7.91 0.04
CA SER A 73 6.43 -9.39 0.06
C SER A 73 5.36 -9.78 1.08
N ALA A 74 4.80 -8.83 1.78
CA ALA A 74 3.76 -9.18 2.80
C ALA A 74 2.47 -8.39 2.53
N LEU A 75 2.57 -7.11 2.32
CA LEU A 75 1.34 -6.30 2.08
C LEU A 75 0.92 -6.37 0.61
N ASN A 76 1.82 -6.71 -0.29
CA ASN A 76 1.42 -6.79 -1.73
C ASN A 76 0.11 -7.57 -1.84
N ASN A 77 -0.16 -8.39 -0.87
CA ASN A 77 -1.40 -9.20 -0.87
C ASN A 77 -1.91 -9.32 0.56
N VAL A 78 -2.70 -8.38 1.01
CA VAL A 78 -3.23 -8.45 2.41
C VAL A 78 -4.40 -9.44 2.43
N ILE A 79 -4.12 -10.69 2.64
CA ILE A 79 -5.21 -11.71 2.67
C ILE A 79 -4.83 -12.82 3.66
N PRO A 80 -5.62 -13.86 3.67
CA PRO A 80 -5.32 -14.98 4.58
C PRO A 80 -4.69 -16.12 3.79
N GLU A 81 -4.09 -15.82 2.68
CA GLU A 81 -3.46 -16.88 1.84
C GLU A 81 -4.55 -17.70 1.15
N GLY A 82 -4.62 -17.64 -0.15
CA GLY A 82 -5.65 -18.43 -0.88
C GLY A 82 -6.05 -17.69 -2.16
N GLY A 83 -5.76 -16.42 -2.24
CA GLY A 83 -6.12 -15.65 -3.46
C GLY A 83 -6.70 -14.29 -3.05
N SER A 84 -7.60 -13.76 -3.84
CA SER A 84 -8.22 -12.44 -3.53
C SER A 84 -7.31 -11.31 -4.04
N GLN A 85 -6.02 -11.55 -4.12
CA GLN A 85 -5.08 -10.50 -4.62
C GLN A 85 -5.49 -9.12 -4.13
N PRO A 86 -4.93 -8.73 -3.00
CA PRO A 86 -5.25 -7.38 -2.48
C PRO A 86 -3.98 -6.54 -2.34
N LEU A 87 -4.10 -5.33 -1.87
CA LEU A 87 -2.92 -4.42 -1.69
C LEU A 87 -1.78 -4.78 -2.64
N SER A 88 -1.94 -4.59 -3.93
CA SER A 88 -0.80 -4.90 -4.83
C SER A 88 0.17 -3.72 -4.70
N VAL A 89 1.21 -3.92 -3.96
CA VAL A 89 2.18 -2.82 -3.68
C VAL A 89 3.12 -2.53 -4.84
N ARG A 90 3.75 -1.38 -4.78
CA ARG A 90 4.70 -0.92 -5.84
C ARG A 90 5.07 0.53 -5.54
N LEU A 91 6.26 0.79 -5.05
CA LEU A 91 6.68 2.20 -4.73
C LEU A 91 6.04 3.16 -5.75
N ALA A 92 5.62 4.31 -5.32
CA ALA A 92 4.98 5.26 -6.28
C ALA A 92 5.44 6.69 -6.00
N GLU A 93 4.96 7.64 -6.77
CA GLU A 93 5.36 9.06 -6.57
C GLU A 93 4.10 9.91 -6.35
N GLU A 94 3.85 10.31 -5.13
CA GLU A 94 2.64 11.13 -4.87
C GLU A 94 3.04 12.61 -4.78
N HIS A 95 2.20 13.44 -4.23
CA HIS A 95 2.53 14.88 -4.11
C HIS A 95 2.82 15.23 -2.65
N GLY A 96 3.33 14.29 -1.90
CA GLY A 96 3.62 14.56 -0.46
C GLY A 96 4.24 13.32 0.17
N LYS A 97 3.84 12.15 -0.26
CA LYS A 97 4.42 10.90 0.32
C LYS A 97 4.62 9.87 -0.79
N MET A 1 16.39 2.27 -12.06
CA MET A 1 17.70 2.35 -11.35
C MET A 1 18.11 0.96 -10.87
N SER A 2 17.49 0.47 -9.83
CA SER A 2 17.85 -0.87 -9.32
C SER A 2 17.00 -1.94 -10.00
N TYR A 3 17.25 -3.19 -9.72
CA TYR A 3 16.46 -4.28 -10.36
C TYR A 3 14.97 -4.10 -10.07
N ALA A 4 14.58 -4.18 -8.83
CA ALA A 4 13.14 -4.01 -8.49
C ALA A 4 13.00 -3.34 -7.13
N ARG A 5 11.81 -2.95 -6.76
CA ARG A 5 11.60 -2.29 -5.45
C ARG A 5 12.32 -0.95 -5.42
N PRO A 6 11.56 0.10 -5.24
CA PRO A 6 12.19 1.44 -5.21
C PRO A 6 11.94 2.09 -3.85
N GLY A 7 12.73 3.07 -3.47
CA GLY A 7 12.50 3.72 -2.15
C GLY A 7 13.70 4.59 -1.77
N GLY A 8 13.68 5.14 -0.58
CA GLY A 8 14.81 6.00 -0.13
C GLY A 8 14.88 5.98 1.40
N GLU A 9 14.22 6.89 2.06
CA GLU A 9 14.25 6.92 3.55
C GLU A 9 13.36 8.06 4.07
N SER A 10 13.32 8.26 5.36
CA SER A 10 12.47 9.35 5.92
C SER A 10 11.00 8.92 5.85
N ILE A 11 10.19 9.36 6.79
CA ILE A 11 8.75 8.97 6.77
C ILE A 11 8.02 9.71 5.64
N LYS A 12 8.13 9.21 4.43
CA LYS A 12 7.46 9.84 3.25
C LYS A 12 8.25 9.51 1.98
N ASP A 13 8.39 8.24 1.66
CA ASP A 13 9.16 7.87 0.44
C ASP A 13 8.55 6.64 -0.23
N THR A 14 8.98 5.47 0.18
CA THR A 14 8.48 4.20 -0.40
C THR A 14 7.12 3.86 0.20
N ASN A 15 6.10 4.59 -0.17
CA ASN A 15 4.75 4.30 0.36
C ASN A 15 4.19 3.08 -0.37
N LEU A 16 2.98 2.68 -0.11
CA LEU A 16 2.42 1.47 -0.79
C LEU A 16 1.30 1.83 -1.75
N TYR A 17 1.54 1.86 -3.03
CA TYR A 17 0.42 2.14 -3.98
C TYR A 17 -0.31 0.82 -4.20
N VAL A 18 -1.18 0.46 -3.30
CA VAL A 18 -1.89 -0.85 -3.44
C VAL A 18 -3.09 -0.74 -4.39
N THR A 19 -3.17 -1.63 -5.33
CA THR A 19 -4.30 -1.61 -6.30
C THR A 19 -4.88 -3.02 -6.41
N ASN A 20 -5.98 -3.18 -7.09
CA ASN A 20 -6.59 -4.54 -7.24
C ASN A 20 -7.36 -4.91 -5.97
N LEU A 21 -8.39 -4.18 -5.65
CA LEU A 21 -9.19 -4.49 -4.44
C LEU A 21 -10.47 -3.63 -4.46
N PRO A 22 -11.54 -4.20 -3.96
CA PRO A 22 -12.81 -3.43 -3.96
C PRO A 22 -13.17 -2.98 -2.54
N ARG A 23 -12.42 -2.05 -2.00
CA ARG A 23 -12.72 -1.55 -0.63
C ARG A 23 -13.14 -2.71 0.28
N THR A 24 -12.55 -3.86 0.12
CA THR A 24 -12.92 -5.02 0.98
C THR A 24 -12.21 -4.89 2.33
N ILE A 25 -11.36 -3.90 2.46
CA ILE A 25 -10.64 -3.71 3.76
C ILE A 25 -10.29 -2.24 3.93
N THR A 26 -10.21 -1.76 5.14
CA THR A 26 -9.87 -0.33 5.36
C THR A 26 -8.35 -0.19 5.53
N ASP A 27 -7.83 0.97 5.24
CA ASP A 27 -6.37 1.18 5.39
C ASP A 27 -6.00 0.99 6.84
N ASP A 28 -6.71 1.63 7.73
CA ASP A 28 -6.40 1.46 9.18
C ASP A 28 -6.33 -0.03 9.48
N GLN A 29 -6.97 -0.83 8.66
CA GLN A 29 -6.95 -2.30 8.89
C GLN A 29 -5.61 -2.88 8.44
N LEU A 30 -5.09 -2.43 7.33
CA LEU A 30 -3.79 -2.97 6.86
C LEU A 30 -2.80 -2.97 8.02
N ASP A 31 -2.75 -1.91 8.79
CA ASP A 31 -1.80 -1.88 9.94
C ASP A 31 -2.12 -3.05 10.88
N THR A 32 -3.38 -3.31 11.09
CA THR A 32 -3.77 -4.43 11.99
C THR A 32 -3.28 -5.78 11.44
N ILE A 33 -3.29 -5.95 10.13
CA ILE A 33 -2.81 -7.25 9.58
C ILE A 33 -1.31 -7.41 9.83
N PHE A 34 -0.56 -6.34 9.80
CA PHE A 34 0.90 -6.46 10.06
C PHE A 34 1.15 -6.44 11.58
N GLY A 35 0.99 -5.31 12.20
CA GLY A 35 1.21 -5.22 13.67
C GLY A 35 2.55 -4.54 13.96
N LYS A 36 3.56 -4.85 13.20
CA LYS A 36 4.90 -4.22 13.46
C LYS A 36 5.87 -4.66 12.36
N TYR A 37 6.08 -3.84 11.37
CA TYR A 37 7.00 -4.21 10.28
C TYR A 37 7.90 -3.02 9.91
N GLY A 38 7.49 -1.83 10.23
CA GLY A 38 8.33 -0.64 9.89
C GLY A 38 7.65 0.63 10.39
N SER A 39 8.20 1.77 10.10
CA SER A 39 7.58 3.04 10.55
C SER A 39 6.59 3.52 9.49
N ILE A 40 5.47 2.85 9.36
CA ILE A 40 4.45 3.27 8.35
C ILE A 40 4.42 4.81 8.27
N VAL A 41 4.41 5.36 7.09
CA VAL A 41 4.41 6.85 6.93
C VAL A 41 3.01 7.39 6.58
N GLN A 42 2.01 6.98 7.31
CA GLN A 42 0.60 7.45 7.05
C GLN A 42 -0.10 6.52 6.05
N LYS A 43 -1.32 6.11 6.37
CA LYS A 43 -2.09 5.22 5.46
C LYS A 43 -3.11 6.08 4.69
N ASN A 44 -3.76 5.53 3.69
CA ASN A 44 -4.75 6.34 2.92
C ASN A 44 -5.71 5.42 2.16
N ILE A 45 -6.81 5.94 1.71
CA ILE A 45 -7.79 5.11 0.94
C ILE A 45 -8.37 5.95 -0.21
N LEU A 46 -7.98 5.66 -1.41
CA LEU A 46 -8.51 6.43 -2.58
C LEU A 46 -9.72 5.71 -3.16
N ARG A 47 -10.80 6.41 -3.38
CA ARG A 47 -12.01 5.75 -3.93
C ARG A 47 -12.61 6.62 -5.04
N ASP A 48 -12.99 7.83 -4.74
CA ASP A 48 -13.58 8.71 -5.78
C ASP A 48 -13.05 10.13 -5.62
N LYS A 49 -13.54 11.05 -6.40
CA LYS A 49 -13.08 12.47 -6.29
C LYS A 49 -14.24 13.41 -6.57
N LEU A 50 -14.54 13.66 -7.82
CA LEU A 50 -15.66 14.59 -8.16
C LEU A 50 -16.71 13.84 -8.99
N THR A 51 -16.36 12.68 -9.48
CA THR A 51 -17.34 11.90 -10.30
C THR A 51 -17.67 10.59 -9.58
N GLY A 52 -18.19 9.63 -10.30
CA GLY A 52 -18.54 8.32 -9.66
C GLY A 52 -17.49 7.28 -10.02
N ARG A 53 -16.29 7.70 -10.32
CA ARG A 53 -15.22 6.73 -10.68
C ARG A 53 -14.79 5.94 -9.44
N PRO A 54 -15.05 4.67 -9.46
CA PRO A 54 -14.67 3.83 -8.30
C PRO A 54 -13.16 3.60 -8.30
N ARG A 55 -12.70 2.65 -9.08
CA ARG A 55 -11.24 2.35 -9.14
C ARG A 55 -10.85 1.41 -8.00
N GLY A 56 -11.15 1.78 -6.78
CA GLY A 56 -10.79 0.91 -5.63
C GLY A 56 -9.27 0.82 -5.50
N VAL A 57 -8.67 1.78 -4.85
CA VAL A 57 -7.19 1.76 -4.68
C VAL A 57 -6.82 2.35 -3.32
N ALA A 58 -5.87 1.78 -2.63
CA ALA A 58 -5.49 2.33 -1.30
C ALA A 58 -4.00 2.66 -1.28
N PHE A 59 -3.54 3.20 -0.19
CA PHE A 59 -2.10 3.53 -0.07
C PHE A 59 -1.63 3.26 1.36
N VAL A 60 -0.85 2.22 1.55
CA VAL A 60 -0.38 1.94 2.93
C VAL A 60 0.77 2.88 3.24
N ARG A 61 1.29 2.83 4.43
CA ARG A 61 2.37 3.77 4.80
C ARG A 61 3.73 3.07 4.87
N TYR A 62 4.69 3.57 4.13
CA TYR A 62 6.06 2.97 4.19
C TYR A 62 7.07 3.94 3.58
N ASN A 63 8.34 3.81 3.91
CA ASN A 63 9.34 4.72 3.30
C ASN A 63 10.69 4.01 3.15
N LYS A 64 11.33 3.65 4.23
CA LYS A 64 12.65 2.97 4.12
C LYS A 64 12.54 1.83 3.11
N ARG A 65 12.97 2.06 1.89
CA ARG A 65 12.89 1.02 0.82
C ARG A 65 13.00 -0.40 1.41
N GLU A 66 13.79 -0.58 2.44
CA GLU A 66 13.92 -1.94 3.04
C GLU A 66 12.59 -2.35 3.68
N GLU A 67 12.17 -1.64 4.70
CA GLU A 67 10.89 -1.99 5.34
C GLU A 67 9.77 -1.97 4.29
N ALA A 68 9.97 -1.24 3.22
CA ALA A 68 8.94 -1.24 2.15
C ALA A 68 8.92 -2.66 1.59
N GLN A 69 10.09 -3.20 1.36
CA GLN A 69 10.18 -4.60 0.87
C GLN A 69 9.26 -5.44 1.75
N GLU A 70 9.16 -5.09 3.01
CA GLU A 70 8.27 -5.84 3.92
C GLU A 70 6.84 -5.75 3.38
N ALA A 71 6.37 -4.55 3.13
CA ALA A 71 4.99 -4.42 2.59
C ALA A 71 4.91 -5.13 1.24
N ILE A 72 6.02 -5.51 0.68
CA ILE A 72 5.97 -6.25 -0.60
C ILE A 72 5.64 -7.71 -0.28
N SER A 73 6.47 -8.34 0.49
CA SER A 73 6.23 -9.77 0.87
C SER A 73 5.11 -9.85 1.92
N ALA A 74 4.51 -8.75 2.27
CA ALA A 74 3.43 -8.79 3.30
C ALA A 74 2.21 -8.02 2.81
N LEU A 75 2.39 -6.79 2.42
CA LEU A 75 1.24 -5.98 1.94
C LEU A 75 0.90 -6.35 0.49
N ASN A 76 1.74 -7.09 -0.21
CA ASN A 76 1.41 -7.49 -1.61
C ASN A 76 0.48 -8.71 -1.59
N ASN A 77 -0.48 -8.73 -0.71
CA ASN A 77 -1.42 -9.89 -0.60
C ASN A 77 -2.01 -9.92 0.81
N VAL A 78 -2.53 -8.81 1.28
CA VAL A 78 -3.10 -8.79 2.65
C VAL A 78 -4.52 -9.38 2.63
N ILE A 79 -4.62 -10.66 2.78
CA ILE A 79 -5.96 -11.33 2.78
C ILE A 79 -5.78 -12.84 2.78
N PRO A 80 -6.55 -13.49 3.61
CA PRO A 80 -6.45 -14.97 3.69
C PRO A 80 -6.34 -15.58 2.29
N GLU A 81 -5.25 -16.23 1.99
CA GLU A 81 -5.11 -16.85 0.64
C GLU A 81 -6.39 -17.59 0.28
N GLY A 82 -6.74 -17.62 -0.99
CA GLY A 82 -7.98 -18.33 -1.39
C GLY A 82 -8.92 -17.35 -2.10
N GLY A 83 -9.32 -16.31 -1.41
CA GLY A 83 -10.25 -15.32 -2.04
C GLY A 83 -9.57 -14.70 -3.27
N SER A 84 -9.52 -13.41 -3.34
CA SER A 84 -8.88 -12.75 -4.52
C SER A 84 -8.96 -11.24 -4.38
N GLN A 85 -8.85 -10.74 -3.16
CA GLN A 85 -8.91 -9.27 -2.95
C GLN A 85 -7.71 -8.82 -2.11
N PRO A 86 -6.55 -8.86 -2.70
CA PRO A 86 -5.35 -8.46 -1.95
C PRO A 86 -4.92 -7.03 -2.30
N LEU A 87 -3.77 -6.61 -1.84
CA LEU A 87 -3.29 -5.25 -2.19
C LEU A 87 -2.01 -5.38 -3.00
N SER A 88 -2.04 -5.00 -4.24
CA SER A 88 -0.80 -5.11 -5.06
C SER A 88 0.10 -3.93 -4.69
N VAL A 89 1.10 -4.19 -3.90
CA VAL A 89 2.01 -3.10 -3.43
C VAL A 89 3.01 -2.70 -4.51
N ARG A 90 3.46 -1.48 -4.45
CA ARG A 90 4.45 -0.96 -5.44
C ARG A 90 4.64 0.54 -5.16
N LEU A 91 5.80 0.93 -4.73
CA LEU A 91 6.02 2.37 -4.43
C LEU A 91 5.61 3.20 -5.65
N ALA A 92 4.92 4.29 -5.43
CA ALA A 92 4.49 5.14 -6.58
C ALA A 92 4.78 6.61 -6.26
N GLU A 93 5.13 7.38 -7.26
CA GLU A 93 5.44 8.82 -7.01
C GLU A 93 4.14 9.61 -6.93
N GLU A 94 4.07 10.57 -6.04
CA GLU A 94 2.83 11.38 -5.91
C GLU A 94 3.00 12.44 -4.82
N HIS A 95 3.35 12.02 -3.63
CA HIS A 95 3.55 12.99 -2.53
C HIS A 95 4.40 12.36 -1.42
N GLY A 96 3.80 11.66 -0.51
CA GLY A 96 4.58 11.02 0.59
C GLY A 96 3.65 10.72 1.77
N LYS A 97 3.91 11.33 2.91
CA LYS A 97 3.04 11.08 4.09
C LYS A 97 2.19 12.31 4.39
N MET A 1 11.19 6.10 -16.90
CA MET A 1 12.33 5.16 -16.97
C MET A 1 13.28 5.43 -15.79
N SER A 2 12.82 5.20 -14.58
CA SER A 2 13.68 5.44 -13.39
C SER A 2 14.20 4.11 -12.85
N TYR A 3 15.11 3.49 -13.54
CA TYR A 3 15.66 2.18 -13.06
C TYR A 3 14.60 1.08 -13.28
N ALA A 4 13.64 0.97 -12.41
CA ALA A 4 12.60 -0.08 -12.58
C ALA A 4 11.47 0.19 -11.57
N ARG A 5 11.74 0.02 -10.30
CA ARG A 5 10.70 0.28 -9.27
C ARG A 5 10.38 1.77 -9.27
N PRO A 6 9.40 2.14 -8.48
CA PRO A 6 9.04 3.57 -8.42
C PRO A 6 9.45 4.17 -7.08
N GLY A 7 9.50 5.46 -6.99
CA GLY A 7 9.88 6.12 -5.70
C GLY A 7 8.66 6.82 -5.10
N GLY A 8 8.85 7.60 -4.07
CA GLY A 8 7.71 8.30 -3.44
C GLY A 8 8.20 9.54 -2.69
N GLU A 9 7.79 9.70 -1.45
CA GLU A 9 8.24 10.88 -0.67
C GLU A 9 9.51 10.54 0.10
N SER A 10 10.04 11.48 0.84
CA SER A 10 11.29 11.22 1.61
C SER A 10 10.97 11.16 3.10
N ILE A 11 9.95 10.43 3.49
CA ILE A 11 9.60 10.33 4.92
C ILE A 11 10.16 9.02 5.48
N LYS A 12 11.29 9.09 6.14
CA LYS A 12 11.94 7.87 6.74
C LYS A 12 12.69 7.07 5.66
N ASP A 13 12.03 6.62 4.63
CA ASP A 13 12.76 5.84 3.59
C ASP A 13 11.98 5.79 2.27
N THR A 14 11.27 4.72 1.97
CA THR A 14 10.55 4.63 0.70
C THR A 14 9.04 4.76 0.95
N ASN A 15 8.25 3.91 0.37
CA ASN A 15 6.78 3.98 0.54
C ASN A 15 6.15 2.66 0.06
N LEU A 16 4.86 2.62 -0.09
CA LEU A 16 4.20 1.39 -0.59
C LEU A 16 2.88 1.79 -1.27
N TYR A 17 2.72 1.46 -2.52
CA TYR A 17 1.47 1.84 -3.24
C TYR A 17 0.64 0.59 -3.52
N VAL A 18 -0.54 0.51 -2.96
CA VAL A 18 -1.40 -0.67 -3.19
C VAL A 18 -2.63 -0.29 -4.02
N THR A 19 -2.93 -1.03 -5.04
CA THR A 19 -4.13 -0.70 -5.88
C THR A 19 -5.01 -1.96 -5.99
N ASN A 20 -5.95 -1.95 -6.90
CA ASN A 20 -6.85 -3.14 -7.07
C ASN A 20 -7.97 -3.11 -6.03
N LEU A 21 -7.65 -3.24 -4.78
CA LEU A 21 -8.69 -3.22 -3.71
C LEU A 21 -9.77 -2.21 -4.05
N PRO A 22 -11.00 -2.66 -4.05
CA PRO A 22 -12.11 -1.75 -4.37
C PRO A 22 -12.90 -1.38 -3.11
N ARG A 23 -12.28 -0.72 -2.18
CA ARG A 23 -13.00 -0.33 -0.93
C ARG A 23 -13.65 -1.56 -0.30
N THR A 24 -12.87 -2.52 0.14
CA THR A 24 -13.47 -3.73 0.76
C THR A 24 -12.91 -3.93 2.17
N ILE A 25 -11.74 -3.41 2.44
CA ILE A 25 -11.15 -3.58 3.81
C ILE A 25 -11.12 -2.23 4.52
N THR A 26 -10.64 -2.19 5.74
CA THR A 26 -10.60 -0.90 6.49
C THR A 26 -9.14 -0.51 6.74
N ASP A 27 -8.89 0.77 6.88
CA ASP A 27 -7.49 1.23 7.13
C ASP A 27 -7.02 0.67 8.47
N ASP A 28 -7.70 1.01 9.54
CA ASP A 28 -7.30 0.49 10.87
C ASP A 28 -6.96 -1.00 10.76
N GLN A 29 -7.53 -1.68 9.80
CA GLN A 29 -7.23 -3.13 9.64
C GLN A 29 -5.83 -3.32 9.10
N LEU A 30 -5.56 -2.85 7.91
CA LEU A 30 -4.20 -3.01 7.34
C LEU A 30 -3.16 -2.63 8.40
N ASP A 31 -3.53 -1.81 9.35
CA ASP A 31 -2.57 -1.42 10.42
C ASP A 31 -2.20 -2.66 11.24
N THR A 32 -3.17 -3.29 11.84
CA THR A 32 -2.88 -4.50 12.65
C THR A 32 -2.33 -5.60 11.74
N ILE A 33 -2.45 -5.44 10.45
CA ILE A 33 -1.93 -6.48 9.51
C ILE A 33 -0.41 -6.37 9.41
N PHE A 34 0.10 -5.17 9.25
CA PHE A 34 1.58 -5.01 9.13
C PHE A 34 2.04 -3.75 9.85
N GLY A 35 1.62 -3.55 11.07
CA GLY A 35 2.04 -2.34 11.83
C GLY A 35 3.09 -2.70 12.88
N LYS A 36 3.97 -3.62 12.57
CA LYS A 36 5.02 -4.02 13.55
C LYS A 36 6.34 -3.32 13.20
N TYR A 37 6.69 -3.33 11.93
CA TYR A 37 7.95 -2.65 11.51
C TYR A 37 7.67 -1.15 11.42
N GLY A 38 7.39 -0.64 10.26
CA GLY A 38 7.03 0.81 10.15
C GLY A 38 5.55 0.89 10.49
N SER A 39 5.17 1.79 11.34
CA SER A 39 3.72 1.86 11.70
C SER A 39 2.98 2.60 10.58
N ILE A 40 2.77 1.93 9.47
CA ILE A 40 2.08 2.53 8.28
C ILE A 40 2.21 4.06 8.31
N VAL A 41 2.99 4.56 7.43
CA VAL A 41 3.27 6.02 7.35
C VAL A 41 2.06 6.75 6.73
N GLN A 42 1.06 6.01 6.30
CA GLN A 42 -0.17 6.65 5.72
C GLN A 42 -1.06 5.59 5.07
N LYS A 43 -2.09 5.16 5.76
CA LYS A 43 -3.01 4.14 5.17
C LYS A 43 -4.08 4.86 4.37
N ASN A 44 -3.83 5.14 3.12
CA ASN A 44 -4.85 5.86 2.30
C ASN A 44 -5.63 4.88 1.43
N ILE A 45 -6.88 5.16 1.18
CA ILE A 45 -7.70 4.26 0.33
C ILE A 45 -8.93 5.02 -0.17
N LEU A 46 -9.31 4.82 -1.41
CA LEU A 46 -10.51 5.55 -1.92
C LEU A 46 -11.04 4.86 -3.18
N ARG A 47 -12.30 5.03 -3.47
CA ARG A 47 -12.90 4.39 -4.68
C ARG A 47 -14.12 5.18 -5.13
N ASP A 48 -14.94 4.61 -5.96
CA ASP A 48 -16.17 5.32 -6.43
C ASP A 48 -17.37 4.88 -5.60
N LYS A 49 -18.50 5.49 -5.82
CA LYS A 49 -19.72 5.09 -5.05
C LYS A 49 -20.64 4.24 -5.92
N LEU A 50 -21.08 4.77 -7.03
CA LEU A 50 -21.98 3.99 -7.92
C LEU A 50 -21.37 3.91 -9.32
N THR A 51 -21.09 5.04 -9.93
CA THR A 51 -20.50 5.02 -11.29
C THR A 51 -19.43 6.11 -11.41
N GLY A 52 -18.43 5.91 -12.22
CA GLY A 52 -17.36 6.93 -12.37
C GLY A 52 -15.99 6.27 -12.17
N ARG A 53 -15.67 5.92 -10.96
CA ARG A 53 -14.35 5.27 -10.69
C ARG A 53 -13.26 5.94 -11.53
N PRO A 54 -12.74 7.01 -11.00
CA PRO A 54 -11.67 7.73 -11.75
C PRO A 54 -10.29 7.21 -11.35
N ARG A 55 -10.11 6.88 -10.10
CA ARG A 55 -8.79 6.36 -9.65
C ARG A 55 -8.98 5.08 -8.84
N GLY A 56 -9.70 5.16 -7.74
CA GLY A 56 -9.92 3.95 -6.91
C GLY A 56 -8.58 3.28 -6.60
N VAL A 57 -7.92 3.72 -5.55
CA VAL A 57 -6.61 3.11 -5.20
C VAL A 57 -6.28 3.41 -3.73
N ALA A 58 -5.31 2.72 -3.20
CA ALA A 58 -4.89 2.94 -1.78
C ALA A 58 -3.38 3.14 -1.75
N PHE A 59 -2.88 3.90 -0.80
CA PHE A 59 -1.41 4.11 -0.74
C PHE A 59 -0.88 3.76 0.64
N VAL A 60 -0.27 2.62 0.82
CA VAL A 60 0.31 2.31 2.15
C VAL A 60 1.67 3.00 2.18
N ARG A 61 1.79 4.06 2.92
CA ARG A 61 3.09 4.75 2.92
C ARG A 61 4.07 3.96 3.79
N TYR A 62 4.74 3.00 3.21
CA TYR A 62 5.71 2.22 4.01
C TYR A 62 7.08 2.86 3.81
N ASN A 63 7.68 3.42 4.82
CA ASN A 63 8.98 4.08 4.58
C ASN A 63 10.09 3.05 4.32
N LYS A 64 10.99 2.88 5.28
CA LYS A 64 12.16 1.94 5.18
C LYS A 64 12.32 1.30 3.80
N ARG A 65 13.49 1.39 3.23
CA ARG A 65 13.73 0.75 1.90
C ARG A 65 13.52 -0.76 2.03
N GLU A 66 14.32 -1.39 2.84
CA GLU A 66 14.18 -2.87 3.00
C GLU A 66 12.78 -3.20 3.51
N GLU A 67 12.36 -2.59 4.58
CA GLU A 67 11.00 -2.90 5.11
C GLU A 67 9.93 -2.40 4.12
N ALA A 68 10.31 -1.64 3.12
CA ALA A 68 9.29 -1.21 2.13
C ALA A 68 9.04 -2.44 1.26
N GLN A 69 10.08 -3.19 0.99
CA GLN A 69 9.94 -4.44 0.22
C GLN A 69 9.21 -5.44 1.15
N GLU A 70 9.25 -5.18 2.43
CA GLU A 70 8.55 -6.08 3.39
C GLU A 70 7.06 -6.02 3.09
N ALA A 71 6.45 -4.94 3.48
CA ALA A 71 5.01 -4.76 3.23
C ALA A 71 4.73 -5.06 1.76
N ILE A 72 5.71 -4.94 0.91
CA ILE A 72 5.47 -5.26 -0.52
C ILE A 72 4.99 -6.71 -0.61
N SER A 73 5.71 -7.63 0.00
CA SER A 73 5.28 -9.06 -0.04
C SER A 73 4.31 -9.36 1.11
N ALA A 74 4.73 -9.14 2.32
CA ALA A 74 3.85 -9.42 3.49
C ALA A 74 2.49 -8.72 3.31
N LEU A 75 2.50 -7.49 2.89
CA LEU A 75 1.21 -6.77 2.71
C LEU A 75 0.55 -7.22 1.39
N ASN A 76 1.34 -7.42 0.35
CA ASN A 76 0.76 -7.88 -0.95
C ASN A 76 -0.32 -8.93 -0.67
N ASN A 77 -1.53 -8.64 -1.01
CA ASN A 77 -2.64 -9.61 -0.75
C ASN A 77 -2.84 -9.73 0.77
N VAL A 78 -3.50 -8.77 1.36
CA VAL A 78 -3.71 -8.83 2.84
C VAL A 78 -4.97 -9.65 3.14
N ILE A 79 -5.05 -10.85 2.61
CA ILE A 79 -6.25 -11.71 2.87
C ILE A 79 -6.02 -13.07 2.20
N PRO A 80 -6.89 -13.99 2.51
CA PRO A 80 -6.75 -15.32 1.88
C PRO A 80 -7.50 -15.35 0.55
N GLU A 81 -7.43 -14.27 -0.20
CA GLU A 81 -8.15 -14.23 -1.50
C GLU A 81 -9.57 -14.76 -1.30
N GLY A 82 -10.40 -14.03 -0.60
CA GLY A 82 -11.79 -14.51 -0.37
C GLY A 82 -12.77 -13.35 -0.37
N GLY A 83 -12.47 -12.28 -1.07
CA GLY A 83 -13.41 -11.14 -1.11
C GLY A 83 -12.68 -9.83 -0.74
N SER A 84 -11.98 -9.83 0.35
CA SER A 84 -11.25 -8.61 0.77
C SER A 84 -10.41 -8.07 -0.39
N GLN A 85 -10.13 -8.88 -1.38
CA GLN A 85 -9.31 -8.40 -2.53
C GLN A 85 -7.91 -8.05 -2.05
N PRO A 86 -6.94 -8.39 -2.86
CA PRO A 86 -5.53 -8.13 -2.47
C PRO A 86 -5.11 -6.71 -2.83
N LEU A 87 -3.89 -6.35 -2.53
CA LEU A 87 -3.39 -4.99 -2.85
C LEU A 87 -2.18 -5.09 -3.77
N SER A 88 -2.22 -4.46 -4.90
CA SER A 88 -1.03 -4.51 -5.81
C SER A 88 -0.01 -3.52 -5.25
N VAL A 89 0.92 -4.01 -4.49
CA VAL A 89 1.92 -3.09 -3.86
C VAL A 89 3.01 -2.64 -4.85
N ARG A 90 3.70 -1.61 -4.48
CA ARG A 90 4.79 -1.04 -5.33
C ARG A 90 5.28 0.26 -4.66
N LEU A 91 5.44 1.32 -5.41
CA LEU A 91 5.90 2.60 -4.80
C LEU A 91 5.25 3.75 -5.57
N ALA A 92 4.46 4.57 -4.92
CA ALA A 92 3.81 5.69 -5.64
C ALA A 92 3.68 6.90 -4.71
N GLU A 93 3.02 7.93 -5.16
CA GLU A 93 2.87 9.15 -4.31
C GLU A 93 1.91 10.11 -4.99
N GLU A 94 0.63 9.98 -4.73
CA GLU A 94 -0.36 10.89 -5.37
C GLU A 94 0.12 12.33 -5.25
N HIS A 95 0.84 12.66 -4.21
CA HIS A 95 1.33 14.05 -4.05
C HIS A 95 2.37 14.09 -2.92
N GLY A 96 2.51 15.22 -2.28
CA GLY A 96 3.51 15.33 -1.17
C GLY A 96 2.93 14.73 0.11
N LYS A 97 3.23 13.49 0.37
CA LYS A 97 2.70 12.85 1.62
C LYS A 97 3.65 13.15 2.79
N MET A 1 14.02 -5.20 -17.39
CA MET A 1 13.52 -3.93 -17.98
C MET A 1 13.76 -2.78 -16.99
N SER A 2 13.25 -2.90 -15.80
CA SER A 2 13.44 -1.81 -14.80
C SER A 2 14.25 -2.35 -13.61
N TYR A 3 14.92 -1.49 -12.89
CA TYR A 3 15.71 -1.96 -11.73
C TYR A 3 15.43 -1.07 -10.53
N ALA A 4 14.27 -0.47 -10.48
CA ALA A 4 13.94 0.41 -9.32
C ALA A 4 12.43 0.68 -9.29
N ARG A 5 11.95 1.25 -8.22
CA ARG A 5 10.49 1.54 -8.12
C ARG A 5 10.31 3.05 -7.99
N PRO A 6 9.08 3.49 -7.98
CA PRO A 6 8.87 4.95 -7.84
C PRO A 6 9.34 5.41 -6.45
N GLY A 7 8.95 6.58 -6.03
CA GLY A 7 9.40 7.06 -4.69
C GLY A 7 8.29 7.85 -4.00
N GLY A 8 8.63 8.69 -3.05
CA GLY A 8 7.60 9.49 -2.33
C GLY A 8 8.28 10.57 -1.47
N GLU A 9 7.63 11.01 -0.44
CA GLU A 9 8.24 12.06 0.44
C GLU A 9 7.51 12.12 1.78
N SER A 10 7.83 13.09 2.61
CA SER A 10 7.16 13.22 3.94
C SER A 10 7.51 12.00 4.80
N ILE A 11 7.87 12.23 6.04
CA ILE A 11 8.25 11.10 6.96
C ILE A 11 8.98 10.02 6.15
N LYS A 12 10.20 10.31 5.74
CA LYS A 12 10.94 9.32 4.93
C LYS A 12 10.24 9.19 3.57
N ASP A 13 10.66 8.27 2.74
CA ASP A 13 9.97 8.15 1.42
C ASP A 13 10.14 6.76 0.84
N THR A 14 9.27 5.86 1.18
CA THR A 14 9.34 4.47 0.63
C THR A 14 7.98 3.81 0.85
N ASN A 15 6.92 4.55 0.77
CA ASN A 15 5.57 3.97 0.98
C ASN A 15 5.17 3.22 -0.29
N LEU A 16 3.96 2.78 -0.38
CA LEU A 16 3.57 2.04 -1.62
C LEU A 16 2.06 2.12 -1.82
N TYR A 17 1.64 2.68 -2.92
CA TYR A 17 0.18 2.78 -3.19
C TYR A 17 -0.28 1.45 -3.76
N VAL A 18 -1.37 0.92 -3.29
CA VAL A 18 -1.82 -0.39 -3.81
C VAL A 18 -3.03 -0.21 -4.73
N THR A 19 -3.19 -1.07 -5.68
CA THR A 19 -4.36 -0.96 -6.60
C THR A 19 -5.26 -2.18 -6.42
N ASN A 20 -6.44 -2.13 -6.98
CA ASN A 20 -7.38 -3.29 -6.84
C ASN A 20 -7.70 -3.50 -5.37
N LEU A 21 -8.50 -2.63 -4.79
CA LEU A 21 -8.86 -2.78 -3.35
C LEU A 21 -10.36 -2.53 -3.17
N PRO A 22 -11.05 -3.56 -2.76
CA PRO A 22 -12.50 -3.41 -2.56
C PRO A 22 -12.78 -2.38 -1.46
N ARG A 23 -14.02 -2.26 -1.04
CA ARG A 23 -14.34 -1.28 0.03
C ARG A 23 -14.80 -2.03 1.28
N THR A 24 -14.52 -3.30 1.36
CA THR A 24 -14.94 -4.08 2.55
C THR A 24 -13.96 -3.81 3.70
N ILE A 25 -12.70 -4.07 3.49
CA ILE A 25 -11.71 -3.81 4.56
C ILE A 25 -11.33 -2.34 4.57
N THR A 26 -10.67 -1.89 5.59
CA THR A 26 -10.28 -0.46 5.66
C THR A 26 -8.76 -0.33 5.66
N ASP A 27 -8.23 0.71 5.06
CA ASP A 27 -6.76 0.89 5.01
C ASP A 27 -6.23 0.97 6.45
N ASP A 28 -6.89 1.71 7.29
CA ASP A 28 -6.43 1.82 8.71
C ASP A 28 -6.39 0.42 9.33
N GLN A 29 -7.18 -0.48 8.81
CA GLN A 29 -7.20 -1.86 9.37
C GLN A 29 -5.92 -2.58 8.94
N LEU A 30 -5.50 -2.40 7.72
CA LEU A 30 -4.27 -3.08 7.25
C LEU A 30 -3.19 -3.00 8.33
N ASP A 31 -2.89 -1.82 8.80
CA ASP A 31 -1.85 -1.66 9.86
C ASP A 31 -2.01 -2.77 10.90
N THR A 32 -3.19 -2.98 11.39
CA THR A 32 -3.40 -4.05 12.42
C THR A 32 -3.03 -5.41 11.84
N ILE A 33 -3.43 -5.69 10.63
CA ILE A 33 -3.10 -7.02 10.04
C ILE A 33 -1.58 -7.22 10.03
N PHE A 34 -0.80 -6.17 10.04
CA PHE A 34 0.68 -6.34 10.06
C PHE A 34 1.19 -6.21 11.49
N GLY A 35 1.21 -5.01 12.03
CA GLY A 35 1.70 -4.82 13.41
C GLY A 35 2.48 -3.50 13.51
N LYS A 36 3.72 -3.50 13.11
CA LYS A 36 4.54 -2.26 13.17
C LYS A 36 5.98 -2.57 12.82
N TYR A 37 6.40 -2.18 11.64
CA TYR A 37 7.81 -2.45 11.21
C TYR A 37 8.67 -1.23 11.53
N GLY A 38 8.67 -0.26 10.65
CA GLY A 38 9.47 0.97 10.90
C GLY A 38 8.56 2.05 11.45
N SER A 39 8.04 2.86 10.59
CA SER A 39 7.11 3.93 11.02
C SER A 39 6.15 4.21 9.88
N ILE A 40 5.29 3.24 9.58
CA ILE A 40 4.31 3.40 8.46
C ILE A 40 4.06 4.89 8.18
N VAL A 41 4.30 5.32 6.96
CA VAL A 41 4.19 6.77 6.58
C VAL A 41 2.78 7.15 6.08
N GLN A 42 1.76 6.79 6.81
CA GLN A 42 0.36 7.15 6.41
C GLN A 42 -0.23 6.18 5.37
N LYS A 43 -1.33 5.52 5.70
CA LYS A 43 -2.00 4.59 4.74
C LYS A 43 -3.45 5.05 4.59
N ASN A 44 -3.94 5.15 3.39
CA ASN A 44 -5.35 5.63 3.24
C ASN A 44 -6.02 4.96 2.03
N ILE A 45 -7.29 4.70 2.12
CA ILE A 45 -8.00 4.08 0.98
C ILE A 45 -8.58 5.20 0.12
N LEU A 46 -8.26 5.21 -1.15
CA LEU A 46 -8.78 6.30 -2.02
C LEU A 46 -9.86 5.76 -2.96
N ARG A 47 -10.92 6.50 -3.15
CA ARG A 47 -12.00 6.04 -4.06
C ARG A 47 -12.13 7.02 -5.22
N ASP A 48 -12.43 8.26 -4.93
CA ASP A 48 -12.55 9.27 -6.03
C ASP A 48 -13.11 10.57 -5.44
N LYS A 49 -12.63 11.69 -5.91
CA LYS A 49 -13.12 12.99 -5.37
C LYS A 49 -13.74 13.83 -6.49
N LEU A 50 -13.45 13.50 -7.71
CA LEU A 50 -14.04 14.28 -8.85
C LEU A 50 -15.26 13.55 -9.40
N THR A 51 -15.15 12.27 -9.62
CA THR A 51 -16.30 11.50 -10.17
C THR A 51 -16.57 10.28 -9.28
N GLY A 52 -16.96 9.18 -9.86
CA GLY A 52 -17.24 7.97 -9.05
C GLY A 52 -16.69 6.73 -9.76
N ARG A 53 -15.41 6.48 -9.65
CA ARG A 53 -14.83 5.29 -10.32
C ARG A 53 -15.22 4.02 -9.56
N PRO A 54 -15.00 2.90 -10.19
CA PRO A 54 -15.36 1.62 -9.52
C PRO A 54 -14.09 0.82 -9.20
N ARG A 55 -12.94 1.33 -9.58
CA ARG A 55 -11.68 0.59 -9.30
C ARG A 55 -11.47 0.48 -7.79
N GLY A 56 -11.15 1.57 -7.15
CA GLY A 56 -10.91 1.53 -5.68
C GLY A 56 -9.42 1.38 -5.40
N VAL A 57 -8.72 2.48 -5.24
CA VAL A 57 -7.26 2.39 -4.97
C VAL A 57 -7.01 2.51 -3.47
N ALA A 58 -5.80 2.29 -3.05
CA ALA A 58 -5.48 2.39 -1.59
C ALA A 58 -4.05 2.88 -1.43
N PHE A 59 -3.60 3.01 -0.21
CA PHE A 59 -2.22 3.50 0.03
C PHE A 59 -1.69 2.93 1.35
N VAL A 60 -0.67 2.12 1.32
CA VAL A 60 -0.13 1.61 2.61
C VAL A 60 1.09 2.42 2.96
N ARG A 61 1.38 2.52 4.22
CA ARG A 61 2.54 3.32 4.65
C ARG A 61 3.79 2.45 4.82
N TYR A 62 4.87 2.91 4.27
CA TYR A 62 6.14 2.15 4.41
C TYR A 62 7.29 3.10 4.05
N ASN A 63 8.42 2.95 4.67
CA ASN A 63 9.55 3.83 4.32
C ASN A 63 10.82 2.96 4.25
N LYS A 64 11.81 3.23 5.08
CA LYS A 64 13.09 2.43 5.08
C LYS A 64 13.14 1.50 3.87
N ARG A 65 13.91 1.84 2.87
CA ARG A 65 13.99 1.00 1.63
C ARG A 65 13.73 -0.48 1.94
N GLU A 66 14.51 -1.08 2.79
CA GLU A 66 14.28 -2.50 3.14
C GLU A 66 12.83 -2.66 3.59
N GLU A 67 12.40 -1.85 4.52
CA GLU A 67 11.00 -1.93 5.01
C GLU A 67 10.02 -1.96 3.84
N ALA A 68 10.14 -1.07 2.88
CA ALA A 68 9.19 -1.11 1.74
C ALA A 68 9.13 -2.54 1.23
N GLN A 69 10.27 -3.15 1.04
CA GLN A 69 10.27 -4.56 0.56
C GLN A 69 9.37 -5.40 1.46
N GLU A 70 9.45 -5.20 2.74
CA GLU A 70 8.58 -5.98 3.67
C GLU A 70 7.15 -5.88 3.17
N ALA A 71 6.59 -4.71 3.22
CA ALA A 71 5.19 -4.54 2.77
C ALA A 71 5.02 -5.15 1.37
N ILE A 72 6.05 -5.16 0.57
CA ILE A 72 5.90 -5.76 -0.77
C ILE A 72 5.50 -7.23 -0.61
N SER A 73 6.20 -7.96 0.21
CA SER A 73 5.85 -9.40 0.41
C SER A 73 4.74 -9.53 1.46
N ALA A 74 5.04 -9.17 2.68
CA ALA A 74 4.03 -9.29 3.77
C ALA A 74 2.74 -8.53 3.43
N LEU A 75 2.84 -7.34 2.92
CA LEU A 75 1.59 -6.57 2.61
C LEU A 75 0.99 -7.05 1.28
N ASN A 76 1.79 -7.34 0.28
CA ASN A 76 1.17 -7.82 -0.99
C ASN A 76 0.24 -8.99 -0.66
N ASN A 77 -0.95 -8.98 -1.17
CA ASN A 77 -1.89 -10.10 -0.89
C ASN A 77 -2.22 -10.12 0.61
N VAL A 78 -2.95 -9.15 1.09
CA VAL A 78 -3.31 -9.13 2.54
C VAL A 78 -4.58 -9.96 2.72
N ILE A 79 -4.50 -11.23 2.40
CA ILE A 79 -5.70 -12.12 2.54
C ILE A 79 -5.22 -13.58 2.51
N PRO A 80 -6.06 -14.46 2.97
CA PRO A 80 -5.64 -15.89 2.97
C PRO A 80 -5.99 -16.52 1.62
N GLU A 81 -5.77 -15.82 0.55
CA GLU A 81 -6.10 -16.38 -0.80
C GLU A 81 -7.58 -16.72 -0.87
N GLY A 82 -8.17 -16.60 -2.02
CA GLY A 82 -9.63 -16.91 -2.15
C GLY A 82 -10.36 -15.74 -2.81
N GLY A 83 -10.59 -14.69 -2.07
CA GLY A 83 -11.29 -13.51 -2.66
C GLY A 83 -10.50 -12.96 -3.84
N SER A 84 -9.21 -13.19 -3.86
CA SER A 84 -8.37 -12.69 -4.97
C SER A 84 -8.49 -11.17 -5.08
N GLN A 85 -8.75 -10.50 -3.99
CA GLN A 85 -8.88 -9.02 -4.04
C GLN A 85 -7.96 -8.39 -2.98
N PRO A 86 -6.68 -8.38 -3.27
CA PRO A 86 -5.74 -7.79 -2.29
C PRO A 86 -5.18 -6.47 -2.81
N LEU A 87 -4.08 -6.03 -2.25
CA LEU A 87 -3.47 -4.75 -2.71
C LEU A 87 -2.26 -5.03 -3.58
N SER A 88 -2.24 -4.54 -4.79
CA SER A 88 -1.04 -4.73 -5.63
C SER A 88 -0.02 -3.71 -5.13
N VAL A 89 1.03 -4.16 -4.51
CA VAL A 89 2.01 -3.20 -3.92
C VAL A 89 2.95 -2.60 -4.98
N ARG A 90 3.48 -1.44 -4.65
CA ARG A 90 4.39 -0.71 -5.56
C ARG A 90 4.55 0.70 -4.99
N LEU A 91 5.76 1.14 -4.77
CA LEU A 91 5.96 2.50 -4.18
C LEU A 91 4.99 3.50 -4.83
N ALA A 92 4.75 4.60 -4.18
CA ALA A 92 3.81 5.61 -4.74
C ALA A 92 4.54 6.52 -5.72
N GLU A 93 3.83 7.30 -6.47
CA GLU A 93 4.50 8.21 -7.45
C GLU A 93 5.33 9.24 -6.68
N GLU A 94 5.69 10.30 -7.33
CA GLU A 94 6.52 11.34 -6.67
C GLU A 94 5.65 12.20 -5.75
N HIS A 95 4.41 11.86 -5.60
CA HIS A 95 3.52 12.67 -4.71
C HIS A 95 2.87 11.75 -3.67
N GLY A 96 3.22 11.90 -2.42
CA GLY A 96 2.62 11.04 -1.36
C GLY A 96 3.51 11.05 -0.12
N LYS A 97 3.10 10.35 0.91
CA LYS A 97 3.93 10.33 2.15
C LYS A 97 5.04 9.29 1.99
N MET A 1 5.12 -3.96 -13.85
CA MET A 1 6.24 -4.72 -13.24
C MET A 1 7.53 -3.91 -13.33
N SER A 2 8.66 -4.57 -13.40
CA SER A 2 9.94 -3.83 -13.48
C SER A 2 10.09 -2.92 -12.25
N TYR A 3 10.12 -3.50 -11.08
CA TYR A 3 10.26 -2.68 -9.86
C TYR A 3 10.62 -3.58 -8.67
N ALA A 4 11.22 -3.03 -7.65
CA ALA A 4 11.61 -3.86 -6.48
C ALA A 4 11.22 -3.14 -5.19
N ARG A 5 12.10 -2.32 -4.68
CA ARG A 5 11.78 -1.59 -3.41
C ARG A 5 12.62 -0.32 -3.34
N PRO A 6 12.01 0.79 -3.66
CA PRO A 6 12.76 2.06 -3.60
C PRO A 6 12.57 2.72 -2.23
N GLY A 7 12.91 3.98 -2.09
CA GLY A 7 12.74 4.64 -0.76
C GLY A 7 13.00 6.15 -0.85
N GLY A 8 13.58 6.72 0.18
CA GLY A 8 13.85 8.18 0.19
C GLY A 8 14.49 8.57 1.53
N GLU A 9 13.77 9.26 2.38
CA GLU A 9 14.35 9.65 3.70
C GLU A 9 13.24 10.15 4.65
N SER A 10 13.29 9.73 5.89
CA SER A 10 12.28 10.19 6.89
C SER A 10 10.93 9.50 6.67
N ILE A 11 10.01 9.70 7.58
CA ILE A 11 8.65 9.08 7.46
C ILE A 11 7.99 9.59 6.18
N LYS A 12 8.23 8.91 5.08
CA LYS A 12 7.65 9.30 3.76
C LYS A 12 8.66 8.92 2.68
N ASP A 13 9.16 7.72 2.74
CA ASP A 13 10.18 7.29 1.75
C ASP A 13 9.61 6.23 0.80
N THR A 14 9.77 4.98 1.13
CA THR A 14 9.26 3.89 0.25
C THR A 14 7.77 3.66 0.51
N ASN A 15 6.95 4.62 0.21
CA ASN A 15 5.49 4.44 0.39
C ASN A 15 5.02 3.58 -0.79
N LEU A 16 3.90 2.94 -0.70
CA LEU A 16 3.49 2.09 -1.86
C LEU A 16 2.01 2.26 -2.19
N TYR A 17 1.72 2.59 -3.42
CA TYR A 17 0.31 2.75 -3.85
C TYR A 17 -0.22 1.37 -4.23
N VAL A 18 -1.18 0.87 -3.50
CA VAL A 18 -1.71 -0.48 -3.84
C VAL A 18 -2.85 -0.37 -4.84
N THR A 19 -2.90 -1.24 -5.79
CA THR A 19 -4.01 -1.19 -6.79
C THR A 19 -4.86 -2.45 -6.69
N ASN A 20 -5.88 -2.57 -7.50
CA ASN A 20 -6.75 -3.77 -7.43
C ASN A 20 -7.32 -3.92 -6.03
N LEU A 21 -8.43 -3.26 -5.76
CA LEU A 21 -9.04 -3.35 -4.40
C LEU A 21 -10.50 -2.88 -4.46
N PRO A 22 -11.37 -3.66 -3.86
CA PRO A 22 -12.79 -3.26 -3.87
C PRO A 22 -13.22 -2.81 -2.47
N ARG A 23 -12.51 -1.89 -1.89
CA ARG A 23 -12.87 -1.41 -0.54
C ARG A 23 -13.27 -2.59 0.34
N THR A 24 -12.45 -3.60 0.43
CA THR A 24 -12.79 -4.78 1.27
C THR A 24 -12.14 -4.64 2.66
N ILE A 25 -11.12 -3.84 2.77
CA ILE A 25 -10.45 -3.66 4.09
C ILE A 25 -10.49 -2.18 4.48
N THR A 26 -10.31 -1.87 5.74
CA THR A 26 -10.35 -0.44 6.17
C THR A 26 -8.92 0.11 6.25
N ASP A 27 -8.80 1.41 6.16
CA ASP A 27 -7.44 2.05 6.23
C ASP A 27 -6.79 1.71 7.57
N ASP A 28 -7.47 1.97 8.65
CA ASP A 28 -6.87 1.66 9.97
C ASP A 28 -6.81 0.13 10.17
N GLN A 29 -7.31 -0.63 9.22
CA GLN A 29 -7.28 -2.10 9.37
C GLN A 29 -5.93 -2.66 8.93
N LEU A 30 -5.58 -2.52 7.68
CA LEU A 30 -4.26 -3.06 7.23
C LEU A 30 -3.20 -2.68 8.27
N ASP A 31 -3.29 -1.52 8.84
CA ASP A 31 -2.29 -1.13 9.87
C ASP A 31 -2.17 -2.26 10.91
N THR A 32 -3.26 -2.65 11.51
CA THR A 32 -3.20 -3.74 12.52
C THR A 32 -2.78 -5.04 11.86
N ILE A 33 -2.95 -5.14 10.57
CA ILE A 33 -2.58 -6.41 9.86
C ILE A 33 -1.09 -6.42 9.54
N PHE A 34 -0.41 -5.31 9.60
CA PHE A 34 1.05 -5.32 9.27
C PHE A 34 1.79 -4.18 10.00
N GLY A 35 1.38 -3.84 11.19
CA GLY A 35 2.09 -2.76 11.93
C GLY A 35 3.09 -3.39 12.91
N LYS A 36 4.06 -4.11 12.42
CA LYS A 36 5.04 -4.75 13.35
C LYS A 36 6.48 -4.64 12.80
N TYR A 37 6.64 -4.24 11.57
CA TYR A 37 8.03 -4.14 10.99
C TYR A 37 8.64 -2.78 11.34
N GLY A 38 7.92 -1.72 11.10
CA GLY A 38 8.46 -0.37 11.42
C GLY A 38 7.32 0.55 11.85
N SER A 39 7.53 1.84 11.78
CA SER A 39 6.45 2.78 12.17
C SER A 39 5.68 3.22 10.93
N ILE A 40 4.87 2.32 10.38
CA ILE A 40 4.08 2.64 9.14
C ILE A 40 3.84 4.17 9.04
N VAL A 41 4.10 4.75 7.89
CA VAL A 41 3.97 6.24 7.73
C VAL A 41 2.66 6.71 7.06
N GLN A 42 1.51 6.36 7.60
CA GLN A 42 0.18 6.86 7.06
C GLN A 42 -0.49 5.92 6.04
N LYS A 43 -1.47 5.16 6.47
CA LYS A 43 -2.22 4.24 5.55
C LYS A 43 -3.30 5.07 4.85
N ASN A 44 -3.87 4.55 3.80
CA ASN A 44 -4.94 5.32 3.09
C ASN A 44 -5.81 4.36 2.27
N ILE A 45 -7.01 4.78 1.95
CA ILE A 45 -7.90 3.89 1.15
C ILE A 45 -8.98 4.75 0.48
N LEU A 46 -9.01 4.78 -0.82
CA LEU A 46 -10.03 5.60 -1.54
C LEU A 46 -10.43 4.90 -2.83
N ARG A 47 -11.58 5.25 -3.35
CA ARG A 47 -12.04 4.60 -4.62
C ARG A 47 -12.30 5.68 -5.68
N ASP A 48 -13.44 6.31 -5.63
CA ASP A 48 -13.75 7.37 -6.63
C ASP A 48 -13.49 8.75 -6.02
N LYS A 49 -13.86 9.80 -6.72
CA LYS A 49 -13.64 11.16 -6.18
C LYS A 49 -14.34 12.18 -7.09
N LEU A 50 -14.21 12.03 -8.37
CA LEU A 50 -14.88 12.98 -9.30
C LEU A 50 -15.68 12.21 -10.34
N THR A 51 -15.02 11.61 -11.31
CA THR A 51 -15.76 10.84 -12.35
C THR A 51 -14.87 9.70 -12.84
N GLY A 52 -13.88 9.33 -12.10
CA GLY A 52 -12.98 8.23 -12.54
C GLY A 52 -13.55 6.88 -12.07
N ARG A 53 -14.15 6.85 -10.91
CA ARG A 53 -14.73 5.58 -10.39
C ARG A 53 -13.82 4.40 -10.74
N PRO A 54 -12.58 4.51 -10.34
CA PRO A 54 -11.63 3.42 -10.65
C PRO A 54 -12.11 2.10 -10.04
N ARG A 55 -11.28 1.10 -10.05
CA ARG A 55 -11.69 -0.21 -9.47
C ARG A 55 -11.49 -0.18 -7.96
N GLY A 56 -10.92 0.86 -7.43
CA GLY A 56 -10.69 0.94 -5.96
C GLY A 56 -9.21 0.77 -5.68
N VAL A 57 -8.56 1.80 -5.22
CA VAL A 57 -7.10 1.69 -4.92
C VAL A 57 -6.84 2.12 -3.47
N ALA A 58 -5.70 1.79 -2.95
CA ALA A 58 -5.37 2.17 -1.55
C ALA A 58 -3.94 2.73 -1.51
N PHE A 59 -3.44 3.01 -0.35
CA PHE A 59 -2.05 3.55 -0.25
C PHE A 59 -1.43 3.10 1.07
N VAL A 60 -0.54 2.14 1.03
CA VAL A 60 0.09 1.68 2.30
C VAL A 60 1.20 2.67 2.67
N ARG A 61 1.47 2.76 3.93
CA ARG A 61 2.50 3.71 4.43
C ARG A 61 3.83 2.99 4.70
N TYR A 62 4.90 3.50 4.16
CA TYR A 62 6.22 2.86 4.42
C TYR A 62 7.35 3.81 4.03
N ASN A 63 8.46 3.77 4.75
CA ASN A 63 9.60 4.65 4.40
C ASN A 63 10.90 3.85 4.40
N LYS A 64 11.14 3.08 5.42
CA LYS A 64 12.39 2.28 5.46
C LYS A 64 12.44 1.35 4.24
N ARG A 65 13.27 1.68 3.30
CA ARG A 65 13.39 0.85 2.06
C ARG A 65 13.20 -0.63 2.39
N GLU A 66 13.97 -1.16 3.30
CA GLU A 66 13.81 -2.59 3.67
C GLU A 66 12.37 -2.83 4.13
N GLU A 67 11.89 -1.99 5.00
CA GLU A 67 10.49 -2.15 5.49
C GLU A 67 9.55 -2.26 4.29
N ALA A 68 9.89 -1.65 3.18
CA ALA A 68 9.01 -1.75 2.00
C ALA A 68 9.05 -3.18 1.48
N GLN A 69 10.23 -3.72 1.31
CA GLN A 69 10.32 -5.12 0.84
C GLN A 69 9.35 -5.96 1.66
N GLU A 70 9.15 -5.59 2.89
CA GLU A 70 8.20 -6.34 3.77
C GLU A 70 6.78 -6.15 3.26
N ALA A 71 6.39 -4.93 3.02
CA ALA A 71 5.01 -4.68 2.53
C ALA A 71 4.85 -5.29 1.14
N ILE A 72 5.92 -5.66 0.52
CA ILE A 72 5.82 -6.28 -0.82
C ILE A 72 5.48 -7.76 -0.65
N SER A 73 6.41 -8.52 -0.15
CA SER A 73 6.16 -9.98 0.05
C SER A 73 5.30 -10.21 1.30
N ALA A 74 4.76 -9.17 1.89
CA ALA A 74 3.93 -9.35 3.11
C ALA A 74 2.60 -8.61 2.95
N LEU A 75 2.65 -7.36 2.59
CA LEU A 75 1.38 -6.59 2.42
C LEU A 75 0.77 -6.97 1.07
N ASN A 76 1.58 -7.26 0.09
CA ASN A 76 1.02 -7.66 -1.22
C ASN A 76 0.07 -8.84 -0.99
N ASN A 77 -1.15 -8.72 -1.42
CA ASN A 77 -2.12 -9.85 -1.22
C ASN A 77 -2.40 -10.04 0.27
N VAL A 78 -3.14 -9.14 0.87
CA VAL A 78 -3.48 -9.31 2.32
C VAL A 78 -4.74 -10.17 2.43
N ILE A 79 -4.77 -11.27 1.72
CA ILE A 79 -5.96 -12.16 1.75
C ILE A 79 -5.52 -13.59 1.40
N PRO A 80 -5.99 -14.54 2.17
CA PRO A 80 -5.60 -15.93 1.87
C PRO A 80 -5.75 -16.20 0.36
N GLU A 81 -4.80 -16.88 -0.23
CA GLU A 81 -4.88 -17.16 -1.68
C GLU A 81 -6.31 -17.55 -2.07
N GLY A 82 -6.74 -17.18 -3.25
CA GLY A 82 -8.12 -17.52 -3.70
C GLY A 82 -8.71 -16.33 -4.48
N GLY A 83 -8.30 -15.13 -4.16
CA GLY A 83 -8.83 -13.94 -4.88
C GLY A 83 -9.05 -12.81 -3.88
N SER A 84 -10.23 -12.24 -3.87
CA SER A 84 -10.50 -11.13 -2.92
C SER A 84 -9.74 -9.88 -3.36
N GLN A 85 -9.05 -9.94 -4.47
CA GLN A 85 -8.28 -8.76 -4.94
C GLN A 85 -7.17 -8.45 -3.94
N PRO A 86 -5.97 -8.43 -4.43
CA PRO A 86 -4.82 -8.17 -3.54
C PRO A 86 -4.24 -6.77 -3.80
N LEU A 87 -3.63 -6.16 -2.81
CA LEU A 87 -3.05 -4.81 -3.02
C LEU A 87 -1.82 -4.92 -3.93
N SER A 88 -1.85 -4.27 -5.06
CA SER A 88 -0.67 -4.32 -5.96
C SER A 88 0.36 -3.34 -5.38
N VAL A 89 1.31 -3.85 -4.64
CA VAL A 89 2.33 -2.97 -3.99
C VAL A 89 3.41 -2.51 -4.99
N ARG A 90 3.99 -1.38 -4.70
CA ARG A 90 5.05 -0.80 -5.57
C ARG A 90 5.07 0.72 -5.38
N LEU A 91 6.22 1.31 -5.35
CA LEU A 91 6.30 2.78 -5.15
C LEU A 91 5.55 3.50 -6.28
N ALA A 92 4.75 4.47 -5.96
CA ALA A 92 3.99 5.20 -7.01
C ALA A 92 4.76 6.44 -7.45
N GLU A 93 5.50 7.02 -6.56
CA GLU A 93 6.28 8.25 -6.92
C GLU A 93 5.33 9.44 -6.99
N GLU A 94 4.73 9.79 -5.89
CA GLU A 94 3.80 10.96 -5.89
C GLU A 94 4.14 11.90 -4.73
N HIS A 95 4.57 11.36 -3.63
CA HIS A 95 4.92 12.24 -2.47
C HIS A 95 6.05 11.60 -1.66
N GLY A 96 5.71 10.82 -0.65
CA GLY A 96 6.78 10.18 0.16
C GLY A 96 6.13 9.26 1.21
N LYS A 97 5.11 9.73 1.87
CA LYS A 97 4.46 8.88 2.91
C LYS A 97 3.05 8.50 2.45
N MET A 1 3.49 -6.60 -13.78
CA MET A 1 4.68 -6.00 -14.46
C MET A 1 5.35 -5.00 -13.51
N SER A 2 6.58 -5.23 -13.15
CA SER A 2 7.28 -4.29 -12.24
C SER A 2 8.25 -3.43 -13.04
N TYR A 3 7.84 -2.25 -13.40
CA TYR A 3 8.74 -1.35 -14.18
C TYR A 3 9.93 -0.95 -13.32
N ALA A 4 9.75 -0.87 -12.03
CA ALA A 4 10.88 -0.48 -11.14
C ALA A 4 10.60 -0.94 -9.71
N ARG A 5 11.43 -1.79 -9.18
CA ARG A 5 11.23 -2.26 -7.78
C ARG A 5 11.22 -1.05 -6.84
N PRO A 6 10.38 -1.09 -5.86
CA PRO A 6 10.32 0.05 -4.92
C PRO A 6 11.72 0.58 -4.60
N GLY A 7 11.89 1.87 -4.65
CA GLY A 7 13.23 2.46 -4.34
C GLY A 7 13.46 3.70 -5.21
N GLY A 8 13.10 4.86 -4.73
CA GLY A 8 13.29 6.09 -5.53
C GLY A 8 12.70 7.30 -4.79
N GLU A 9 12.48 8.37 -5.49
CA GLU A 9 11.89 9.58 -4.83
C GLU A 9 10.47 9.28 -4.36
N SER A 10 10.20 9.45 -3.10
CA SER A 10 8.83 9.17 -2.58
C SER A 10 8.76 9.47 -1.08
N ILE A 11 7.82 8.88 -0.42
CA ILE A 11 7.66 9.09 1.05
C ILE A 11 9.04 9.23 1.71
N LYS A 12 9.08 9.84 2.87
CA LYS A 12 10.37 10.03 3.60
C LYS A 12 11.40 8.96 3.22
N ASP A 13 10.99 7.73 3.10
CA ASP A 13 11.96 6.67 2.74
C ASP A 13 11.45 5.80 1.57
N THR A 14 10.41 5.02 1.78
CA THR A 14 9.89 4.14 0.71
C THR A 14 8.45 3.71 1.02
N ASN A 15 7.49 4.31 0.38
CA ASN A 15 6.06 3.94 0.62
C ASN A 15 5.60 2.99 -0.48
N LEU A 16 4.32 2.80 -0.64
CA LEU A 16 3.87 1.86 -1.70
C LEU A 16 2.41 2.11 -2.09
N TYR A 17 2.20 2.43 -3.35
CA TYR A 17 0.82 2.64 -3.86
C TYR A 17 0.23 1.25 -4.12
N VAL A 18 -0.94 0.98 -3.66
CA VAL A 18 -1.49 -0.38 -3.89
C VAL A 18 -2.84 -0.34 -4.60
N THR A 19 -3.12 -1.35 -5.38
CA THR A 19 -4.42 -1.39 -6.11
C THR A 19 -5.02 -2.80 -6.00
N ASN A 20 -5.82 -3.19 -6.96
CA ASN A 20 -6.43 -4.55 -6.91
C ASN A 20 -7.31 -4.69 -5.67
N LEU A 21 -7.98 -3.65 -5.27
CA LEU A 21 -8.86 -3.74 -4.07
C LEU A 21 -9.71 -2.47 -3.94
N PRO A 22 -10.99 -2.66 -3.80
CA PRO A 22 -11.89 -1.50 -3.65
C PRO A 22 -12.28 -1.32 -2.19
N ARG A 23 -11.36 -0.98 -1.34
CA ARG A 23 -11.69 -0.81 0.10
C ARG A 23 -12.21 -2.13 0.67
N THR A 24 -11.45 -3.18 0.54
CA THR A 24 -11.89 -4.50 1.08
C THR A 24 -11.64 -4.55 2.58
N ILE A 25 -11.07 -3.50 3.13
CA ILE A 25 -10.78 -3.48 4.58
C ILE A 25 -10.81 -2.03 5.09
N THR A 26 -10.21 -1.77 6.21
CA THR A 26 -10.21 -0.39 6.75
C THR A 26 -8.77 0.09 6.94
N ASP A 27 -8.54 1.37 6.84
CA ASP A 27 -7.17 1.90 7.02
C ASP A 27 -6.55 1.30 8.28
N ASP A 28 -6.99 1.76 9.42
CA ASP A 28 -6.44 1.24 10.70
C ASP A 28 -6.28 -0.28 10.63
N GLN A 29 -7.06 -0.94 9.81
CA GLN A 29 -6.93 -2.42 9.71
C GLN A 29 -5.56 -2.80 9.17
N LEU A 30 -5.21 -2.32 8.01
CA LEU A 30 -3.88 -2.67 7.44
C LEU A 30 -2.79 -2.55 8.52
N ASP A 31 -2.81 -1.50 9.28
CA ASP A 31 -1.78 -1.34 10.34
C ASP A 31 -1.83 -2.51 11.32
N THR A 32 -3.00 -2.96 11.67
CA THR A 32 -3.11 -4.09 12.63
C THR A 32 -2.83 -5.43 11.93
N ILE A 33 -2.77 -5.43 10.62
CA ILE A 33 -2.50 -6.72 9.91
C ILE A 33 -1.00 -7.00 9.88
N PHE A 34 -0.20 -6.02 9.53
CA PHE A 34 1.27 -6.25 9.48
C PHE A 34 1.93 -5.62 10.72
N GLY A 35 1.55 -4.39 11.05
CA GLY A 35 2.11 -3.68 12.25
C GLY A 35 3.39 -4.36 12.75
N LYS A 36 4.40 -4.45 11.94
CA LYS A 36 5.65 -5.12 12.39
C LYS A 36 6.88 -4.28 12.02
N TYR A 37 6.80 -3.50 10.98
CA TYR A 37 7.98 -2.68 10.59
C TYR A 37 7.69 -1.18 10.80
N GLY A 38 7.36 -0.46 9.76
CA GLY A 38 7.06 1.00 9.91
C GLY A 38 5.65 1.15 10.45
N SER A 39 5.38 2.22 11.15
CA SER A 39 4.00 2.42 11.67
C SER A 39 3.17 3.13 10.58
N ILE A 40 3.29 2.68 9.37
CA ILE A 40 2.56 3.29 8.21
C ILE A 40 2.57 4.82 8.32
N VAL A 41 3.28 5.46 7.45
CA VAL A 41 3.34 6.95 7.50
C VAL A 41 2.08 7.54 6.88
N GLN A 42 1.10 6.73 6.58
CA GLN A 42 -0.18 7.28 5.99
C GLN A 42 -0.97 6.15 5.32
N LYS A 43 -1.57 5.28 6.08
CA LYS A 43 -2.38 4.20 5.46
C LYS A 43 -3.77 4.72 5.11
N ASN A 44 -4.13 4.74 3.86
CA ASN A 44 -5.47 5.26 3.48
C ASN A 44 -5.93 4.63 2.16
N ILE A 45 -7.17 4.84 1.81
CA ILE A 45 -7.70 4.28 0.54
C ILE A 45 -8.06 5.42 -0.40
N LEU A 46 -8.37 5.13 -1.63
CA LEU A 46 -8.72 6.22 -2.58
C LEU A 46 -10.05 5.90 -3.27
N ARG A 47 -11.06 6.67 -3.01
CA ARG A 47 -12.39 6.43 -3.66
C ARG A 47 -12.94 7.76 -4.18
N ASP A 48 -14.21 7.83 -4.42
CA ASP A 48 -14.79 9.11 -4.93
C ASP A 48 -15.91 9.58 -4.00
N LYS A 49 -16.63 10.59 -4.40
CA LYS A 49 -17.75 11.11 -3.55
C LYS A 49 -18.61 9.93 -3.06
N LEU A 50 -19.45 9.41 -3.91
CA LEU A 50 -20.33 8.28 -3.48
C LEU A 50 -20.40 7.22 -4.59
N THR A 51 -21.18 7.46 -5.60
CA THR A 51 -21.28 6.45 -6.70
C THR A 51 -20.54 6.95 -7.94
N GLY A 52 -19.47 7.67 -7.75
CA GLY A 52 -18.70 8.17 -8.92
C GLY A 52 -17.23 7.76 -8.78
N ARG A 53 -16.97 6.48 -8.78
CA ARG A 53 -15.56 6.01 -8.63
C ARG A 53 -15.18 5.17 -9.86
N PRO A 54 -14.23 5.66 -10.59
CA PRO A 54 -13.79 4.91 -11.80
C PRO A 54 -12.35 4.42 -11.64
N ARG A 55 -11.96 4.10 -10.43
CA ARG A 55 -10.57 3.62 -10.21
C ARG A 55 -10.52 2.75 -8.96
N GLY A 56 -10.82 3.30 -7.83
CA GLY A 56 -10.77 2.50 -6.57
C GLY A 56 -9.36 1.93 -6.39
N VAL A 57 -8.54 2.62 -5.63
CA VAL A 57 -7.15 2.12 -5.43
C VAL A 57 -6.71 2.38 -3.99
N ALA A 58 -6.05 1.44 -3.37
CA ALA A 58 -5.60 1.64 -1.96
C ALA A 58 -4.20 2.27 -1.97
N PHE A 59 -3.68 2.60 -0.81
CA PHE A 59 -2.33 3.21 -0.77
C PHE A 59 -1.70 3.02 0.61
N VAL A 60 -0.76 2.12 0.71
CA VAL A 60 -0.08 1.90 2.01
C VAL A 60 1.13 2.83 2.03
N ARG A 61 1.66 3.14 3.18
CA ARG A 61 2.84 4.05 3.21
C ARG A 61 3.87 3.57 4.24
N TYR A 62 5.13 3.79 3.98
CA TYR A 62 6.20 3.36 4.94
C TYR A 62 7.45 4.16 4.66
N ASN A 63 8.24 4.41 5.65
CA ASN A 63 9.51 5.16 5.38
C ASN A 63 10.71 4.30 5.77
N LYS A 64 10.97 3.27 5.01
CA LYS A 64 12.14 2.39 5.31
C LYS A 64 12.33 1.43 4.14
N ARG A 65 13.21 1.75 3.23
CA ARG A 65 13.44 0.87 2.03
C ARG A 65 13.25 -0.60 2.42
N GLU A 66 13.90 -1.06 3.45
CA GLU A 66 13.73 -2.48 3.86
C GLU A 66 12.25 -2.73 4.12
N GLU A 67 11.64 -1.89 4.90
CA GLU A 67 10.19 -2.07 5.21
C GLU A 67 9.39 -2.21 3.92
N ALA A 68 9.58 -1.34 2.95
CA ALA A 68 8.81 -1.46 1.69
C ALA A 68 8.87 -2.92 1.24
N GLN A 69 10.03 -3.52 1.30
CA GLN A 69 10.13 -4.95 0.91
C GLN A 69 9.12 -5.75 1.74
N GLU A 70 9.08 -5.49 3.03
CA GLU A 70 8.11 -6.22 3.90
C GLU A 70 6.71 -6.10 3.31
N ALA A 71 6.20 -4.91 3.29
CA ALA A 71 4.83 -4.67 2.75
C ALA A 71 4.70 -5.26 1.35
N ILE A 72 5.78 -5.57 0.71
CA ILE A 72 5.67 -6.14 -0.65
C ILE A 72 5.47 -7.65 -0.54
N SER A 73 6.47 -8.38 -0.13
CA SER A 73 6.30 -9.85 0.00
C SER A 73 5.16 -10.18 0.99
N ALA A 74 4.64 -9.22 1.69
CA ALA A 74 3.55 -9.52 2.67
C ALA A 74 2.35 -8.59 2.46
N LEU A 75 2.55 -7.30 2.46
CA LEU A 75 1.41 -6.34 2.29
C LEU A 75 1.06 -6.19 0.80
N ASN A 76 1.67 -6.93 -0.08
CA ASN A 76 1.30 -6.82 -1.52
C ASN A 76 0.13 -7.76 -1.81
N ASN A 77 -0.60 -8.10 -0.79
CA ASN A 77 -1.76 -9.00 -0.94
C ASN A 77 -2.36 -9.23 0.45
N VAL A 78 -3.05 -8.25 0.98
CA VAL A 78 -3.66 -8.42 2.34
C VAL A 78 -4.96 -9.20 2.21
N ILE A 79 -4.87 -10.45 1.88
CA ILE A 79 -6.10 -11.28 1.72
C ILE A 79 -5.72 -12.57 0.95
N PRO A 80 -5.91 -13.69 1.59
CA PRO A 80 -5.57 -14.97 0.92
C PRO A 80 -5.96 -14.93 -0.55
N GLU A 81 -5.04 -15.27 -1.43
CA GLU A 81 -5.35 -15.27 -2.89
C GLU A 81 -6.56 -16.17 -3.15
N GLY A 82 -7.17 -16.04 -4.31
CA GLY A 82 -8.35 -16.88 -4.63
C GLY A 82 -9.40 -16.04 -5.35
N GLY A 83 -9.79 -14.94 -4.78
CA GLY A 83 -10.81 -14.08 -5.43
C GLY A 83 -11.31 -13.03 -4.43
N SER A 84 -10.45 -12.54 -3.58
CA SER A 84 -10.89 -11.53 -2.58
C SER A 84 -10.26 -10.17 -2.94
N GLN A 85 -9.28 -10.16 -3.80
CA GLN A 85 -8.65 -8.87 -4.21
C GLN A 85 -8.00 -8.18 -2.99
N PRO A 86 -6.70 -8.02 -3.07
CA PRO A 86 -5.99 -7.33 -1.96
C PRO A 86 -5.22 -6.13 -2.53
N LEU A 87 -4.25 -5.64 -1.81
CA LEU A 87 -3.48 -4.46 -2.34
C LEU A 87 -2.21 -4.92 -3.06
N SER A 88 -2.13 -4.68 -4.34
CA SER A 88 -0.88 -5.03 -5.06
C SER A 88 0.10 -3.91 -4.74
N VAL A 89 1.14 -4.22 -4.03
CA VAL A 89 2.11 -3.18 -3.57
C VAL A 89 3.15 -2.82 -4.64
N ARG A 90 3.78 -1.68 -4.45
CA ARG A 90 4.82 -1.19 -5.40
C ARG A 90 5.01 0.32 -5.18
N LEU A 91 6.18 0.75 -4.73
CA LEU A 91 6.41 2.20 -4.48
C LEU A 91 5.84 3.03 -5.64
N ALA A 92 5.55 4.27 -5.39
CA ALA A 92 4.98 5.13 -6.47
C ALA A 92 5.99 5.29 -7.61
N GLU A 93 5.58 5.86 -8.70
CA GLU A 93 6.52 6.05 -9.84
C GLU A 93 6.26 7.40 -10.49
N GLU A 94 7.28 8.21 -10.62
CA GLU A 94 7.08 9.56 -11.24
C GLU A 94 6.28 10.45 -10.27
N HIS A 95 6.03 9.97 -9.08
CA HIS A 95 5.26 10.78 -8.10
C HIS A 95 5.85 10.58 -6.70
N GLY A 96 5.17 11.06 -5.69
CA GLY A 96 5.70 10.91 -4.31
C GLY A 96 4.61 11.23 -3.29
N LYS A 97 4.44 10.42 -2.29
CA LYS A 97 3.38 10.70 -1.26
C LYS A 97 4.03 10.77 0.12
N MET A 1 17.23 2.14 -17.86
CA MET A 1 16.48 1.09 -17.13
C MET A 1 15.93 1.65 -15.83
N SER A 2 15.67 2.93 -15.78
CA SER A 2 15.15 3.54 -14.53
C SER A 2 13.87 2.80 -14.12
N TYR A 3 13.97 1.90 -13.18
CA TYR A 3 12.77 1.14 -12.74
C TYR A 3 13.13 0.23 -11.56
N ALA A 4 13.29 0.79 -10.40
CA ALA A 4 13.64 -0.04 -9.22
C ALA A 4 13.27 0.69 -7.93
N ARG A 5 12.05 0.53 -7.48
CA ARG A 5 11.60 1.21 -6.24
C ARG A 5 11.77 2.73 -6.38
N PRO A 6 10.96 3.46 -5.66
CA PRO A 6 11.08 4.94 -5.75
C PRO A 6 11.39 5.53 -4.37
N GLY A 7 11.14 6.80 -4.18
CA GLY A 7 11.43 7.44 -2.87
C GLY A 7 10.15 8.11 -2.34
N GLY A 8 10.24 9.33 -1.90
CA GLY A 8 9.03 10.03 -1.38
C GLY A 8 9.45 11.20 -0.49
N GLU A 9 8.84 11.33 0.67
CA GLU A 9 9.20 12.45 1.59
C GLU A 9 8.54 12.21 2.96
N SER A 10 8.75 13.11 3.89
CA SER A 10 8.14 12.91 5.25
C SER A 10 8.86 11.77 5.97
N ILE A 11 8.25 11.25 7.01
CA ILE A 11 8.89 10.13 7.76
C ILE A 11 9.53 9.16 6.75
N LYS A 12 10.81 9.32 6.49
CA LYS A 12 11.49 8.43 5.50
C LYS A 12 10.76 8.58 4.16
N ASP A 13 11.03 7.73 3.21
CA ASP A 13 10.33 7.87 1.89
C ASP A 13 10.38 6.57 1.09
N THR A 14 9.48 5.66 1.37
CA THR A 14 9.45 4.38 0.61
C THR A 14 8.08 3.70 0.79
N ASN A 15 7.02 4.43 0.52
CA ASN A 15 5.65 3.85 0.70
C ASN A 15 5.30 2.97 -0.49
N LEU A 16 4.06 2.56 -0.61
CA LEU A 16 3.69 1.70 -1.76
C LEU A 16 2.21 1.88 -2.08
N TYR A 17 1.91 2.19 -3.31
CA TYR A 17 0.50 2.37 -3.72
C TYR A 17 -0.12 0.98 -3.88
N VAL A 18 -1.20 0.72 -3.20
CA VAL A 18 -1.81 -0.63 -3.28
C VAL A 18 -3.22 -0.54 -3.86
N THR A 19 -3.47 -1.26 -4.93
CA THR A 19 -4.83 -1.21 -5.55
C THR A 19 -5.41 -2.63 -5.63
N ASN A 20 -6.63 -2.75 -6.11
CA ASN A 20 -7.27 -4.11 -6.24
C ASN A 20 -8.02 -4.49 -4.96
N LEU A 21 -8.26 -3.56 -4.07
CA LEU A 21 -9.00 -3.92 -2.83
C LEU A 21 -9.72 -2.69 -2.27
N PRO A 22 -10.34 -1.94 -3.15
CA PRO A 22 -11.06 -0.74 -2.67
C PRO A 22 -12.38 -1.12 -2.00
N ARG A 23 -12.75 -0.42 -0.95
CA ARG A 23 -14.04 -0.73 -0.26
C ARG A 23 -14.05 -2.16 0.28
N THR A 24 -12.93 -2.83 0.26
CA THR A 24 -12.90 -4.23 0.79
C THR A 24 -12.31 -4.20 2.20
N ILE A 25 -11.33 -3.38 2.43
CA ILE A 25 -10.72 -3.29 3.78
C ILE A 25 -10.48 -1.82 4.13
N THR A 26 -10.20 -1.51 5.36
CA THR A 26 -9.98 -0.09 5.75
C THR A 26 -8.49 0.17 5.91
N ASP A 27 -8.03 1.35 5.55
CA ASP A 27 -6.58 1.66 5.69
C ASP A 27 -6.14 1.39 7.14
N ASP A 28 -6.64 2.14 8.07
CA ASP A 28 -6.26 1.93 9.49
C ASP A 28 -6.30 0.43 9.80
N GLN A 29 -7.09 -0.32 9.07
CA GLN A 29 -7.16 -1.79 9.34
C GLN A 29 -5.81 -2.43 9.03
N LEU A 30 -5.37 -2.37 7.80
CA LEU A 30 -4.06 -2.98 7.46
C LEU A 30 -3.03 -2.64 8.56
N ASP A 31 -3.22 -1.54 9.24
CA ASP A 31 -2.26 -1.16 10.32
C ASP A 31 -2.21 -2.29 11.35
N THR A 32 -3.35 -2.67 11.87
CA THR A 32 -3.39 -3.76 12.88
C THR A 32 -2.88 -5.06 12.25
N ILE A 33 -3.31 -5.36 11.06
CA ILE A 33 -2.83 -6.61 10.39
C ILE A 33 -1.31 -6.56 10.31
N PHE A 34 -0.74 -5.40 10.47
CA PHE A 34 0.74 -5.26 10.40
C PHE A 34 1.34 -5.20 11.80
N GLY A 35 1.49 -4.01 12.34
CA GLY A 35 2.08 -3.87 13.70
C GLY A 35 3.18 -4.91 13.92
N LYS A 36 4.35 -4.69 13.37
CA LYS A 36 5.45 -5.69 13.55
C LYS A 36 6.76 -5.16 12.96
N TYR A 37 6.71 -4.48 11.85
CA TYR A 37 7.97 -3.96 11.23
C TYR A 37 8.28 -2.57 11.77
N GLY A 38 7.64 -1.55 11.23
CA GLY A 38 7.89 -0.17 11.72
C GLY A 38 6.57 0.48 12.10
N SER A 39 6.56 1.77 12.27
CA SER A 39 5.29 2.46 12.62
C SER A 39 4.65 2.96 11.33
N ILE A 40 4.93 2.28 10.26
CA ILE A 40 4.37 2.67 8.93
C ILE A 40 4.40 4.19 8.78
N VAL A 41 3.83 4.69 7.71
CA VAL A 41 3.86 6.16 7.45
C VAL A 41 2.43 6.75 7.43
N GLN A 42 1.63 6.29 6.52
CA GLN A 42 0.22 6.78 6.36
C GLN A 42 -0.49 5.97 5.23
N LYS A 43 -1.40 5.08 5.58
CA LYS A 43 -2.14 4.27 4.53
C LYS A 43 -3.49 4.95 4.28
N ASN A 44 -3.87 5.15 3.06
CA ASN A 44 -5.19 5.82 2.81
C ASN A 44 -5.88 5.18 1.61
N ILE A 45 -7.18 5.35 1.51
CA ILE A 45 -7.93 4.77 0.37
C ILE A 45 -8.69 5.89 -0.36
N LEU A 46 -8.67 5.89 -1.66
CA LEU A 46 -9.39 6.96 -2.41
C LEU A 46 -10.45 6.34 -3.30
N ARG A 47 -11.68 6.76 -3.14
CA ARG A 47 -12.78 6.20 -3.98
C ARG A 47 -12.89 7.00 -5.27
N ASP A 48 -14.06 7.45 -5.63
CA ASP A 48 -14.20 8.25 -6.89
C ASP A 48 -15.21 9.37 -6.68
N LYS A 49 -14.81 10.58 -6.94
CA LYS A 49 -15.74 11.74 -6.76
C LYS A 49 -15.91 12.48 -8.09
N LEU A 50 -15.88 11.76 -9.18
CA LEU A 50 -16.04 12.42 -10.51
C LEU A 50 -16.94 11.57 -11.40
N THR A 51 -16.61 10.30 -11.55
CA THR A 51 -17.45 9.42 -12.41
C THR A 51 -18.27 8.48 -11.52
N GLY A 52 -17.72 8.06 -10.42
CA GLY A 52 -18.47 7.15 -9.51
C GLY A 52 -18.02 5.71 -9.74
N ARG A 53 -16.73 5.48 -9.82
CA ARG A 53 -16.24 4.10 -10.05
C ARG A 53 -16.59 3.23 -8.84
N PRO A 54 -16.62 1.95 -9.07
CA PRO A 54 -16.96 1.03 -7.95
C PRO A 54 -15.69 0.37 -7.41
N ARG A 55 -14.55 0.85 -7.81
CA ARG A 55 -13.27 0.26 -7.32
C ARG A 55 -12.16 1.26 -7.56
N GLY A 56 -11.96 2.18 -6.66
CA GLY A 56 -10.90 3.18 -6.84
C GLY A 56 -9.54 2.52 -6.63
N VAL A 57 -8.87 2.88 -5.58
CA VAL A 57 -7.54 2.28 -5.30
C VAL A 57 -7.14 2.52 -3.85
N ALA A 58 -6.27 1.72 -3.34
CA ALA A 58 -5.82 1.90 -1.92
C ALA A 58 -4.37 2.37 -1.88
N PHE A 59 -3.87 2.69 -0.72
CA PHE A 59 -2.47 3.18 -0.61
C PHE A 59 -1.84 2.64 0.67
N VAL A 60 -0.98 1.66 0.60
CA VAL A 60 -0.34 1.17 1.85
C VAL A 60 0.82 2.09 2.16
N ARG A 61 1.22 2.10 3.38
CA ARG A 61 2.32 3.01 3.76
C ARG A 61 3.53 2.28 4.29
N TYR A 62 4.67 2.68 3.83
CA TYR A 62 5.95 2.09 4.30
C TYR A 62 7.02 3.15 4.06
N ASN A 63 7.92 3.34 4.98
CA ASN A 63 8.94 4.39 4.76
C ASN A 63 10.34 3.77 4.75
N LYS A 64 10.67 2.97 5.71
CA LYS A 64 12.02 2.34 5.71
C LYS A 64 12.20 1.62 4.37
N ARG A 65 13.34 1.74 3.75
CA ARG A 65 13.53 1.06 2.44
C ARG A 65 13.41 -0.46 2.65
N GLU A 66 14.01 -0.97 3.69
CA GLU A 66 13.92 -2.43 3.95
C GLU A 66 12.49 -2.76 4.39
N GLU A 67 11.94 -1.96 5.26
CA GLU A 67 10.55 -2.22 5.74
C GLU A 67 9.59 -2.16 4.55
N ALA A 68 9.94 -1.44 3.51
CA ALA A 68 9.03 -1.38 2.34
C ALA A 68 9.11 -2.73 1.61
N GLN A 69 10.29 -3.20 1.37
CA GLN A 69 10.43 -4.53 0.69
C GLN A 69 9.52 -5.50 1.46
N GLU A 70 9.39 -5.30 2.74
CA GLU A 70 8.49 -6.17 3.55
C GLU A 70 7.10 -6.04 2.96
N ALA A 71 6.52 -4.89 3.11
CA ALA A 71 5.15 -4.67 2.57
C ALA A 71 5.07 -5.22 1.14
N ILE A 72 6.18 -5.37 0.46
CA ILE A 72 6.12 -5.92 -0.91
C ILE A 72 5.85 -7.42 -0.83
N SER A 73 6.82 -8.18 -0.37
CA SER A 73 6.65 -9.66 -0.25
C SER A 73 5.93 -10.00 1.06
N ALA A 74 5.20 -9.07 1.62
CA ALA A 74 4.48 -9.33 2.89
C ALA A 74 3.09 -8.71 2.79
N LEU A 75 3.02 -7.45 2.41
CA LEU A 75 1.70 -6.80 2.27
C LEU A 75 1.10 -7.24 0.92
N ASN A 76 1.91 -7.29 -0.12
CA ASN A 76 1.37 -7.74 -1.45
C ASN A 76 0.41 -8.90 -1.24
N ASN A 77 -0.86 -8.62 -1.29
CA ASN A 77 -1.89 -9.67 -1.08
C ASN A 77 -2.06 -9.90 0.42
N VAL A 78 -2.82 -9.05 1.08
CA VAL A 78 -3.04 -9.22 2.53
C VAL A 78 -4.20 -10.19 2.76
N ILE A 79 -4.14 -11.36 2.17
CA ILE A 79 -5.24 -12.36 2.34
C ILE A 79 -4.69 -13.60 3.04
N PRO A 80 -5.56 -14.50 3.35
CA PRO A 80 -5.12 -15.74 4.02
C PRO A 80 -4.80 -16.82 2.98
N GLU A 81 -4.57 -16.41 1.76
CA GLU A 81 -4.25 -17.41 0.69
C GLU A 81 -5.50 -18.22 0.37
N GLY A 82 -6.48 -17.61 -0.26
CA GLY A 82 -7.72 -18.36 -0.60
C GLY A 82 -8.82 -17.37 -0.98
N GLY A 83 -8.81 -16.20 -0.41
CA GLY A 83 -9.86 -15.20 -0.74
C GLY A 83 -9.58 -14.57 -2.11
N SER A 84 -9.79 -13.30 -2.25
CA SER A 84 -9.53 -12.63 -3.55
C SER A 84 -9.37 -11.13 -3.34
N GLN A 85 -8.73 -10.74 -2.27
CA GLN A 85 -8.55 -9.29 -2.01
C GLN A 85 -7.08 -9.00 -1.68
N PRO A 86 -6.30 -8.87 -2.72
CA PRO A 86 -4.86 -8.60 -2.50
C PRO A 86 -4.53 -7.15 -2.90
N LEU A 87 -3.40 -6.66 -2.48
CA LEU A 87 -3.04 -5.26 -2.85
C LEU A 87 -1.85 -5.26 -3.81
N SER A 88 -1.99 -4.64 -4.94
CA SER A 88 -0.85 -4.55 -5.88
C SER A 88 0.03 -3.43 -5.35
N VAL A 89 1.14 -3.77 -4.76
CA VAL A 89 2.01 -2.74 -4.14
C VAL A 89 2.83 -1.98 -5.20
N ARG A 90 3.83 -1.23 -4.76
CA ARG A 90 4.68 -0.38 -5.65
C ARG A 90 4.25 1.08 -5.49
N LEU A 91 5.06 1.88 -4.85
CA LEU A 91 4.72 3.32 -4.64
C LEU A 91 3.98 3.88 -5.85
N ALA A 92 3.06 4.78 -5.64
CA ALA A 92 2.30 5.37 -6.77
C ALA A 92 3.18 6.41 -7.47
N GLU A 93 3.47 7.49 -6.81
CA GLU A 93 4.31 8.54 -7.42
C GLU A 93 5.61 8.69 -6.61
N GLU A 94 6.38 9.70 -6.89
CA GLU A 94 7.65 9.90 -6.15
C GLU A 94 7.41 10.78 -4.92
N HIS A 95 6.17 11.06 -4.60
CA HIS A 95 5.89 11.92 -3.42
C HIS A 95 5.54 11.02 -2.22
N GLY A 96 4.97 9.87 -2.47
CA GLY A 96 4.61 8.96 -1.34
C GLY A 96 3.87 9.74 -0.25
N LYS A 97 4.44 9.84 0.92
CA LYS A 97 3.77 10.59 2.02
C LYS A 97 4.47 11.93 2.22
N MET A 1 15.79 -9.60 -13.72
CA MET A 1 14.40 -9.08 -13.54
C MET A 1 14.03 -9.11 -12.05
N SER A 2 14.45 -8.14 -11.30
CA SER A 2 14.12 -8.11 -9.84
C SER A 2 12.69 -7.65 -9.66
N TYR A 3 12.04 -8.11 -8.62
CA TYR A 3 10.63 -7.68 -8.38
C TYR A 3 10.51 -6.17 -8.57
N ALA A 4 10.72 -5.42 -7.53
CA ALA A 4 10.63 -3.93 -7.65
C ALA A 4 10.89 -3.30 -6.28
N ARG A 5 11.62 -2.22 -6.24
CA ARG A 5 11.90 -1.55 -4.93
C ARG A 5 12.44 -0.14 -5.17
N PRO A 6 11.55 0.77 -5.43
CA PRO A 6 12.00 2.16 -5.66
C PRO A 6 11.54 3.07 -4.51
N GLY A 7 12.08 4.26 -4.42
CA GLY A 7 11.69 5.18 -3.33
C GLY A 7 12.87 6.07 -2.94
N GLY A 8 12.67 6.99 -2.03
CA GLY A 8 13.80 7.89 -1.63
C GLY A 8 13.27 9.00 -0.71
N GLU A 9 14.15 9.79 -0.15
CA GLU A 9 13.71 10.90 0.75
C GLU A 9 13.43 10.36 2.15
N SER A 10 13.19 11.24 3.08
CA SER A 10 12.92 10.80 4.49
C SER A 10 11.42 10.49 4.64
N ILE A 11 11.09 9.58 5.54
CA ILE A 11 9.67 9.21 5.75
C ILE A 11 8.93 9.18 4.41
N LYS A 12 9.64 8.80 3.39
CA LYS A 12 9.05 8.72 2.03
C LYS A 12 10.02 7.88 1.18
N ASP A 13 10.75 7.02 1.81
CA ASP A 13 11.72 6.19 1.06
C ASP A 13 11.01 5.02 0.37
N THR A 14 9.72 4.89 0.55
CA THR A 14 9.00 3.75 -0.08
C THR A 14 7.50 4.02 -0.11
N ASN A 15 6.98 4.56 -1.17
CA ASN A 15 5.52 4.81 -1.24
C ASN A 15 4.82 3.52 -1.72
N LEU A 16 4.15 2.81 -0.85
CA LEU A 16 3.48 1.55 -1.27
C LEU A 16 2.16 1.89 -1.95
N TYR A 17 2.13 1.80 -3.26
CA TYR A 17 0.88 2.13 -3.99
C TYR A 17 0.08 0.84 -4.22
N VAL A 18 -0.73 0.44 -3.28
CA VAL A 18 -1.52 -0.81 -3.46
C VAL A 18 -2.84 -0.48 -4.15
N THR A 19 -2.91 -0.65 -5.43
CA THR A 19 -4.18 -0.35 -6.16
C THR A 19 -5.04 -1.60 -6.25
N ASN A 20 -6.03 -1.60 -7.10
CA ASN A 20 -6.92 -2.80 -7.22
C ASN A 20 -7.44 -3.17 -5.84
N LEU A 21 -8.50 -2.56 -5.41
CA LEU A 21 -9.06 -2.89 -4.06
C LEU A 21 -10.58 -2.75 -4.10
N PRO A 22 -11.24 -3.75 -3.56
CA PRO A 22 -12.72 -3.69 -3.54
C PRO A 22 -13.21 -3.34 -2.14
N ARG A 23 -12.52 -2.44 -1.50
CA ARG A 23 -12.90 -2.01 -0.12
C ARG A 23 -13.45 -3.19 0.67
N THR A 24 -12.64 -4.20 0.87
CA THR A 24 -13.12 -5.37 1.66
C THR A 24 -12.65 -5.24 3.11
N ILE A 25 -11.70 -4.38 3.36
CA ILE A 25 -11.20 -4.20 4.75
C ILE A 25 -11.25 -2.72 5.11
N THR A 26 -10.87 -2.36 6.30
CA THR A 26 -10.90 -0.92 6.71
C THR A 26 -9.48 -0.38 6.72
N ASP A 27 -9.34 0.92 6.63
CA ASP A 27 -7.98 1.52 6.63
C ASP A 27 -7.22 1.08 7.89
N ASP A 28 -7.71 1.44 9.04
CA ASP A 28 -7.02 1.05 10.31
C ASP A 28 -6.86 -0.46 10.38
N GLN A 29 -7.58 -1.20 9.58
CA GLN A 29 -7.44 -2.69 9.64
C GLN A 29 -6.14 -3.14 8.99
N LEU A 30 -5.87 -2.71 7.79
CA LEU A 30 -4.59 -3.15 7.14
C LEU A 30 -3.46 -2.97 8.15
N ASP A 31 -3.54 -2.00 9.01
CA ASP A 31 -2.47 -1.80 10.02
C ASP A 31 -2.17 -3.15 10.68
N THR A 32 -3.19 -3.80 11.19
CA THR A 32 -2.99 -5.12 11.84
C THR A 32 -2.48 -6.11 10.80
N ILE A 33 -3.01 -6.08 9.61
CA ILE A 33 -2.54 -7.01 8.55
C ILE A 33 -1.08 -6.70 8.21
N PHE A 34 -0.60 -5.58 8.67
CA PHE A 34 0.81 -5.19 8.38
C PHE A 34 1.72 -5.86 9.42
N GLY A 35 1.71 -5.35 10.64
CA GLY A 35 2.57 -5.97 11.68
C GLY A 35 3.10 -4.89 12.61
N LYS A 36 4.25 -4.35 12.30
CA LYS A 36 4.85 -3.28 13.15
C LYS A 36 6.34 -3.14 12.82
N TYR A 37 6.70 -3.06 11.57
CA TYR A 37 8.13 -2.90 11.20
C TYR A 37 8.48 -1.42 11.38
N GLY A 38 8.16 -0.62 10.41
CA GLY A 38 8.42 0.84 10.52
C GLY A 38 7.09 1.52 10.79
N SER A 39 7.10 2.76 11.18
CA SER A 39 5.81 3.44 11.44
C SER A 39 5.20 3.85 10.11
N ILE A 40 4.34 3.03 9.55
CA ILE A 40 3.71 3.36 8.24
C ILE A 40 3.49 4.87 8.16
N VAL A 41 4.13 5.52 7.22
CA VAL A 41 4.00 6.99 7.13
C VAL A 41 2.68 7.38 6.41
N GLN A 42 1.74 6.48 6.36
CA GLN A 42 0.42 6.79 5.72
C GLN A 42 -0.34 5.51 5.40
N LYS A 43 -1.62 5.51 5.66
CA LYS A 43 -2.45 4.30 5.39
C LYS A 43 -3.85 4.74 4.96
N ASN A 44 -3.98 5.18 3.74
CA ASN A 44 -5.33 5.63 3.27
C ASN A 44 -6.04 4.47 2.54
N ILE A 45 -7.27 4.66 2.17
CA ILE A 45 -8.01 3.57 1.47
C ILE A 45 -8.59 4.07 0.16
N LEU A 46 -7.98 3.71 -0.94
CA LEU A 46 -8.49 4.14 -2.27
C LEU A 46 -8.67 5.65 -2.30
N ARG A 47 -9.69 6.14 -2.92
CA ARG A 47 -9.90 7.61 -2.96
C ARG A 47 -11.35 7.91 -3.37
N ASP A 48 -12.08 8.60 -2.54
CA ASP A 48 -13.51 8.91 -2.89
C ASP A 48 -14.29 7.60 -3.03
N LYS A 49 -15.47 7.53 -2.49
CA LYS A 49 -16.26 6.28 -2.61
C LYS A 49 -17.42 6.50 -3.59
N LEU A 50 -17.51 7.66 -4.18
CA LEU A 50 -18.61 7.92 -5.14
C LEU A 50 -18.04 8.37 -6.48
N THR A 51 -17.11 9.29 -6.46
CA THR A 51 -16.52 9.78 -7.73
C THR A 51 -15.02 9.48 -7.76
N GLY A 52 -14.48 9.20 -8.91
CA GLY A 52 -13.03 8.91 -9.01
C GLY A 52 -12.28 10.23 -9.19
N ARG A 53 -12.54 11.18 -8.34
CA ARG A 53 -11.87 12.51 -8.45
C ARG A 53 -10.38 12.31 -8.81
N PRO A 54 -9.64 11.63 -7.96
CA PRO A 54 -8.21 11.42 -8.33
C PRO A 54 -8.03 10.08 -9.05
N ARG A 55 -7.76 9.03 -8.30
CA ARG A 55 -7.56 7.70 -8.95
C ARG A 55 -8.19 6.60 -8.09
N GLY A 56 -8.11 6.72 -6.80
CA GLY A 56 -8.70 5.67 -5.91
C GLY A 56 -7.69 4.54 -5.71
N VAL A 57 -6.94 4.56 -4.63
CA VAL A 57 -5.94 3.46 -4.41
C VAL A 57 -5.57 3.37 -2.93
N ALA A 58 -5.18 2.22 -2.46
CA ALA A 58 -4.79 2.11 -1.03
C ALA A 58 -3.41 2.75 -0.88
N PHE A 59 -3.28 3.67 0.02
CA PHE A 59 -1.98 4.38 0.15
C PHE A 59 -1.18 3.89 1.35
N VAL A 60 -0.46 2.81 1.19
CA VAL A 60 0.40 2.32 2.30
C VAL A 60 1.73 3.06 2.18
N ARG A 61 1.77 4.29 2.60
CA ARG A 61 3.03 5.06 2.44
C ARG A 61 4.05 4.64 3.50
N TYR A 62 5.12 4.04 3.04
CA TYR A 62 6.21 3.61 3.95
C TYR A 62 7.44 4.44 3.59
N ASN A 63 8.57 4.17 4.15
CA ASN A 63 9.76 4.97 3.76
C ASN A 63 10.95 4.03 3.44
N LYS A 64 11.87 3.89 4.36
CA LYS A 64 13.08 3.03 4.14
C LYS A 64 12.82 1.95 3.09
N ARG A 65 13.76 1.73 2.21
CA ARG A 65 13.59 0.69 1.16
C ARG A 65 13.29 -0.65 1.83
N GLU A 66 14.11 -1.06 2.76
CA GLU A 66 13.85 -2.34 3.46
C GLU A 66 12.42 -2.32 3.97
N GLU A 67 11.98 -1.19 4.47
CA GLU A 67 10.59 -1.10 4.97
C GLU A 67 9.66 -1.66 3.90
N ALA A 68 9.85 -1.24 2.67
CA ALA A 68 8.99 -1.77 1.57
C ALA A 68 9.11 -3.29 1.54
N GLN A 69 10.29 -3.81 1.75
CA GLN A 69 10.43 -5.30 1.73
C GLN A 69 9.38 -5.89 2.67
N GLU A 70 9.13 -5.21 3.77
CA GLU A 70 8.10 -5.71 4.75
C GLU A 70 6.70 -5.46 4.19
N ALA A 71 6.37 -4.22 3.99
CA ALA A 71 5.02 -3.86 3.48
C ALA A 71 4.69 -4.63 2.20
N ILE A 72 5.66 -5.21 1.56
CA ILE A 72 5.38 -5.96 0.32
C ILE A 72 5.14 -7.44 0.67
N SER A 73 6.10 -8.09 1.24
CA SER A 73 5.90 -9.52 1.60
C SER A 73 4.84 -9.65 2.70
N ALA A 74 4.36 -8.55 3.22
CA ALA A 74 3.33 -8.62 4.30
C ALA A 74 1.99 -8.08 3.77
N LEU A 75 1.98 -6.87 3.25
CA LEU A 75 0.70 -6.30 2.74
C LEU A 75 0.41 -6.85 1.34
N ASN A 76 1.41 -6.99 0.50
CA ASN A 76 1.14 -7.53 -0.87
C ASN A 76 0.20 -8.71 -0.73
N ASN A 77 -1.01 -8.58 -1.19
CA ASN A 77 -1.99 -9.69 -1.04
C ASN A 77 -2.47 -9.75 0.41
N VAL A 78 -3.54 -9.05 0.72
CA VAL A 78 -4.08 -9.09 2.11
C VAL A 78 -5.32 -9.99 2.09
N ILE A 79 -5.23 -11.04 1.32
CA ILE A 79 -6.37 -12.00 1.20
C ILE A 79 -5.78 -13.41 0.95
N PRO A 80 -6.62 -14.38 0.71
CA PRO A 80 -6.04 -15.72 0.49
C PRO A 80 -5.15 -15.73 -0.77
N GLU A 81 -5.76 -15.80 -1.92
CA GLU A 81 -4.95 -15.80 -3.18
C GLU A 81 -5.86 -15.91 -4.39
N GLY A 82 -6.02 -14.84 -5.12
CA GLY A 82 -6.91 -14.89 -6.33
C GLY A 82 -8.37 -15.07 -5.89
N GLY A 83 -8.82 -14.30 -4.94
CA GLY A 83 -10.23 -14.43 -4.47
C GLY A 83 -10.86 -13.04 -4.35
N SER A 84 -10.63 -12.37 -3.27
CA SER A 84 -11.23 -11.01 -3.08
C SER A 84 -10.43 -9.99 -3.88
N GLN A 85 -9.47 -10.42 -4.64
CA GLN A 85 -8.66 -9.45 -5.44
C GLN A 85 -7.77 -8.64 -4.48
N PRO A 86 -6.64 -9.19 -4.19
CA PRO A 86 -5.69 -8.52 -3.28
C PRO A 86 -5.28 -7.14 -3.78
N LEU A 87 -4.35 -6.51 -3.11
CA LEU A 87 -3.87 -5.16 -3.54
C LEU A 87 -2.64 -5.32 -4.41
N SER A 88 -2.40 -4.41 -5.30
CA SER A 88 -1.18 -4.50 -6.15
C SER A 88 -0.11 -3.59 -5.56
N VAL A 89 0.83 -4.16 -4.85
CA VAL A 89 1.89 -3.32 -4.21
C VAL A 89 2.95 -2.93 -5.25
N ARG A 90 3.86 -2.08 -4.84
CA ARG A 90 4.97 -1.56 -5.72
C ARG A 90 4.95 -0.04 -5.66
N LEU A 91 6.09 0.59 -5.59
CA LEU A 91 6.10 2.08 -5.51
C LEU A 91 5.54 2.68 -6.81
N ALA A 92 4.73 3.69 -6.69
CA ALA A 92 4.15 4.33 -7.91
C ALA A 92 5.03 5.50 -8.35
N GLU A 93 4.66 6.16 -9.41
CA GLU A 93 5.47 7.32 -9.89
C GLU A 93 4.67 8.61 -9.69
N GLU A 94 5.27 9.74 -9.99
CA GLU A 94 4.55 11.03 -9.81
C GLU A 94 4.17 11.21 -8.34
N HIS A 95 3.56 12.31 -8.00
CA HIS A 95 3.18 12.54 -6.58
C HIS A 95 2.57 11.26 -6.01
N GLY A 96 2.65 11.07 -4.72
CA GLY A 96 2.07 9.84 -4.10
C GLY A 96 2.01 10.03 -2.58
N LYS A 97 3.02 10.61 -2.00
CA LYS A 97 3.03 10.80 -0.52
C LYS A 97 2.17 12.02 -0.17
N MET A 1 15.52 -4.99 -15.11
CA MET A 1 16.39 -3.85 -14.70
C MET A 1 15.53 -2.79 -14.01
N SER A 2 14.24 -2.85 -14.19
CA SER A 2 13.35 -1.84 -13.53
C SER A 2 12.26 -2.57 -12.73
N TYR A 3 12.62 -3.59 -12.01
CA TYR A 3 11.62 -4.33 -11.20
C TYR A 3 12.19 -4.65 -9.82
N ALA A 4 11.50 -5.46 -9.06
CA ALA A 4 12.01 -5.82 -7.70
C ALA A 4 11.71 -4.69 -6.72
N ARG A 5 12.43 -3.60 -6.80
CA ARG A 5 12.18 -2.47 -5.87
C ARG A 5 12.48 -1.15 -6.57
N PRO A 6 11.45 -0.54 -7.07
CA PRO A 6 11.65 0.75 -7.77
C PRO A 6 11.69 1.91 -6.76
N GLY A 7 12.77 2.63 -6.72
CA GLY A 7 12.87 3.76 -5.76
C GLY A 7 12.64 5.08 -6.50
N GLY A 8 12.51 6.16 -5.77
CA GLY A 8 12.29 7.48 -6.44
C GLY A 8 11.52 8.39 -5.49
N GLU A 9 10.70 9.26 -6.03
CA GLU A 9 9.91 10.17 -5.15
C GLU A 9 8.83 9.38 -4.41
N SER A 10 8.80 9.45 -3.11
CA SER A 10 7.78 8.69 -2.35
C SER A 10 8.00 8.88 -0.85
N ILE A 11 7.32 9.84 -0.25
CA ILE A 11 7.50 10.09 1.21
C ILE A 11 9.00 10.08 1.55
N LYS A 12 9.78 10.82 0.80
CA LYS A 12 11.25 10.91 1.04
C LYS A 12 11.81 9.61 1.61
N ASP A 13 11.28 8.49 1.22
CA ASP A 13 11.81 7.20 1.74
C ASP A 13 11.36 6.04 0.84
N THR A 14 10.27 5.40 1.18
CA THR A 14 9.79 4.25 0.35
C THR A 14 8.32 3.92 0.64
N ASN A 15 7.40 4.46 -0.14
CA ASN A 15 5.96 4.14 0.08
C ASN A 15 5.51 3.13 -0.98
N LEU A 16 4.37 2.49 -0.82
CA LEU A 16 3.93 1.52 -1.86
C LEU A 16 2.47 1.77 -2.23
N TYR A 17 2.23 2.02 -3.50
CA TYR A 17 0.84 2.27 -3.97
C TYR A 17 0.13 0.92 -4.12
N VAL A 18 -0.91 0.72 -3.38
CA VAL A 18 -1.64 -0.57 -3.48
C VAL A 18 -2.86 -0.42 -4.41
N THR A 19 -3.19 -1.45 -5.13
CA THR A 19 -4.35 -1.36 -6.06
C THR A 19 -5.35 -2.47 -5.73
N ASN A 20 -6.53 -2.40 -6.27
CA ASN A 20 -7.55 -3.45 -5.98
C ASN A 20 -8.05 -3.31 -4.54
N LEU A 21 -7.85 -2.17 -3.96
CA LEU A 21 -8.30 -1.96 -2.54
C LEU A 21 -9.80 -2.29 -2.43
N PRO A 22 -10.07 -3.38 -1.76
CA PRO A 22 -11.49 -3.76 -1.59
C PRO A 22 -12.10 -2.98 -0.43
N ARG A 23 -13.36 -2.67 -0.50
CA ARG A 23 -14.01 -1.90 0.61
C ARG A 23 -14.52 -2.87 1.69
N THR A 24 -14.01 -4.06 1.71
CA THR A 24 -14.46 -5.03 2.75
C THR A 24 -13.59 -4.89 4.00
N ILE A 25 -12.56 -4.09 3.93
CA ILE A 25 -11.68 -3.90 5.12
C ILE A 25 -11.41 -2.41 5.32
N THR A 26 -10.46 -2.07 6.14
CA THR A 26 -10.17 -0.62 6.38
C THR A 26 -8.66 -0.39 6.39
N ASP A 27 -8.23 0.79 5.98
CA ASP A 27 -6.78 1.08 5.98
C ASP A 27 -6.22 0.91 7.39
N ASP A 28 -6.78 1.59 8.35
CA ASP A 28 -6.29 1.45 9.74
C ASP A 28 -6.20 -0.04 10.08
N GLN A 29 -6.96 -0.86 9.40
CA GLN A 29 -6.91 -2.32 9.68
C GLN A 29 -5.59 -2.89 9.15
N LEU A 30 -5.21 -2.52 7.96
CA LEU A 30 -3.92 -3.03 7.41
C LEU A 30 -2.84 -2.89 8.48
N ASP A 31 -2.90 -1.85 9.27
CA ASP A 31 -1.87 -1.66 10.33
C ASP A 31 -1.72 -2.97 11.13
N THR A 32 -2.82 -3.52 11.58
CA THR A 32 -2.75 -4.79 12.36
C THR A 32 -2.63 -5.98 11.40
N ILE A 33 -2.90 -5.79 10.14
CA ILE A 33 -2.81 -6.93 9.18
C ILE A 33 -1.33 -7.35 9.03
N PHE A 34 -0.44 -6.42 8.81
CA PHE A 34 1.00 -6.79 8.67
C PHE A 34 1.69 -6.72 10.03
N GLY A 35 1.40 -5.70 10.80
CA GLY A 35 2.04 -5.58 12.13
C GLY A 35 2.68 -4.20 12.28
N LYS A 36 3.82 -4.01 11.68
CA LYS A 36 4.49 -2.69 11.79
C LYS A 36 5.88 -2.76 11.13
N TYR A 37 5.93 -2.69 9.83
CA TYR A 37 7.24 -2.73 9.14
C TYR A 37 7.85 -1.33 9.21
N GLY A 38 7.82 -0.59 8.14
CA GLY A 38 8.36 0.80 8.20
C GLY A 38 7.42 1.62 9.08
N SER A 39 7.73 2.85 9.33
CA SER A 39 6.82 3.66 10.17
C SER A 39 5.65 4.11 9.29
N ILE A 40 4.67 3.24 9.09
CA ILE A 40 3.51 3.60 8.21
C ILE A 40 3.21 5.08 8.40
N VAL A 41 3.73 5.88 7.50
CA VAL A 41 3.59 7.35 7.56
C VAL A 41 2.21 7.81 7.05
N GLN A 42 1.15 7.17 7.52
CA GLN A 42 -0.25 7.57 7.13
C GLN A 42 -0.77 6.69 5.99
N LYS A 43 -1.53 5.68 6.32
CA LYS A 43 -2.12 4.80 5.25
C LYS A 43 -3.49 5.35 4.89
N ASN A 44 -3.80 5.51 3.63
CA ASN A 44 -5.13 6.07 3.27
C ASN A 44 -5.83 5.19 2.23
N ILE A 45 -7.12 5.35 2.10
CA ILE A 45 -7.88 4.55 1.10
C ILE A 45 -8.30 5.47 -0.05
N LEU A 46 -8.79 4.92 -1.12
CA LEU A 46 -9.20 5.77 -2.27
C LEU A 46 -10.43 5.15 -2.94
N ARG A 47 -11.53 5.85 -2.94
CA ARG A 47 -12.76 5.32 -3.59
C ARG A 47 -12.87 5.86 -5.01
N ASP A 48 -14.02 5.77 -5.61
CA ASP A 48 -14.17 6.30 -7.00
C ASP A 48 -14.16 7.83 -6.99
N LYS A 49 -13.97 8.44 -8.13
CA LYS A 49 -13.96 9.93 -8.18
C LYS A 49 -13.63 10.39 -9.61
N LEU A 50 -12.67 9.77 -10.23
CA LEU A 50 -12.31 10.16 -11.62
C LEU A 50 -12.69 9.04 -12.59
N THR A 51 -12.48 7.81 -12.20
CA THR A 51 -12.84 6.67 -13.10
C THR A 51 -14.33 6.35 -12.96
N GLY A 52 -14.73 5.18 -13.37
CA GLY A 52 -16.16 4.79 -13.25
C GLY A 52 -16.52 4.63 -11.78
N ARG A 53 -16.19 3.52 -11.20
CA ARG A 53 -16.52 3.31 -9.75
C ARG A 53 -15.76 2.07 -9.23
N PRO A 54 -16.31 0.92 -9.50
CA PRO A 54 -15.63 -0.30 -9.03
C PRO A 54 -14.14 -0.26 -9.40
N ARG A 55 -13.31 0.12 -8.47
CA ARG A 55 -11.84 0.19 -8.77
C ARG A 55 -11.05 -0.24 -7.53
N GLY A 56 -11.35 0.32 -6.39
CA GLY A 56 -10.62 -0.06 -5.15
C GLY A 56 -9.15 0.38 -5.25
N VAL A 57 -8.82 1.49 -4.66
CA VAL A 57 -7.42 1.98 -4.71
C VAL A 57 -6.95 2.33 -3.31
N ALA A 58 -5.70 2.11 -3.00
CA ALA A 58 -5.20 2.44 -1.63
C ALA A 58 -3.72 2.83 -1.71
N PHE A 59 -3.16 3.25 -0.61
CA PHE A 59 -1.73 3.65 -0.61
C PHE A 59 -1.16 3.48 0.80
N VAL A 60 -0.33 2.49 1.02
CA VAL A 60 0.26 2.30 2.38
C VAL A 60 1.50 3.19 2.46
N ARG A 61 1.38 4.30 3.14
CA ARG A 61 2.54 5.22 3.23
C ARG A 61 3.48 4.78 4.35
N TYR A 62 4.74 4.66 4.03
CA TYR A 62 5.78 4.28 5.05
C TYR A 62 7.15 4.65 4.48
N ASN A 63 8.21 4.54 5.22
CA ASN A 63 9.50 4.94 4.64
C ASN A 63 10.41 3.72 4.45
N LYS A 64 11.53 3.66 5.16
CA LYS A 64 12.50 2.51 5.05
C LYS A 64 12.30 1.68 3.79
N ARG A 65 13.19 1.78 2.83
CA ARG A 65 13.03 0.97 1.59
C ARG A 65 12.96 -0.52 1.94
N GLU A 66 13.75 -0.97 2.86
CA GLU A 66 13.69 -2.41 3.26
C GLU A 66 12.34 -2.65 3.93
N GLU A 67 11.90 -1.71 4.72
CA GLU A 67 10.59 -1.86 5.39
C GLU A 67 9.51 -2.00 4.31
N ALA A 68 9.72 -1.39 3.18
CA ALA A 68 8.72 -1.54 2.09
C ALA A 68 8.77 -2.99 1.64
N GLN A 69 9.94 -3.57 1.61
CA GLN A 69 10.05 -4.99 1.22
C GLN A 69 9.12 -5.79 2.13
N GLU A 70 8.98 -5.37 3.36
CA GLU A 70 8.06 -6.08 4.29
C GLU A 70 6.65 -5.99 3.73
N ALA A 71 6.22 -4.79 3.43
CA ALA A 71 4.85 -4.63 2.88
C ALA A 71 4.78 -5.26 1.48
N ILE A 72 5.88 -5.72 0.97
CA ILE A 72 5.86 -6.38 -0.37
C ILE A 72 5.45 -7.84 -0.16
N SER A 73 6.20 -8.56 0.62
CA SER A 73 5.87 -9.99 0.87
C SER A 73 4.75 -10.09 1.91
N ALA A 74 4.25 -8.98 2.38
CA ALA A 74 3.16 -9.05 3.40
C ALA A 74 1.98 -8.18 2.94
N LEU A 75 2.26 -6.99 2.46
CA LEU A 75 1.15 -6.09 2.00
C LEU A 75 0.83 -6.35 0.52
N ASN A 76 1.78 -6.79 -0.26
CA ASN A 76 1.48 -7.03 -1.71
C ASN A 76 0.17 -7.81 -1.82
N ASN A 77 -0.15 -8.57 -0.82
CA ASN A 77 -1.41 -9.37 -0.84
C ASN A 77 -1.94 -9.53 0.60
N VAL A 78 -2.56 -8.51 1.13
CA VAL A 78 -3.10 -8.62 2.52
C VAL A 78 -4.49 -9.28 2.48
N ILE A 79 -4.57 -10.50 2.92
CA ILE A 79 -5.88 -11.20 2.89
C ILE A 79 -5.65 -12.66 3.33
N PRO A 80 -6.71 -13.34 3.66
CA PRO A 80 -6.55 -14.75 4.08
C PRO A 80 -6.58 -15.68 2.86
N GLU A 81 -5.99 -15.25 1.77
CA GLU A 81 -5.98 -16.09 0.54
C GLU A 81 -7.33 -16.79 0.38
N GLY A 82 -8.39 -16.07 0.57
CA GLY A 82 -9.74 -16.68 0.43
C GLY A 82 -10.32 -16.32 -0.94
N GLY A 83 -9.81 -15.30 -1.56
CA GLY A 83 -10.32 -14.91 -2.90
C GLY A 83 -9.15 -14.45 -3.77
N SER A 84 -9.06 -13.17 -4.04
CA SER A 84 -7.94 -12.67 -4.87
C SER A 84 -8.12 -11.17 -5.12
N GLN A 85 -8.24 -10.39 -4.08
CA GLN A 85 -8.43 -8.92 -4.28
C GLN A 85 -7.69 -8.15 -3.18
N PRO A 86 -6.58 -8.68 -2.72
CA PRO A 86 -5.84 -7.93 -1.68
C PRO A 86 -5.27 -6.66 -2.28
N LEU A 87 -4.31 -6.06 -1.64
CA LEU A 87 -3.71 -4.83 -2.22
C LEU A 87 -2.39 -5.17 -2.92
N SER A 88 -2.34 -5.02 -4.20
CA SER A 88 -1.06 -5.30 -4.90
C SER A 88 -0.17 -4.08 -4.69
N VAL A 89 0.92 -4.24 -4.02
CA VAL A 89 1.79 -3.08 -3.72
C VAL A 89 2.90 -2.90 -4.74
N ARG A 90 3.60 -1.80 -4.66
CA ARG A 90 4.71 -1.50 -5.60
C ARG A 90 5.09 -0.01 -5.43
N LEU A 91 6.29 0.27 -5.00
CA LEU A 91 6.70 1.69 -4.81
C LEU A 91 6.19 2.54 -5.99
N ALA A 92 5.22 3.38 -5.74
CA ALA A 92 4.69 4.22 -6.84
C ALA A 92 5.81 5.07 -7.43
N GLU A 93 5.49 6.17 -8.05
CA GLU A 93 6.57 7.04 -8.62
C GLU A 93 5.96 8.36 -9.11
N GLU A 94 6.08 9.39 -8.33
CA GLU A 94 5.53 10.71 -8.74
C GLU A 94 4.01 10.75 -8.52
N HIS A 95 3.46 9.70 -7.96
CA HIS A 95 1.98 9.69 -7.72
C HIS A 95 1.66 10.62 -6.54
N GLY A 96 0.40 10.82 -6.27
CA GLY A 96 0.01 11.72 -5.14
C GLY A 96 0.28 11.01 -3.81
N LYS A 97 0.50 11.75 -2.76
CA LYS A 97 0.76 11.12 -1.44
C LYS A 97 0.44 12.11 -0.32
N MET A 1 11.29 -5.24 -5.33
CA MET A 1 11.41 -6.61 -5.93
C MET A 1 12.84 -6.80 -6.44
N SER A 2 13.30 -5.92 -7.29
CA SER A 2 14.68 -6.06 -7.82
C SER A 2 15.60 -5.07 -7.10
N TYR A 3 16.62 -4.60 -7.77
CA TYR A 3 17.55 -3.62 -7.11
C TYR A 3 17.06 -2.21 -7.39
N ALA A 4 15.81 -2.04 -7.68
CA ALA A 4 15.27 -0.67 -7.96
C ALA A 4 13.96 -0.47 -7.20
N ARG A 5 13.82 0.65 -6.55
CA ARG A 5 12.55 0.93 -5.79
C ARG A 5 12.28 2.43 -5.79
N PRO A 6 11.16 2.80 -5.22
CA PRO A 6 10.83 4.25 -5.19
C PRO A 6 10.90 4.79 -3.76
N GLY A 7 10.89 6.09 -3.60
CA GLY A 7 10.95 6.69 -2.23
C GLY A 7 10.16 8.00 -2.19
N GLY A 8 10.46 8.88 -1.26
CA GLY A 8 9.72 10.17 -1.19
C GLY A 8 10.29 11.04 -0.06
N GLU A 9 9.44 11.63 0.75
CA GLU A 9 9.93 12.50 1.87
C GLU A 9 8.92 12.51 3.02
N SER A 10 9.10 13.40 3.96
CA SER A 10 8.16 13.48 5.12
C SER A 10 8.48 12.39 6.15
N ILE A 11 7.66 12.23 7.15
CA ILE A 11 7.93 11.18 8.18
C ILE A 11 8.17 9.85 7.47
N LYS A 12 9.39 9.54 7.14
CA LYS A 12 9.63 8.24 6.46
C LYS A 12 8.85 8.23 5.12
N ASP A 13 9.38 7.66 4.06
CA ASP A 13 8.62 7.69 2.78
C ASP A 13 9.04 6.55 1.84
N THR A 14 8.27 5.52 1.86
CA THR A 14 8.46 4.33 0.97
C THR A 14 7.14 3.55 0.98
N ASN A 15 6.05 4.24 0.74
CA ASN A 15 4.72 3.59 0.78
C ASN A 15 4.49 2.75 -0.48
N LEU A 16 3.33 2.17 -0.59
CA LEU A 16 3.04 1.35 -1.80
C LEU A 16 1.57 1.53 -2.21
N TYR A 17 1.35 1.84 -3.46
CA TYR A 17 -0.03 2.07 -3.96
C TYR A 17 -0.73 0.74 -4.19
N VAL A 18 -1.49 0.29 -3.23
CA VAL A 18 -2.20 -1.00 -3.37
C VAL A 18 -3.46 -0.80 -4.21
N THR A 19 -3.46 -1.25 -5.44
CA THR A 19 -4.66 -1.05 -6.31
C THR A 19 -5.48 -2.34 -6.35
N ASN A 20 -6.69 -2.26 -6.85
CA ASN A 20 -7.57 -3.47 -6.93
C ASN A 20 -7.85 -4.00 -5.53
N LEU A 21 -8.72 -3.33 -4.80
CA LEU A 21 -9.04 -3.79 -3.42
C LEU A 21 -10.54 -3.63 -3.18
N PRO A 22 -11.04 -4.39 -2.23
CA PRO A 22 -12.48 -4.29 -1.92
C PRO A 22 -12.71 -3.32 -0.77
N ARG A 23 -13.92 -3.19 -0.31
CA ARG A 23 -14.20 -2.25 0.82
C ARG A 23 -14.19 -3.03 2.14
N THR A 24 -13.82 -4.28 2.11
CA THR A 24 -13.80 -5.07 3.36
C THR A 24 -12.52 -4.77 4.13
N ILE A 25 -11.63 -4.00 3.55
CA ILE A 25 -10.36 -3.67 4.25
C ILE A 25 -10.17 -2.14 4.26
N THR A 26 -9.94 -1.56 5.39
CA THR A 26 -9.74 -0.09 5.46
C THR A 26 -8.26 0.24 5.53
N ASP A 27 -7.91 1.50 5.41
CA ASP A 27 -6.48 1.88 5.47
C ASP A 27 -5.95 1.61 6.87
N ASP A 28 -6.59 2.12 7.88
CA ASP A 28 -6.11 1.88 9.28
C ASP A 28 -6.22 0.40 9.60
N GLN A 29 -6.89 -0.35 8.77
CA GLN A 29 -7.03 -1.81 9.03
C GLN A 29 -5.74 -2.53 8.62
N LEU A 30 -5.33 -2.39 7.40
CA LEU A 30 -4.08 -3.06 6.95
C LEU A 30 -2.98 -2.90 8.01
N ASP A 31 -2.91 -1.74 8.62
CA ASP A 31 -1.87 -1.51 9.66
C ASP A 31 -2.03 -2.53 10.79
N THR A 32 -3.23 -2.69 11.27
CA THR A 32 -3.46 -3.65 12.39
C THR A 32 -3.13 -5.08 11.92
N ILE A 33 -3.16 -5.35 10.65
CA ILE A 33 -2.85 -6.73 10.19
C ILE A 33 -1.33 -6.93 10.15
N PHE A 34 -0.57 -5.88 9.97
CA PHE A 34 0.91 -6.03 9.97
C PHE A 34 1.49 -5.36 11.22
N GLY A 35 1.51 -4.05 11.24
CA GLY A 35 2.05 -3.32 12.42
C GLY A 35 3.23 -4.09 13.03
N LYS A 36 4.39 -4.01 12.44
CA LYS A 36 5.54 -4.76 13.00
C LYS A 36 6.84 -4.39 12.29
N TYR A 37 6.96 -3.19 11.78
CA TYR A 37 8.23 -2.79 11.09
C TYR A 37 8.65 -1.39 11.56
N GLY A 38 8.32 -0.37 10.82
CA GLY A 38 8.71 1.01 11.22
C GLY A 38 7.46 1.82 11.55
N SER A 39 7.60 3.10 11.68
CA SER A 39 6.41 3.94 12.00
C SER A 39 5.62 4.19 10.71
N ILE A 40 4.85 3.21 10.27
CA ILE A 40 4.05 3.35 9.01
C ILE A 40 3.79 4.85 8.73
N VAL A 41 4.04 5.30 7.51
CA VAL A 41 3.88 6.76 7.18
C VAL A 41 2.56 7.09 6.46
N GLN A 42 1.44 6.80 7.05
CA GLN A 42 0.10 7.15 6.42
C GLN A 42 -0.48 6.01 5.57
N LYS A 43 -1.62 5.52 5.97
CA LYS A 43 -2.34 4.45 5.22
C LYS A 43 -3.66 5.05 4.73
N ASN A 44 -4.08 4.80 3.52
CA ASN A 44 -5.36 5.42 3.07
C ASN A 44 -6.06 4.55 2.01
N ILE A 45 -7.25 4.93 1.64
CA ILE A 45 -8.01 4.16 0.61
C ILE A 45 -8.83 5.14 -0.24
N LEU A 46 -8.47 5.30 -1.49
CA LEU A 46 -9.24 6.24 -2.35
C LEU A 46 -10.20 5.47 -3.24
N ARG A 47 -11.36 6.00 -3.50
CA ARG A 47 -12.35 5.29 -4.35
C ARG A 47 -12.68 6.14 -5.59
N ASP A 48 -13.68 6.98 -5.49
CA ASP A 48 -14.04 7.83 -6.65
C ASP A 48 -13.41 9.22 -6.50
N LYS A 49 -12.79 9.72 -7.53
CA LYS A 49 -12.16 11.07 -7.44
C LYS A 49 -12.28 11.80 -8.78
N LEU A 50 -13.35 11.55 -9.51
CA LEU A 50 -13.52 12.23 -10.82
C LEU A 50 -15.01 12.35 -11.14
N THR A 51 -15.67 11.23 -11.34
CA THR A 51 -17.13 11.28 -11.65
C THR A 51 -17.80 10.01 -11.15
N GLY A 52 -17.29 9.43 -10.09
CA GLY A 52 -17.91 8.19 -9.54
C GLY A 52 -17.57 7.01 -10.44
N ARG A 53 -16.30 6.74 -10.66
CA ARG A 53 -15.92 5.59 -11.52
C ARG A 53 -15.51 4.41 -10.63
N PRO A 54 -15.15 3.33 -11.26
CA PRO A 54 -14.74 2.15 -10.48
C PRO A 54 -13.23 1.93 -10.60
N ARG A 55 -12.51 2.03 -9.51
CA ARG A 55 -11.04 1.81 -9.56
C ARG A 55 -10.59 1.07 -8.30
N GLY A 56 -10.74 1.69 -7.16
CA GLY A 56 -10.32 1.03 -5.89
C GLY A 56 -8.80 1.11 -5.75
N VAL A 57 -8.32 1.99 -4.91
CA VAL A 57 -6.84 2.11 -4.72
C VAL A 57 -6.54 2.45 -3.26
N ALA A 58 -5.30 2.30 -2.86
CA ALA A 58 -4.94 2.62 -1.44
C ALA A 58 -3.44 2.94 -1.35
N PHE A 59 -2.99 3.32 -0.19
CA PHE A 59 -1.56 3.65 -0.01
C PHE A 59 -1.09 3.14 1.35
N VAL A 60 -0.35 2.06 1.40
CA VAL A 60 0.11 1.56 2.73
C VAL A 60 1.28 2.42 3.18
N ARG A 61 1.41 2.58 4.45
CA ARG A 61 2.51 3.41 5.00
C ARG A 61 3.78 2.56 5.16
N TYR A 62 4.87 3.00 4.58
CA TYR A 62 6.14 2.23 4.72
C TYR A 62 7.30 3.15 4.32
N ASN A 63 8.46 3.01 4.91
CA ASN A 63 9.59 3.89 4.50
C ASN A 63 10.85 3.05 4.34
N LYS A 64 11.65 2.92 5.38
CA LYS A 64 12.91 2.10 5.30
C LYS A 64 12.88 1.25 4.04
N ARG A 65 13.50 1.70 2.98
CA ARG A 65 13.46 0.96 1.68
C ARG A 65 13.33 -0.54 1.94
N GLU A 66 14.12 -1.08 2.83
CA GLU A 66 14.00 -2.54 3.13
C GLU A 66 12.64 -2.78 3.78
N GLU A 67 12.32 -2.02 4.78
CA GLU A 67 10.99 -2.16 5.44
C GLU A 67 9.89 -2.23 4.37
N ALA A 68 9.92 -1.40 3.37
CA ALA A 68 8.85 -1.51 2.34
C ALA A 68 8.94 -2.91 1.74
N GLN A 69 10.13 -3.38 1.49
CA GLN A 69 10.29 -4.75 0.95
C GLN A 69 9.39 -5.68 1.78
N GLU A 70 9.30 -5.42 3.06
CA GLU A 70 8.41 -6.25 3.92
C GLU A 70 6.98 -6.05 3.42
N ALA A 71 6.59 -4.81 3.25
CA ALA A 71 5.22 -4.55 2.77
C ALA A 71 5.05 -5.13 1.37
N ILE A 72 6.13 -5.53 0.74
CA ILE A 72 6.01 -6.14 -0.61
C ILE A 72 5.69 -7.62 -0.45
N SER A 73 6.62 -8.39 0.02
CA SER A 73 6.37 -9.85 0.21
C SER A 73 5.48 -10.09 1.44
N ALA A 74 5.01 -9.04 2.07
CA ALA A 74 4.14 -9.22 3.26
C ALA A 74 2.82 -8.46 3.06
N LEU A 75 2.89 -7.21 2.70
CA LEU A 75 1.63 -6.44 2.51
C LEU A 75 1.04 -6.73 1.11
N ASN A 76 1.86 -6.93 0.11
CA ASN A 76 1.30 -7.21 -1.24
C ASN A 76 0.34 -8.40 -1.15
N ASN A 77 -0.78 -8.35 -1.83
CA ASN A 77 -1.73 -9.48 -1.78
C ASN A 77 -2.08 -9.83 -0.34
N VAL A 78 -2.45 -8.86 0.46
CA VAL A 78 -2.79 -9.17 1.88
C VAL A 78 -4.28 -9.52 1.99
N ILE A 79 -4.60 -10.76 1.71
CA ILE A 79 -6.02 -11.21 1.81
C ILE A 79 -6.03 -12.64 2.36
N PRO A 80 -7.15 -13.31 2.21
CA PRO A 80 -7.21 -14.69 2.73
C PRO A 80 -6.82 -15.69 1.64
N GLU A 81 -6.02 -15.27 0.69
CA GLU A 81 -5.61 -16.19 -0.41
C GLU A 81 -6.81 -17.03 -0.86
N GLY A 82 -7.50 -16.58 -1.86
CA GLY A 82 -8.69 -17.34 -2.36
C GLY A 82 -9.71 -16.37 -2.94
N GLY A 83 -9.25 -15.43 -3.71
CA GLY A 83 -10.18 -14.43 -4.32
C GLY A 83 -10.01 -13.09 -3.60
N SER A 84 -10.89 -12.15 -3.82
CA SER A 84 -10.77 -10.82 -3.15
C SER A 84 -9.69 -9.99 -3.84
N GLN A 85 -9.00 -10.55 -4.80
CA GLN A 85 -7.94 -9.78 -5.50
C GLN A 85 -6.86 -9.38 -4.48
N PRO A 86 -5.64 -9.34 -4.95
CA PRO A 86 -4.54 -8.96 -4.04
C PRO A 86 -4.13 -7.50 -4.29
N LEU A 87 -3.70 -6.82 -3.27
CA LEU A 87 -3.31 -5.39 -3.45
C LEU A 87 -2.02 -5.29 -4.24
N SER A 88 -2.04 -4.60 -5.36
CA SER A 88 -0.80 -4.42 -6.14
C SER A 88 -0.02 -3.30 -5.46
N VAL A 89 1.01 -3.64 -4.74
CA VAL A 89 1.78 -2.61 -3.99
C VAL A 89 2.73 -1.83 -4.92
N ARG A 90 3.89 -1.44 -4.44
CA ARG A 90 4.85 -0.66 -5.27
C ARG A 90 4.49 0.84 -5.17
N LEU A 91 5.25 1.60 -4.45
CA LEU A 91 4.96 3.06 -4.30
C LEU A 91 4.50 3.64 -5.64
N ALA A 92 3.54 4.52 -5.61
CA ALA A 92 3.04 5.14 -6.88
C ALA A 92 3.64 6.54 -7.02
N GLU A 93 3.12 7.33 -7.92
CA GLU A 93 3.66 8.70 -8.11
C GLU A 93 2.86 9.70 -7.28
N GLU A 94 3.49 10.38 -6.36
CA GLU A 94 2.77 11.37 -5.52
C GLU A 94 3.61 11.73 -4.30
N HIS A 95 3.48 11.00 -3.23
CA HIS A 95 4.28 11.30 -2.02
C HIS A 95 3.86 10.37 -0.88
N GLY A 96 2.79 10.70 -0.19
CA GLY A 96 2.34 9.84 0.93
C GLY A 96 1.89 10.72 2.10
N LYS A 97 2.53 10.58 3.22
CA LYS A 97 2.15 11.41 4.40
C LYS A 97 2.88 12.76 4.31
N MET A 1 7.57 -10.90 -14.54
CA MET A 1 6.57 -11.42 -13.57
C MET A 1 6.69 -10.68 -12.25
N SER A 2 7.04 -9.42 -12.29
CA SER A 2 7.19 -8.63 -11.03
C SER A 2 7.60 -7.20 -11.36
N TYR A 3 7.42 -6.29 -10.44
CA TYR A 3 7.80 -4.88 -10.71
C TYR A 3 7.74 -4.09 -9.40
N ALA A 4 8.85 -3.58 -8.95
CA ALA A 4 8.87 -2.79 -7.69
C ALA A 4 10.30 -2.38 -7.37
N ARG A 5 10.55 -1.09 -7.27
CA ARG A 5 11.93 -0.63 -6.97
C ARG A 5 11.89 0.53 -5.98
N PRO A 6 11.02 0.41 -5.01
CA PRO A 6 10.90 1.48 -3.99
C PRO A 6 12.29 1.93 -3.51
N GLY A 7 12.42 3.19 -3.14
CA GLY A 7 13.74 3.70 -2.67
C GLY A 7 13.54 4.99 -1.87
N GLY A 8 14.30 5.18 -0.81
CA GLY A 8 14.15 6.44 0.00
C GLY A 8 14.33 6.14 1.49
N GLU A 9 14.97 7.00 2.22
CA GLU A 9 15.16 6.75 3.68
C GLU A 9 14.50 7.87 4.51
N SER A 10 13.32 7.63 4.99
CA SER A 10 12.60 8.66 5.82
C SER A 10 11.12 8.31 5.85
N ILE A 11 10.32 9.08 6.53
CA ILE A 11 8.86 8.74 6.59
C ILE A 11 8.13 9.46 5.44
N LYS A 12 8.56 9.27 4.21
CA LYS A 12 7.87 9.94 3.07
C LYS A 12 8.67 9.79 1.77
N ASP A 13 9.27 8.65 1.54
CA ASP A 13 10.05 8.46 0.28
C ASP A 13 9.78 7.08 -0.34
N THR A 14 8.77 6.39 0.13
CA THR A 14 8.48 5.04 -0.44
C THR A 14 7.02 4.66 -0.11
N ASN A 15 6.07 5.31 -0.72
CA ASN A 15 4.65 4.99 -0.43
C ASN A 15 4.28 3.70 -1.16
N LEU A 16 3.33 2.97 -0.65
CA LEU A 16 2.94 1.69 -1.28
C LEU A 16 1.70 1.90 -2.17
N TYR A 17 1.88 1.83 -3.47
CA TYR A 17 0.71 2.02 -4.38
C TYR A 17 -0.07 0.70 -4.43
N VAL A 18 -0.98 0.51 -3.53
CA VAL A 18 -1.76 -0.76 -3.51
C VAL A 18 -2.86 -0.70 -4.57
N THR A 19 -2.76 -1.50 -5.59
CA THR A 19 -3.82 -1.47 -6.66
C THR A 19 -4.51 -2.84 -6.71
N ASN A 20 -5.67 -2.90 -7.30
CA ASN A 20 -6.41 -4.20 -7.40
C ASN A 20 -7.09 -4.51 -6.06
N LEU A 21 -7.85 -3.58 -5.54
CA LEU A 21 -8.54 -3.84 -4.25
C LEU A 21 -9.72 -2.88 -4.08
N PRO A 22 -10.82 -3.40 -3.63
CA PRO A 22 -12.01 -2.56 -3.44
C PRO A 22 -11.98 -1.89 -2.06
N ARG A 23 -12.99 -1.14 -1.71
CA ARG A 23 -13.01 -0.48 -0.39
C ARG A 23 -13.65 -1.42 0.64
N THR A 24 -13.45 -2.70 0.51
CA THR A 24 -14.04 -3.66 1.47
C THR A 24 -13.18 -3.67 2.74
N ILE A 25 -11.91 -3.94 2.60
CA ILE A 25 -11.02 -3.96 3.80
C ILE A 25 -11.02 -2.56 4.43
N THR A 26 -10.53 -2.44 5.64
CA THR A 26 -10.51 -1.10 6.28
C THR A 26 -9.07 -0.59 6.39
N ASP A 27 -8.85 0.65 6.08
CA ASP A 27 -7.48 1.20 6.15
C ASP A 27 -6.92 0.99 7.57
N ASP A 28 -7.57 1.54 8.56
CA ASP A 28 -7.09 1.36 9.95
C ASP A 28 -6.82 -0.12 10.22
N GLN A 29 -7.41 -1.00 9.45
CA GLN A 29 -7.18 -2.46 9.69
C GLN A 29 -5.79 -2.85 9.20
N LEU A 30 -5.40 -2.43 8.03
CA LEU A 30 -4.04 -2.81 7.53
C LEU A 30 -3.03 -2.60 8.67
N ASP A 31 -3.32 -1.73 9.59
CA ASP A 31 -2.38 -1.49 10.73
C ASP A 31 -2.32 -2.77 11.59
N THR A 32 -3.46 -3.28 11.97
CA THR A 32 -3.48 -4.52 12.79
C THR A 32 -2.67 -5.60 12.09
N ILE A 33 -2.96 -5.86 10.85
CA ILE A 33 -2.19 -6.91 10.11
C ILE A 33 -0.73 -6.45 10.00
N PHE A 34 -0.51 -5.17 10.05
CA PHE A 34 0.89 -4.64 9.97
C PHE A 34 1.66 -5.08 11.23
N GLY A 35 1.61 -4.27 12.27
CA GLY A 35 2.31 -4.57 13.56
C GLY A 35 3.24 -5.77 13.47
N LYS A 36 4.23 -5.73 12.60
CA LYS A 36 5.16 -6.90 12.51
C LYS A 36 6.48 -6.53 11.81
N TYR A 37 6.70 -5.29 11.45
CA TYR A 37 7.98 -4.94 10.74
C TYR A 37 8.37 -3.49 11.04
N GLY A 38 7.82 -2.54 10.35
CA GLY A 38 8.18 -1.11 10.60
C GLY A 38 7.03 -0.43 11.34
N SER A 39 7.15 0.85 11.61
CA SER A 39 6.05 1.56 12.33
C SER A 39 5.09 2.18 11.33
N ILE A 40 5.12 1.69 10.13
CA ILE A 40 4.21 2.19 9.07
C ILE A 40 4.30 3.73 8.99
N VAL A 41 3.83 4.33 7.91
CA VAL A 41 3.96 5.83 7.76
C VAL A 41 2.65 6.54 7.30
N GLN A 42 1.53 6.26 7.93
CA GLN A 42 0.23 6.94 7.56
C GLN A 42 -0.49 6.22 6.38
N LYS A 43 -1.34 5.27 6.68
CA LYS A 43 -2.10 4.53 5.60
C LYS A 43 -3.26 5.39 5.12
N ASN A 44 -3.58 5.32 3.85
CA ASN A 44 -4.70 6.14 3.31
C ASN A 44 -5.21 5.54 1.99
N ILE A 45 -6.46 5.16 1.93
CA ILE A 45 -7.00 4.56 0.68
C ILE A 45 -7.45 5.67 -0.29
N LEU A 46 -7.61 5.35 -1.55
CA LEU A 46 -8.01 6.40 -2.54
C LEU A 46 -8.95 5.81 -3.60
N ARG A 47 -10.20 6.18 -3.59
CA ARG A 47 -11.13 5.63 -4.62
C ARG A 47 -12.38 6.51 -4.75
N ASP A 48 -13.44 6.16 -4.08
CA ASP A 48 -14.68 6.98 -4.18
C ASP A 48 -14.96 7.67 -2.85
N LYS A 49 -16.12 8.27 -2.72
CA LYS A 49 -16.46 8.96 -1.44
C LYS A 49 -17.87 8.56 -1.01
N LEU A 50 -18.85 8.85 -1.82
CA LEU A 50 -20.26 8.49 -1.45
C LEU A 50 -20.69 7.25 -2.25
N THR A 51 -20.77 7.35 -3.54
CA THR A 51 -21.18 6.18 -4.37
C THR A 51 -20.56 6.30 -5.76
N GLY A 52 -20.80 5.32 -6.60
CA GLY A 52 -20.23 5.37 -7.98
C GLY A 52 -18.82 4.78 -7.96
N ARG A 53 -18.55 3.87 -7.06
CA ARG A 53 -17.19 3.26 -7.00
C ARG A 53 -16.88 2.60 -8.35
N PRO A 54 -15.68 2.81 -8.82
CA PRO A 54 -15.29 2.19 -10.10
C PRO A 54 -14.34 1.02 -9.88
N ARG A 55 -13.30 1.22 -9.12
CA ARG A 55 -12.34 0.10 -8.87
C ARG A 55 -11.87 0.14 -7.41
N GLY A 56 -10.77 0.79 -7.15
CA GLY A 56 -10.27 0.85 -5.74
C GLY A 56 -8.73 0.92 -5.75
N VAL A 57 -8.18 2.08 -5.50
CA VAL A 57 -6.70 2.21 -5.48
C VAL A 57 -6.28 2.91 -4.19
N ALA A 58 -5.67 2.20 -3.28
CA ALA A 58 -5.25 2.83 -2.01
C ALA A 58 -3.73 2.97 -1.95
N PHE A 59 -3.24 3.55 -0.90
CA PHE A 59 -1.77 3.72 -0.75
C PHE A 59 -1.37 3.33 0.68
N VAL A 60 -0.68 2.24 0.85
CA VAL A 60 -0.28 1.85 2.21
C VAL A 60 0.91 2.71 2.62
N ARG A 61 1.12 2.85 3.88
CA ARG A 61 2.22 3.69 4.37
C ARG A 61 3.45 2.84 4.66
N TYR A 62 4.46 2.97 3.86
CA TYR A 62 5.69 2.16 4.10
C TYR A 62 6.84 2.79 3.32
N ASN A 63 7.31 3.94 3.73
CA ASN A 63 8.41 4.55 2.96
C ASN A 63 9.67 3.71 3.13
N LYS A 64 10.62 4.17 3.92
CA LYS A 64 11.90 3.41 4.14
C LYS A 64 11.99 2.22 3.17
N ARG A 65 12.57 2.43 2.01
CA ARG A 65 12.66 1.36 0.98
C ARG A 65 12.71 -0.04 1.63
N GLU A 66 13.39 -0.17 2.73
CA GLU A 66 13.43 -1.50 3.40
C GLU A 66 12.02 -1.86 3.84
N GLU A 67 11.43 -1.04 4.66
CA GLU A 67 10.05 -1.31 5.13
C GLU A 67 9.13 -1.54 3.93
N ALA A 68 9.20 -0.69 2.94
CA ALA A 68 8.32 -0.88 1.74
C ALA A 68 8.46 -2.32 1.27
N GLN A 69 9.64 -2.87 1.31
CA GLN A 69 9.83 -4.29 0.88
C GLN A 69 8.97 -5.18 1.78
N GLU A 70 8.97 -4.90 3.05
CA GLU A 70 8.16 -5.71 4.00
C GLU A 70 6.70 -5.74 3.54
N ALA A 71 6.13 -4.61 3.25
CA ALA A 71 4.70 -4.57 2.82
C ALA A 71 4.59 -5.16 1.42
N ILE A 72 5.70 -5.32 0.75
CA ILE A 72 5.66 -5.91 -0.61
C ILE A 72 5.42 -7.41 -0.48
N SER A 73 6.36 -8.11 0.10
CA SER A 73 6.20 -9.58 0.27
C SER A 73 5.29 -9.90 1.46
N ALA A 74 4.85 -8.90 2.17
CA ALA A 74 3.96 -9.17 3.35
C ALA A 74 2.58 -8.54 3.13
N LEU A 75 2.54 -7.28 2.78
CA LEU A 75 1.22 -6.62 2.57
C LEU A 75 0.67 -7.00 1.19
N ASN A 76 1.51 -7.32 0.24
CA ASN A 76 0.99 -7.72 -1.10
C ASN A 76 -0.14 -8.72 -0.88
N ASN A 77 -1.37 -8.28 -0.99
CA ASN A 77 -2.51 -9.21 -0.76
C ASN A 77 -2.60 -9.47 0.74
N VAL A 78 -3.39 -8.70 1.45
CA VAL A 78 -3.51 -8.91 2.91
C VAL A 78 -4.60 -9.96 3.17
N ILE A 79 -4.48 -11.09 2.54
CA ILE A 79 -5.47 -12.18 2.72
C ILE A 79 -4.72 -13.49 2.96
N PRO A 80 -5.24 -14.28 3.85
CA PRO A 80 -4.56 -15.57 4.13
C PRO A 80 -4.07 -16.22 2.84
N GLU A 81 -4.96 -16.79 2.07
CA GLU A 81 -4.54 -17.44 0.79
C GLU A 81 -5.76 -18.11 0.14
N GLY A 82 -5.76 -18.24 -1.16
CA GLY A 82 -6.91 -18.90 -1.83
C GLY A 82 -7.62 -17.88 -2.74
N GLY A 83 -7.10 -16.69 -2.83
CA GLY A 83 -7.74 -15.66 -3.70
C GLY A 83 -7.89 -14.35 -2.92
N SER A 84 -8.73 -13.48 -3.38
CA SER A 84 -8.94 -12.16 -2.70
C SER A 84 -7.87 -11.17 -3.16
N GLN A 85 -6.62 -11.47 -2.90
CA GLN A 85 -5.50 -10.57 -3.33
C GLN A 85 -5.97 -9.12 -3.42
N PRO A 86 -5.79 -8.36 -2.36
CA PRO A 86 -6.24 -6.96 -2.42
C PRO A 86 -5.11 -5.99 -2.04
N LEU A 87 -4.07 -5.91 -2.82
CA LEU A 87 -2.96 -4.97 -2.48
C LEU A 87 -1.80 -5.15 -3.45
N SER A 88 -1.82 -4.46 -4.56
CA SER A 88 -0.69 -4.57 -5.52
C SER A 88 0.42 -3.65 -5.02
N VAL A 89 1.48 -4.22 -4.51
CA VAL A 89 2.59 -3.41 -3.94
C VAL A 89 3.56 -2.96 -5.04
N ARG A 90 4.14 -1.79 -4.85
CA ARG A 90 5.12 -1.22 -5.83
C ARG A 90 5.06 0.30 -5.69
N LEU A 91 6.18 0.95 -5.55
CA LEU A 91 6.18 2.44 -5.40
C LEU A 91 5.52 3.07 -6.62
N ALA A 92 4.89 4.20 -6.44
CA ALA A 92 4.22 4.87 -7.59
C ALA A 92 4.76 6.30 -7.75
N GLU A 93 4.64 7.12 -6.74
CA GLU A 93 5.13 8.52 -6.84
C GLU A 93 5.89 8.89 -5.56
N GLU A 94 6.41 10.09 -5.51
CA GLU A 94 7.16 10.52 -4.29
C GLU A 94 6.46 11.73 -3.67
N HIS A 95 5.41 11.50 -2.93
CA HIS A 95 4.68 12.64 -2.31
C HIS A 95 3.77 12.13 -1.20
N GLY A 96 3.81 12.74 -0.04
CA GLY A 96 2.94 12.27 1.08
C GLY A 96 3.62 11.11 1.80
N LYS A 97 2.96 10.51 2.76
CA LYS A 97 3.57 9.38 3.50
C LYS A 97 2.73 8.12 3.30
N MET A 1 13.79 6.71 -12.84
CA MET A 1 14.48 5.81 -13.81
C MET A 1 15.60 5.04 -13.09
N SER A 2 15.75 5.25 -11.81
CA SER A 2 16.80 4.53 -11.06
C SER A 2 16.77 3.04 -11.44
N TYR A 3 15.71 2.36 -11.06
CA TYR A 3 15.62 0.90 -11.41
C TYR A 3 14.16 0.46 -11.36
N ALA A 4 13.50 0.63 -10.24
CA ALA A 4 12.08 0.20 -10.14
C ALA A 4 11.52 0.60 -8.78
N ARG A 5 11.82 -0.17 -7.76
CA ARG A 5 11.30 0.16 -6.40
C ARG A 5 11.56 1.65 -6.11
N PRO A 6 10.58 2.30 -5.54
CA PRO A 6 10.78 3.74 -5.23
C PRO A 6 10.56 4.00 -3.74
N GLY A 7 10.98 5.14 -3.26
CA GLY A 7 10.79 5.46 -1.81
C GLY A 7 12.03 6.19 -1.27
N GLY A 8 11.84 7.04 -0.29
CA GLY A 8 13.01 7.77 0.29
C GLY A 8 13.50 7.06 1.54
N GLU A 9 14.37 7.67 2.29
CA GLU A 9 14.90 7.01 3.53
C GLU A 9 14.18 7.56 4.77
N SER A 10 14.31 6.89 5.88
CA SER A 10 13.64 7.37 7.12
C SER A 10 12.16 7.61 6.83
N ILE A 11 11.37 7.90 7.83
CA ILE A 11 9.93 8.16 7.57
C ILE A 11 9.81 9.31 6.57
N LYS A 12 9.82 9.02 5.31
CA LYS A 12 9.73 10.10 4.30
C LYS A 12 8.61 9.76 3.32
N ASP A 13 8.86 8.90 2.37
CA ASP A 13 7.77 8.57 1.42
C ASP A 13 8.04 7.25 0.70
N THR A 14 7.53 6.17 1.23
CA THR A 14 7.68 4.85 0.57
C THR A 14 6.40 4.06 0.81
N ASN A 15 5.27 4.70 0.66
CA ASN A 15 3.98 3.98 0.85
C ASN A 15 3.80 3.14 -0.40
N LEU A 16 3.05 2.07 -0.35
CA LEU A 16 2.94 1.26 -1.60
C LEU A 16 1.64 1.60 -2.33
N TYR A 17 1.69 1.60 -3.63
CA TYR A 17 0.48 1.91 -4.42
C TYR A 17 -0.37 0.64 -4.44
N VAL A 18 -1.08 0.38 -3.38
CA VAL A 18 -1.90 -0.85 -3.32
C VAL A 18 -3.18 -0.66 -4.13
N THR A 19 -3.24 -1.25 -5.28
CA THR A 19 -4.46 -1.12 -6.13
C THR A 19 -5.09 -2.50 -6.29
N ASN A 20 -6.35 -2.63 -5.99
CA ASN A 20 -7.05 -3.95 -6.12
C ASN A 20 -8.29 -3.97 -5.24
N LEU A 21 -8.12 -3.91 -3.95
CA LEU A 21 -9.30 -3.94 -3.02
C LEU A 21 -10.44 -3.10 -3.60
N PRO A 22 -11.62 -3.35 -3.08
CA PRO A 22 -12.80 -2.59 -3.57
C PRO A 22 -13.41 -1.78 -2.42
N ARG A 23 -12.60 -1.03 -1.72
CA ARG A 23 -13.11 -0.21 -0.59
C ARG A 23 -13.96 -1.08 0.35
N THR A 24 -13.77 -2.37 0.32
CA THR A 24 -14.56 -3.25 1.21
C THR A 24 -13.86 -3.37 2.57
N ILE A 25 -12.58 -3.16 2.60
CA ILE A 25 -11.83 -3.25 3.89
C ILE A 25 -11.43 -1.84 4.33
N THR A 26 -10.52 -1.72 5.26
CA THR A 26 -10.12 -0.36 5.72
C THR A 26 -8.59 -0.26 5.76
N ASP A 27 -8.04 0.77 5.17
CA ASP A 27 -6.55 0.92 5.20
C ASP A 27 -6.10 0.98 6.65
N ASP A 28 -6.71 1.84 7.44
CA ASP A 28 -6.32 1.95 8.87
C ASP A 28 -6.25 0.55 9.49
N GLN A 29 -7.01 -0.37 8.96
CA GLN A 29 -6.99 -1.75 9.51
C GLN A 29 -5.70 -2.46 9.10
N LEU A 30 -5.29 -2.30 7.86
CA LEU A 30 -4.04 -2.98 7.42
C LEU A 30 -2.92 -2.77 8.45
N ASP A 31 -2.92 -1.65 9.12
CA ASP A 31 -1.84 -1.41 10.14
C ASP A 31 -1.92 -2.48 11.23
N THR A 32 -3.01 -2.53 11.93
CA THR A 32 -3.15 -3.54 13.02
C THR A 32 -3.11 -4.95 12.43
N ILE A 33 -3.15 -5.08 11.14
CA ILE A 33 -3.10 -6.45 10.54
C ILE A 33 -1.65 -6.93 10.42
N PHE A 34 -0.72 -6.08 10.04
CA PHE A 34 0.69 -6.55 9.93
C PHE A 34 1.54 -5.95 11.06
N GLY A 35 1.54 -4.65 11.22
CA GLY A 35 2.34 -3.96 12.30
C GLY A 35 3.40 -4.90 12.87
N LYS A 36 4.39 -5.25 12.09
CA LYS A 36 5.44 -6.18 12.61
C LYS A 36 6.83 -5.80 12.12
N TYR A 37 6.95 -5.13 11.00
CA TYR A 37 8.31 -4.77 10.50
C TYR A 37 8.63 -3.33 10.93
N GLY A 38 7.66 -2.47 10.91
CA GLY A 38 7.90 -1.07 11.31
C GLY A 38 6.64 -0.51 11.97
N SER A 39 6.55 0.78 12.10
CA SER A 39 5.34 1.37 12.73
C SER A 39 4.52 2.10 11.67
N ILE A 40 4.50 1.56 10.48
CA ILE A 40 3.75 2.16 9.31
C ILE A 40 3.95 3.69 9.23
N VAL A 41 3.95 4.25 8.05
CA VAL A 41 4.21 5.72 7.89
C VAL A 41 2.97 6.55 7.48
N GLN A 42 2.12 6.04 6.62
CA GLN A 42 0.90 6.85 6.20
C GLN A 42 0.07 6.09 5.15
N LYS A 43 -1.05 5.52 5.56
CA LYS A 43 -1.88 4.72 4.62
C LYS A 43 -3.21 5.43 4.37
N ASN A 44 -3.78 5.24 3.21
CA ASN A 44 -5.09 5.90 2.91
C ASN A 44 -5.78 5.14 1.77
N ILE A 45 -6.99 5.49 1.45
CA ILE A 45 -7.71 4.79 0.36
C ILE A 45 -8.79 5.69 -0.23
N LEU A 46 -9.04 5.59 -1.51
CA LEU A 46 -10.07 6.46 -2.14
C LEU A 46 -10.66 5.75 -3.36
N ARG A 47 -11.93 5.94 -3.61
CA ARG A 47 -12.56 5.28 -4.79
C ARG A 47 -13.57 6.24 -5.44
N ASP A 48 -14.78 6.30 -4.92
CA ASP A 48 -15.81 7.22 -5.51
C ASP A 48 -17.20 6.72 -5.12
N LYS A 49 -18.23 7.37 -5.60
CA LYS A 49 -19.61 6.93 -5.27
C LYS A 49 -20.62 7.76 -6.07
N LEU A 50 -20.65 9.04 -5.86
CA LEU A 50 -21.62 9.90 -6.62
C LEU A 50 -20.91 10.53 -7.81
N THR A 51 -20.17 9.78 -8.58
CA THR A 51 -19.47 10.34 -9.75
C THR A 51 -19.09 9.23 -10.73
N GLY A 52 -18.34 8.27 -10.29
CA GLY A 52 -17.94 7.15 -11.19
C GLY A 52 -16.79 6.37 -10.56
N ARG A 53 -17.06 5.20 -10.07
CA ARG A 53 -15.98 4.39 -9.43
C ARG A 53 -15.68 3.16 -10.29
N PRO A 54 -14.67 3.29 -11.11
CA PRO A 54 -14.28 2.15 -11.96
C PRO A 54 -13.06 1.45 -11.37
N ARG A 55 -12.38 2.11 -10.47
CA ARG A 55 -11.17 1.52 -9.84
C ARG A 55 -10.34 2.65 -9.27
N GLY A 56 -10.31 2.80 -7.97
CA GLY A 56 -9.50 3.89 -7.39
C GLY A 56 -8.12 3.35 -7.07
N VAL A 57 -7.66 3.60 -5.90
CA VAL A 57 -6.31 3.11 -5.51
C VAL A 57 -6.12 3.22 -4.00
N ALA A 58 -5.02 2.76 -3.51
CA ALA A 58 -4.75 2.86 -2.05
C ALA A 58 -3.24 3.03 -1.83
N PHE A 59 -2.86 3.54 -0.69
CA PHE A 59 -1.41 3.70 -0.41
C PHE A 59 -1.14 3.14 0.98
N VAL A 60 -0.34 2.11 1.09
CA VAL A 60 -0.09 1.57 2.46
C VAL A 60 1.06 2.32 3.13
N ARG A 61 1.10 2.20 4.42
CA ARG A 61 2.10 2.91 5.27
C ARG A 61 3.49 2.29 5.29
N TYR A 62 4.46 2.91 4.65
CA TYR A 62 5.84 2.38 4.74
C TYR A 62 6.85 3.43 4.27
N ASN A 63 8.00 3.49 4.89
CA ASN A 63 9.02 4.44 4.44
C ASN A 63 10.27 3.60 4.18
N LYS A 64 11.41 4.01 4.67
CA LYS A 64 12.67 3.21 4.45
C LYS A 64 12.48 2.21 3.30
N ARG A 65 12.86 2.59 2.12
CA ARG A 65 12.69 1.70 0.92
C ARG A 65 12.73 0.22 1.34
N GLU A 66 13.61 -0.13 2.26
CA GLU A 66 13.66 -1.55 2.70
C GLU A 66 12.33 -1.88 3.39
N GLU A 67 11.97 -1.13 4.39
CA GLU A 67 10.68 -1.39 5.08
C GLU A 67 9.58 -1.65 4.05
N ALA A 68 9.51 -0.85 3.01
CA ALA A 68 8.46 -1.09 1.99
C ALA A 68 8.62 -2.53 1.50
N GLN A 69 9.83 -2.93 1.20
CA GLN A 69 10.06 -4.32 0.74
C GLN A 69 9.28 -5.26 1.66
N GLU A 70 9.25 -4.97 2.93
CA GLU A 70 8.49 -5.82 3.87
C GLU A 70 7.04 -5.86 3.41
N ALA A 71 6.45 -4.71 3.26
CA ALA A 71 5.04 -4.64 2.81
C ALA A 71 4.89 -5.27 1.43
N ILE A 72 5.97 -5.51 0.76
CA ILE A 72 5.88 -6.14 -0.59
C ILE A 72 5.75 -7.65 -0.41
N SER A 73 6.74 -8.28 0.16
CA SER A 73 6.66 -9.76 0.36
C SER A 73 5.76 -10.06 1.57
N ALA A 74 5.12 -9.07 2.12
CA ALA A 74 4.25 -9.31 3.30
C ALA A 74 2.86 -8.70 3.06
N LEU A 75 2.80 -7.44 2.71
CA LEU A 75 1.48 -6.80 2.46
C LEU A 75 0.95 -7.18 1.08
N ASN A 76 1.80 -7.50 0.14
CA ASN A 76 1.27 -7.89 -1.20
C ASN A 76 0.16 -8.92 -0.97
N ASN A 77 -1.06 -8.48 -0.94
CA ASN A 77 -2.19 -9.42 -0.68
C ASN A 77 -2.18 -9.79 0.81
N VAL A 78 -2.28 -8.82 1.68
CA VAL A 78 -2.28 -9.14 3.15
C VAL A 78 -3.68 -9.64 3.55
N ILE A 79 -3.98 -10.87 3.24
CA ILE A 79 -5.31 -11.43 3.58
C ILE A 79 -5.12 -12.80 4.22
N PRO A 80 -6.19 -13.55 4.27
CA PRO A 80 -6.09 -14.90 4.87
C PRO A 80 -6.04 -15.96 3.77
N GLU A 81 -5.36 -15.68 2.70
CA GLU A 81 -5.26 -16.67 1.59
C GLU A 81 -6.66 -17.20 1.27
N GLY A 82 -7.56 -16.34 0.89
CA GLY A 82 -8.94 -16.79 0.56
C GLY A 82 -9.89 -15.59 0.55
N GLY A 83 -9.80 -14.75 1.54
CA GLY A 83 -10.69 -13.55 1.59
C GLY A 83 -10.57 -12.78 0.28
N SER A 84 -11.22 -11.65 0.18
CA SER A 84 -11.13 -10.86 -1.08
C SER A 84 -10.75 -9.41 -0.76
N GLN A 85 -9.51 -9.17 -0.44
CA GLN A 85 -9.07 -7.78 -0.12
C GLN A 85 -7.55 -7.70 -0.14
N PRO A 86 -6.99 -7.92 -1.30
CA PRO A 86 -5.51 -7.86 -1.39
C PRO A 86 -5.06 -6.45 -1.79
N LEU A 87 -3.80 -6.29 -2.10
CA LEU A 87 -3.29 -4.94 -2.50
C LEU A 87 -2.13 -5.09 -3.48
N SER A 88 -2.22 -4.47 -4.63
CA SER A 88 -1.08 -4.56 -5.59
C SER A 88 -0.02 -3.58 -5.09
N VAL A 89 0.98 -4.08 -4.42
CA VAL A 89 2.03 -3.19 -3.84
C VAL A 89 3.03 -2.72 -4.90
N ARG A 90 3.51 -1.52 -4.72
CA ARG A 90 4.50 -0.92 -5.65
C ARG A 90 4.61 0.57 -5.32
N LEU A 91 5.48 0.91 -4.40
CA LEU A 91 5.63 2.34 -4.00
C LEU A 91 5.50 3.26 -5.22
N ALA A 92 4.92 4.41 -5.02
CA ALA A 92 4.75 5.36 -6.16
C ALA A 92 5.88 6.39 -6.13
N GLU A 93 5.76 7.45 -6.90
CA GLU A 93 6.83 8.47 -6.91
C GLU A 93 6.20 9.86 -6.75
N GLU A 94 5.72 10.17 -5.58
CA GLU A 94 5.09 11.51 -5.35
C GLU A 94 4.57 11.59 -3.93
N HIS A 95 3.44 10.99 -3.67
CA HIS A 95 2.87 11.03 -2.30
C HIS A 95 3.88 10.44 -1.31
N GLY A 96 3.83 10.87 -0.08
CA GLY A 96 4.80 10.32 0.92
C GLY A 96 4.04 9.89 2.18
N LYS A 97 4.30 10.52 3.29
CA LYS A 97 3.60 10.12 4.54
C LYS A 97 2.59 11.21 4.93
N MET A 1 19.75 -11.43 -9.78
CA MET A 1 19.49 -10.05 -10.28
C MET A 1 18.06 -9.65 -9.90
N SER A 2 17.75 -9.62 -8.63
CA SER A 2 16.38 -9.24 -8.20
C SER A 2 16.45 -7.97 -7.36
N TYR A 3 15.64 -6.99 -7.67
CA TYR A 3 15.67 -5.72 -6.89
C TYR A 3 14.28 -5.07 -6.94
N ALA A 4 14.11 -4.00 -6.22
CA ALA A 4 12.78 -3.31 -6.22
C ALA A 4 12.83 -2.12 -7.16
N ARG A 5 11.72 -1.73 -7.72
CA ARG A 5 11.71 -0.58 -8.66
C ARG A 5 11.59 0.73 -7.88
N PRO A 6 10.96 0.67 -6.73
CA PRO A 6 10.82 1.92 -5.96
C PRO A 6 11.80 1.98 -4.79
N GLY A 7 11.87 3.11 -4.13
CA GLY A 7 12.80 3.27 -2.98
C GLY A 7 12.47 4.56 -2.23
N GLY A 8 13.35 5.02 -1.38
CA GLY A 8 13.07 6.29 -0.63
C GLY A 8 13.96 6.36 0.62
N GLU A 9 13.52 7.03 1.65
CA GLU A 9 14.36 7.14 2.88
C GLU A 9 13.54 7.71 4.04
N SER A 10 13.70 7.16 5.22
CA SER A 10 12.93 7.68 6.41
C SER A 10 11.47 7.87 6.04
N ILE A 11 10.69 8.45 6.92
CA ILE A 11 9.25 8.66 6.60
C ILE A 11 9.14 9.85 5.64
N LYS A 12 9.34 9.61 4.37
CA LYS A 12 9.27 10.71 3.38
C LYS A 12 8.57 10.25 2.09
N ASP A 13 9.22 9.47 1.28
CA ASP A 13 8.57 9.03 0.01
C ASP A 13 8.97 7.60 -0.39
N THR A 14 8.30 6.64 0.16
CA THR A 14 8.56 5.21 -0.17
C THR A 14 7.32 4.42 0.29
N ASN A 15 6.16 4.99 0.10
CA ASN A 15 4.91 4.32 0.54
C ASN A 15 4.56 3.19 -0.41
N LEU A 16 3.41 2.59 -0.21
CA LEU A 16 3.00 1.44 -1.06
C LEU A 16 1.87 1.85 -2.01
N TYR A 17 2.07 1.68 -3.28
CA TYR A 17 0.99 2.01 -4.25
C TYR A 17 0.17 0.74 -4.45
N VAL A 18 -0.91 0.59 -3.72
CA VAL A 18 -1.72 -0.64 -3.87
C VAL A 18 -2.82 -0.45 -4.91
N THR A 19 -2.94 -1.37 -5.83
CA THR A 19 -3.98 -1.24 -6.88
C THR A 19 -4.82 -2.52 -6.92
N ASN A 20 -5.73 -2.62 -7.85
CA ASN A 20 -6.57 -3.84 -7.94
C ASN A 20 -7.25 -4.10 -6.60
N LEU A 21 -8.20 -3.28 -6.23
CA LEU A 21 -8.90 -3.49 -4.93
C LEU A 21 -9.93 -2.38 -4.71
N PRO A 22 -10.96 -2.72 -3.97
CA PRO A 22 -12.01 -1.72 -3.70
C PRO A 22 -11.98 -1.30 -2.23
N ARG A 23 -12.96 -0.58 -1.78
CA ARG A 23 -12.98 -0.15 -0.35
C ARG A 23 -13.64 -1.23 0.50
N THR A 24 -13.35 -2.48 0.24
CA THR A 24 -13.96 -3.57 1.04
C THR A 24 -13.21 -3.72 2.35
N ILE A 25 -11.94 -3.40 2.36
CA ILE A 25 -11.14 -3.52 3.61
C ILE A 25 -10.83 -2.11 4.13
N THR A 26 -10.45 -2.01 5.39
CA THR A 26 -10.14 -0.67 5.95
C THR A 26 -8.62 -0.47 5.97
N ASP A 27 -8.17 0.69 5.59
CA ASP A 27 -6.70 0.95 5.61
C ASP A 27 -6.22 0.84 7.05
N ASP A 28 -6.90 1.46 7.97
CA ASP A 28 -6.49 1.38 9.39
C ASP A 28 -6.38 -0.09 9.81
N GLN A 29 -7.01 -0.98 9.08
CA GLN A 29 -6.92 -2.42 9.43
C GLN A 29 -5.58 -2.98 8.99
N LEU A 30 -5.21 -2.80 7.76
CA LEU A 30 -3.89 -3.33 7.30
C LEU A 30 -2.84 -2.98 8.35
N ASP A 31 -2.97 -1.86 8.99
CA ASP A 31 -1.98 -1.48 10.03
C ASP A 31 -1.80 -2.64 11.01
N THR A 32 -2.84 -3.00 11.71
CA THR A 32 -2.73 -4.13 12.67
C THR A 32 -2.45 -5.41 11.88
N ILE A 33 -2.65 -5.38 10.59
CA ILE A 33 -2.41 -6.59 9.77
C ILE A 33 -0.90 -6.75 9.49
N PHE A 34 -0.14 -5.69 9.56
CA PHE A 34 1.33 -5.82 9.30
C PHE A 34 2.12 -4.77 10.09
N GLY A 35 1.70 -4.46 11.28
CA GLY A 35 2.44 -3.45 12.09
C GLY A 35 3.52 -4.16 12.92
N LYS A 36 4.41 -4.86 12.27
CA LYS A 36 5.48 -5.58 13.02
C LYS A 36 6.85 -5.31 12.40
N TYR A 37 6.90 -4.69 11.25
CA TYR A 37 8.23 -4.42 10.60
C TYR A 37 8.47 -2.91 10.53
N GLY A 38 8.24 -2.21 11.61
CA GLY A 38 8.46 -0.73 11.59
C GLY A 38 7.17 -0.01 11.98
N SER A 39 7.23 1.27 12.16
CA SER A 39 6.01 2.02 12.55
C SER A 39 5.31 2.54 11.28
N ILE A 40 4.35 1.78 10.78
CA ILE A 40 3.61 2.19 9.53
C ILE A 40 3.56 3.73 9.41
N VAL A 41 3.66 4.25 8.21
CA VAL A 41 3.73 5.75 8.00
C VAL A 41 2.43 6.43 7.46
N GLN A 42 1.30 6.19 8.05
CA GLN A 42 0.01 6.87 7.61
C GLN A 42 -0.69 6.11 6.45
N LYS A 43 -1.65 5.27 6.76
CA LYS A 43 -2.40 4.51 5.69
C LYS A 43 -3.50 5.42 5.11
N ASN A 44 -3.41 5.72 3.83
CA ASN A 44 -4.45 6.59 3.21
C ASN A 44 -5.09 5.82 2.04
N ILE A 45 -6.32 6.14 1.70
CA ILE A 45 -6.98 5.41 0.58
C ILE A 45 -7.60 6.42 -0.39
N LEU A 46 -7.85 6.01 -1.62
CA LEU A 46 -8.45 6.96 -2.60
C LEU A 46 -9.15 6.18 -3.72
N ARG A 47 -10.37 6.52 -4.02
CA ARG A 47 -11.11 5.80 -5.10
C ARG A 47 -11.04 6.62 -6.39
N ASP A 48 -10.82 7.89 -6.29
CA ASP A 48 -10.74 8.74 -7.52
C ASP A 48 -9.86 9.96 -7.22
N LYS A 49 -9.48 10.70 -8.23
CA LYS A 49 -8.63 11.90 -8.00
C LYS A 49 -8.42 12.66 -9.31
N LEU A 50 -9.40 12.67 -10.16
CA LEU A 50 -9.25 13.39 -11.46
C LEU A 50 -10.63 13.69 -12.04
N THR A 51 -11.30 12.67 -12.54
CA THR A 51 -12.65 12.90 -13.13
C THR A 51 -13.59 11.80 -12.63
N GLY A 52 -13.29 10.56 -12.92
CA GLY A 52 -14.17 9.46 -12.47
C GLY A 52 -13.76 8.16 -13.17
N ARG A 53 -12.81 7.45 -12.63
CA ARG A 53 -12.37 6.18 -13.27
C ARG A 53 -12.75 5.00 -12.38
N PRO A 54 -12.46 3.82 -12.86
CA PRO A 54 -12.78 2.62 -12.07
C PRO A 54 -11.49 1.99 -11.53
N ARG A 55 -10.47 2.78 -11.37
CA ARG A 55 -9.18 2.24 -10.85
C ARG A 55 -9.34 1.87 -9.38
N GLY A 56 -9.76 2.81 -8.56
CA GLY A 56 -9.93 2.51 -7.12
C GLY A 56 -8.62 1.96 -6.58
N VAL A 57 -7.78 2.81 -6.04
CA VAL A 57 -6.47 2.32 -5.51
C VAL A 57 -6.28 2.80 -4.08
N ALA A 58 -5.49 2.09 -3.31
CA ALA A 58 -5.25 2.51 -1.90
C ALA A 58 -3.78 2.91 -1.74
N PHE A 59 -3.41 3.35 -0.57
CA PHE A 59 -1.99 3.75 -0.35
C PHE A 59 -1.54 3.28 1.03
N VAL A 60 -0.75 2.25 1.09
CA VAL A 60 -0.27 1.76 2.42
C VAL A 60 0.86 2.66 2.87
N ARG A 61 1.08 2.69 4.14
CA ARG A 61 2.15 3.55 4.69
C ARG A 61 3.36 2.70 5.05
N TYR A 62 4.38 2.77 4.26
CA TYR A 62 5.60 1.97 4.55
C TYR A 62 6.75 2.59 3.76
N ASN A 63 7.32 3.65 4.25
CA ASN A 63 8.42 4.27 3.50
C ASN A 63 9.68 3.44 3.69
N LYS A 64 10.71 3.98 4.32
CA LYS A 64 11.97 3.21 4.51
C LYS A 64 12.13 2.17 3.41
N ARG A 65 12.77 2.53 2.32
CA ARG A 65 12.91 1.57 1.16
C ARG A 65 12.90 0.12 1.66
N GLU A 66 13.57 -0.15 2.75
CA GLU A 66 13.55 -1.55 3.27
C GLU A 66 12.14 -1.86 3.76
N GLU A 67 11.62 -1.05 4.65
CA GLU A 67 10.23 -1.27 5.16
C GLU A 67 9.29 -1.53 3.98
N ALA A 68 9.33 -0.70 2.95
CA ALA A 68 8.42 -0.95 1.80
C ALA A 68 8.63 -2.38 1.34
N GLN A 69 9.86 -2.81 1.22
CA GLN A 69 10.14 -4.20 0.80
C GLN A 69 9.29 -5.16 1.65
N GLU A 70 9.21 -4.89 2.92
CA GLU A 70 8.39 -5.76 3.82
C GLU A 70 6.93 -5.75 3.38
N ALA A 71 6.27 -4.64 3.52
CA ALA A 71 4.85 -4.54 3.12
C ALA A 71 4.65 -5.16 1.73
N ILE A 72 5.69 -5.30 0.97
CA ILE A 72 5.53 -5.92 -0.37
C ILE A 72 5.28 -7.41 -0.17
N SER A 73 6.24 -8.14 0.32
CA SER A 73 6.04 -9.60 0.54
C SER A 73 5.22 -9.84 1.82
N ALA A 74 4.66 -8.81 2.39
CA ALA A 74 3.86 -9.02 3.65
C ALA A 74 2.42 -8.54 3.43
N LEU A 75 2.25 -7.31 3.04
CA LEU A 75 0.87 -6.79 2.81
C LEU A 75 0.34 -7.30 1.47
N ASN A 76 1.19 -7.48 0.48
CA ASN A 76 0.70 -8.01 -0.82
C ASN A 76 -0.12 -9.27 -0.54
N ASN A 77 -1.27 -9.41 -1.13
CA ASN A 77 -2.11 -10.62 -0.87
C ASN A 77 -2.61 -10.59 0.57
N VAL A 78 -3.29 -9.55 0.97
CA VAL A 78 -3.81 -9.51 2.37
C VAL A 78 -5.18 -10.20 2.40
N ILE A 79 -5.29 -11.33 1.76
CA ILE A 79 -6.57 -12.07 1.73
C ILE A 79 -6.28 -13.54 2.06
N PRO A 80 -7.33 -14.32 2.16
CA PRO A 80 -7.12 -15.75 2.45
C PRO A 80 -6.92 -16.50 1.13
N GLU A 81 -6.12 -15.96 0.25
CA GLU A 81 -5.87 -16.62 -1.06
C GLU A 81 -7.18 -17.18 -1.60
N GLY A 82 -8.24 -16.40 -1.52
CA GLY A 82 -9.56 -16.89 -2.02
C GLY A 82 -10.29 -15.74 -2.73
N GLY A 83 -9.91 -15.45 -3.94
CA GLY A 83 -10.56 -14.34 -4.68
C GLY A 83 -9.51 -13.61 -5.51
N SER A 84 -8.32 -13.48 -4.97
CA SER A 84 -7.23 -12.79 -5.71
C SER A 84 -7.54 -11.30 -5.88
N GLN A 85 -7.98 -10.66 -4.83
CA GLN A 85 -8.27 -9.20 -4.94
C GLN A 85 -7.55 -8.47 -3.80
N PRO A 86 -6.27 -8.75 -3.65
CA PRO A 86 -5.52 -8.09 -2.57
C PRO A 86 -4.93 -6.76 -3.03
N LEU A 87 -3.97 -6.26 -2.30
CA LEU A 87 -3.33 -4.96 -2.67
C LEU A 87 -2.20 -5.21 -3.67
N SER A 88 -2.23 -4.58 -4.80
CA SER A 88 -1.11 -4.74 -5.75
C SER A 88 0.01 -3.85 -5.22
N VAL A 89 0.95 -4.41 -4.49
CA VAL A 89 2.02 -3.57 -3.87
C VAL A 89 3.07 -3.14 -4.90
N ARG A 90 3.56 -1.94 -4.73
CA ARG A 90 4.58 -1.37 -5.63
C ARG A 90 4.83 0.08 -5.19
N LEU A 91 4.80 1.03 -6.08
CA LEU A 91 5.02 2.45 -5.66
C LEU A 91 4.25 3.40 -6.57
N ALA A 92 3.86 4.53 -6.05
CA ALA A 92 3.10 5.51 -6.88
C ALA A 92 3.80 6.88 -6.83
N GLU A 93 3.17 7.90 -7.35
CA GLU A 93 3.79 9.25 -7.34
C GLU A 93 3.27 10.03 -6.13
N GLU A 94 3.63 11.29 -6.03
CA GLU A 94 3.15 12.11 -4.89
C GLU A 94 3.77 11.58 -3.58
N HIS A 95 3.99 12.43 -2.62
CA HIS A 95 4.58 11.98 -1.34
C HIS A 95 3.53 11.21 -0.53
N GLY A 96 3.84 10.88 0.70
CA GLY A 96 2.85 10.13 1.53
C GLY A 96 2.75 10.78 2.91
N LYS A 97 3.83 10.81 3.64
CA LYS A 97 3.78 11.43 5.00
C LYS A 97 5.07 12.23 5.22
N MET A 1 14.82 1.87 -17.03
CA MET A 1 13.84 1.66 -15.94
C MET A 1 13.84 0.20 -15.51
N SER A 2 14.99 -0.33 -15.20
CA SER A 2 15.08 -1.76 -14.77
C SER A 2 15.55 -1.83 -13.32
N TYR A 3 15.48 -0.74 -12.60
CA TYR A 3 15.92 -0.76 -11.18
C TYR A 3 14.89 -1.49 -10.32
N ALA A 4 15.06 -1.50 -9.04
CA ALA A 4 14.09 -2.19 -8.15
C ALA A 4 13.77 -1.30 -6.94
N ARG A 5 12.63 -1.49 -6.33
CA ARG A 5 12.25 -0.66 -5.16
C ARG A 5 12.18 0.81 -5.56
N PRO A 6 11.08 1.18 -6.15
CA PRO A 6 10.93 2.60 -6.57
C PRO A 6 10.74 3.49 -5.34
N GLY A 7 10.45 4.75 -5.54
CA GLY A 7 10.24 5.65 -4.38
C GLY A 7 9.47 6.89 -4.81
N GLY A 8 9.01 7.68 -3.87
CA GLY A 8 8.25 8.91 -4.23
C GLY A 8 8.81 10.10 -3.46
N GLU A 9 8.11 10.56 -2.46
CA GLU A 9 8.61 11.71 -1.65
C GLU A 9 7.79 11.85 -0.36
N SER A 10 7.54 10.75 0.29
CA SER A 10 6.78 10.80 1.58
C SER A 10 7.70 10.27 2.68
N ILE A 11 7.60 10.80 3.88
CA ILE A 11 8.50 10.36 5.00
C ILE A 11 9.85 9.96 4.40
N LYS A 12 10.28 10.71 3.40
CA LYS A 12 11.58 10.45 2.71
C LYS A 12 12.02 9.00 2.93
N ASP A 13 11.20 8.06 2.53
CA ASP A 13 11.57 6.64 2.77
C ASP A 13 11.02 5.73 1.67
N THR A 14 9.80 5.25 1.81
CA THR A 14 9.22 4.34 0.78
C THR A 14 7.70 4.27 0.96
N ASN A 15 6.96 4.91 0.11
CA ASN A 15 5.47 4.85 0.24
C ASN A 15 5.00 3.50 -0.32
N LEU A 16 3.72 3.25 -0.33
CA LEU A 16 3.25 1.94 -0.85
C LEU A 16 2.01 2.14 -1.73
N TYR A 17 2.14 1.90 -3.01
CA TYR A 17 0.98 2.06 -3.94
C TYR A 17 0.28 0.72 -4.09
N VAL A 18 -0.82 0.51 -3.41
CA VAL A 18 -1.52 -0.80 -3.53
C VAL A 18 -2.73 -0.67 -4.47
N THR A 19 -2.67 -1.33 -5.59
CA THR A 19 -3.81 -1.24 -6.56
C THR A 19 -4.92 -2.22 -6.15
N ASN A 20 -6.09 -2.08 -6.72
CA ASN A 20 -7.21 -2.99 -6.36
C ASN A 20 -7.79 -2.58 -5.01
N LEU A 21 -7.14 -2.95 -3.94
CA LEU A 21 -7.64 -2.58 -2.58
C LEU A 21 -9.13 -2.91 -2.46
N PRO A 22 -9.40 -4.01 -1.81
CA PRO A 22 -10.81 -4.40 -1.63
C PRO A 22 -11.45 -3.54 -0.52
N ARG A 23 -12.68 -3.14 -0.71
CA ARG A 23 -13.34 -2.30 0.33
C ARG A 23 -14.02 -3.20 1.36
N THR A 24 -13.38 -4.26 1.76
CA THR A 24 -13.99 -5.17 2.76
C THR A 24 -13.39 -4.89 4.14
N ILE A 25 -12.44 -4.00 4.22
CA ILE A 25 -11.82 -3.68 5.53
C ILE A 25 -11.51 -2.17 5.61
N THR A 26 -10.97 -1.72 6.71
CA THR A 26 -10.66 -0.27 6.85
C THR A 26 -9.14 -0.06 6.74
N ASP A 27 -8.72 1.11 6.36
CA ASP A 27 -7.26 1.39 6.26
C ASP A 27 -6.65 1.24 7.65
N ASP A 28 -7.30 1.75 8.65
CA ASP A 28 -6.77 1.62 10.04
C ASP A 28 -6.50 0.15 10.34
N GLN A 29 -7.21 -0.74 9.69
CA GLN A 29 -6.99 -2.19 9.94
C GLN A 29 -5.79 -2.66 9.13
N LEU A 30 -5.57 -2.10 7.96
CA LEU A 30 -4.41 -2.53 7.13
C LEU A 30 -3.14 -2.46 7.98
N ASP A 31 -3.05 -1.51 8.88
CA ASP A 31 -1.83 -1.42 9.73
C ASP A 31 -1.68 -2.73 10.51
N THR A 32 -2.76 -3.20 11.09
CA THR A 32 -2.69 -4.46 11.85
C THR A 32 -2.28 -5.59 10.90
N ILE A 33 -2.85 -5.60 9.72
CA ILE A 33 -2.49 -6.64 8.72
C ILE A 33 -0.97 -6.66 8.55
N PHE A 34 -0.36 -5.52 8.73
CA PHE A 34 1.12 -5.43 8.57
C PHE A 34 1.81 -5.96 9.83
N GLY A 35 1.85 -5.20 10.89
CA GLY A 35 2.52 -5.68 12.12
C GLY A 35 3.29 -4.54 12.79
N LYS A 36 4.47 -4.28 12.32
CA LYS A 36 5.26 -3.17 12.93
C LYS A 36 6.73 -3.24 12.49
N TYR A 37 6.99 -3.13 11.21
CA TYR A 37 8.41 -3.19 10.73
C TYR A 37 9.08 -1.84 10.99
N GLY A 38 8.70 -0.84 10.24
CA GLY A 38 9.30 0.51 10.44
C GLY A 38 8.22 1.47 10.92
N SER A 39 8.51 2.75 10.93
CA SER A 39 7.49 3.73 11.37
C SER A 39 6.52 3.97 10.22
N ILE A 40 5.62 3.04 9.99
CA ILE A 40 4.64 3.20 8.87
C ILE A 40 4.19 4.66 8.83
N VAL A 41 3.93 5.17 7.65
CA VAL A 41 3.56 6.62 7.52
C VAL A 41 2.10 6.91 7.11
N GLN A 42 1.15 6.52 7.92
CA GLN A 42 -0.30 6.82 7.64
C GLN A 42 -0.80 6.17 6.35
N LYS A 43 -1.64 5.17 6.46
CA LYS A 43 -2.19 4.52 5.24
C LYS A 43 -3.28 5.41 4.62
N ASN A 44 -3.63 5.18 3.39
CA ASN A 44 -4.69 6.01 2.74
C ASN A 44 -5.45 5.16 1.72
N ILE A 45 -6.67 4.79 2.03
CA ILE A 45 -7.46 3.96 1.06
C ILE A 45 -8.21 4.87 0.10
N LEU A 46 -8.29 4.50 -1.14
CA LEU A 46 -9.02 5.35 -2.14
C LEU A 46 -10.18 4.56 -2.74
N ARG A 47 -11.40 4.93 -2.42
CA ARG A 47 -12.57 4.19 -2.97
C ARG A 47 -13.79 5.11 -2.94
N ASP A 48 -13.59 6.39 -2.94
CA ASP A 48 -14.75 7.34 -2.90
C ASP A 48 -15.59 7.06 -1.65
N LYS A 49 -16.45 7.97 -1.30
CA LYS A 49 -17.32 7.76 -0.09
C LYS A 49 -18.76 7.55 -0.53
N LEU A 50 -19.52 8.60 -0.67
CA LEU A 50 -20.94 8.46 -1.09
C LEU A 50 -21.16 9.22 -2.40
N THR A 51 -20.27 9.07 -3.33
CA THR A 51 -20.43 9.79 -4.63
C THR A 51 -20.77 8.78 -5.73
N GLY A 52 -20.46 7.52 -5.53
CA GLY A 52 -20.77 6.49 -6.55
C GLY A 52 -19.75 6.58 -7.70
N ARG A 53 -18.49 6.49 -7.38
CA ARG A 53 -17.45 6.57 -8.45
C ARG A 53 -16.73 5.22 -8.55
N PRO A 54 -15.90 5.10 -9.55
CA PRO A 54 -15.15 3.85 -9.73
C PRO A 54 -13.67 4.05 -9.44
N ARG A 55 -13.19 3.52 -8.35
CA ARG A 55 -11.75 3.67 -8.00
C ARG A 55 -11.11 2.30 -7.78
N GLY A 56 -11.23 1.77 -6.60
CA GLY A 56 -10.63 0.42 -6.32
C GLY A 56 -9.11 0.54 -6.28
N VAL A 57 -8.60 1.53 -5.61
CA VAL A 57 -7.12 1.70 -5.52
C VAL A 57 -6.76 2.32 -4.18
N ALA A 58 -5.54 2.19 -3.75
CA ALA A 58 -5.13 2.77 -2.45
C ALA A 58 -3.62 2.92 -2.39
N PHE A 59 -3.12 3.32 -1.26
CA PHE A 59 -1.66 3.49 -1.11
C PHE A 59 -1.35 3.35 0.39
N VAL A 60 -0.81 2.24 0.80
CA VAL A 60 -0.51 2.08 2.24
C VAL A 60 0.78 2.81 2.57
N ARG A 61 0.93 3.15 3.81
CA ARG A 61 2.12 3.90 4.26
C ARG A 61 3.30 2.95 4.53
N TYR A 62 4.49 3.38 4.20
CA TYR A 62 5.69 2.53 4.45
C TYR A 62 6.92 3.43 4.41
N ASN A 63 8.05 2.98 4.88
CA ASN A 63 9.24 3.88 4.82
C ASN A 63 10.55 3.10 4.57
N LYS A 64 11.34 2.86 5.60
CA LYS A 64 12.67 2.18 5.42
C LYS A 64 12.67 1.35 4.12
N ARG A 65 13.60 1.61 3.25
CA ARG A 65 13.64 0.86 1.97
C ARG A 65 13.38 -0.62 2.27
N GLU A 66 14.10 -1.17 3.20
CA GLU A 66 13.87 -2.60 3.56
C GLU A 66 12.39 -2.75 3.90
N GLU A 67 11.87 -1.83 4.67
CA GLU A 67 10.44 -1.89 5.06
C GLU A 67 9.58 -2.13 3.81
N ALA A 68 9.62 -1.24 2.84
CA ALA A 68 8.80 -1.48 1.62
C ALA A 68 8.99 -2.92 1.18
N GLN A 69 10.18 -3.44 1.31
CA GLN A 69 10.40 -4.87 0.94
C GLN A 69 9.33 -5.68 1.67
N GLU A 70 9.26 -5.52 2.96
CA GLU A 70 8.21 -6.23 3.74
C GLU A 70 6.88 -5.95 3.06
N ALA A 71 6.47 -4.72 3.12
CA ALA A 71 5.20 -4.29 2.51
C ALA A 71 4.92 -5.07 1.23
N ILE A 72 5.95 -5.45 0.53
CA ILE A 72 5.73 -6.24 -0.72
C ILE A 72 5.23 -7.63 -0.32
N SER A 73 6.08 -8.42 0.30
CA SER A 73 5.65 -9.79 0.72
C SER A 73 4.96 -9.76 2.08
N ALA A 74 4.34 -8.65 2.41
CA ALA A 74 3.63 -8.55 3.72
C ALA A 74 2.32 -7.78 3.51
N LEU A 75 2.40 -6.61 2.93
CA LEU A 75 1.16 -5.84 2.68
C LEU A 75 0.49 -6.42 1.43
N ASN A 76 1.27 -6.97 0.52
CA ASN A 76 0.67 -7.57 -0.70
C ASN A 76 -0.33 -8.66 -0.29
N ASN A 77 -1.44 -8.74 -0.95
CA ASN A 77 -2.44 -9.78 -0.58
C ASN A 77 -2.87 -9.61 0.88
N VAL A 78 -3.49 -8.51 1.21
CA VAL A 78 -3.95 -8.31 2.61
C VAL A 78 -5.34 -8.96 2.76
N ILE A 79 -5.40 -10.26 2.62
CA ILE A 79 -6.69 -10.98 2.71
C ILE A 79 -6.41 -12.48 2.89
N PRO A 80 -7.31 -13.18 3.52
CA PRO A 80 -7.06 -14.63 3.70
C PRO A 80 -6.51 -15.24 2.40
N GLU A 81 -7.35 -15.43 1.42
CA GLU A 81 -6.86 -16.01 0.12
C GLU A 81 -8.06 -16.54 -0.68
N GLY A 82 -8.02 -16.41 -1.97
CA GLY A 82 -9.16 -16.91 -2.80
C GLY A 82 -9.88 -15.72 -3.45
N GLY A 83 -10.46 -14.85 -2.66
CA GLY A 83 -11.17 -13.68 -3.23
C GLY A 83 -10.74 -12.41 -2.50
N SER A 84 -11.49 -11.35 -2.65
CA SER A 84 -11.13 -10.08 -1.97
C SER A 84 -10.02 -9.36 -2.75
N GLN A 85 -9.45 -10.02 -3.72
CA GLN A 85 -8.37 -9.37 -4.52
C GLN A 85 -7.19 -9.04 -3.60
N PRO A 86 -6.02 -8.97 -4.19
CA PRO A 86 -4.83 -8.68 -3.37
C PRO A 86 -4.33 -7.26 -3.64
N LEU A 87 -3.59 -6.70 -2.71
CA LEU A 87 -3.06 -5.32 -2.88
C LEU A 87 -1.84 -5.36 -3.79
N SER A 88 -1.84 -4.62 -4.87
CA SER A 88 -0.64 -4.62 -5.76
C SER A 88 0.39 -3.70 -5.11
N VAL A 89 1.32 -4.27 -4.38
CA VAL A 89 2.32 -3.43 -3.66
C VAL A 89 3.38 -2.88 -4.62
N ARG A 90 3.71 -1.63 -4.43
CA ARG A 90 4.73 -0.95 -5.27
C ARG A 90 4.95 0.46 -4.68
N LEU A 91 5.00 1.48 -5.51
CA LEU A 91 5.19 2.85 -4.96
C LEU A 91 4.72 3.87 -6.00
N ALA A 92 3.98 4.87 -5.58
CA ALA A 92 3.48 5.88 -6.56
C ALA A 92 4.23 7.20 -6.38
N GLU A 93 3.70 8.28 -6.89
CA GLU A 93 4.38 9.60 -6.78
C GLU A 93 4.43 10.03 -5.31
N GLU A 94 4.84 11.25 -5.05
CA GLU A 94 4.91 11.73 -3.64
C GLU A 94 3.50 11.75 -3.04
N HIS A 95 3.39 12.10 -1.79
CA HIS A 95 2.06 12.14 -1.15
C HIS A 95 2.19 12.63 0.29
N GLY A 96 1.31 13.48 0.73
CA GLY A 96 1.39 14.00 2.12
C GLY A 96 1.21 12.85 3.11
N LYS A 97 2.16 12.65 3.99
CA LYS A 97 2.03 11.55 4.97
C LYS A 97 1.60 12.12 6.33
N MET A 1 8.85 -9.50 -18.89
CA MET A 1 8.45 -9.84 -17.50
C MET A 1 8.33 -8.57 -16.67
N SER A 2 8.02 -8.71 -15.40
CA SER A 2 7.90 -7.49 -14.54
C SER A 2 7.32 -7.90 -13.18
N TYR A 3 8.16 -8.04 -12.19
CA TYR A 3 7.66 -8.43 -10.84
C TYR A 3 7.72 -7.22 -9.91
N ALA A 4 6.80 -6.31 -10.03
CA ALA A 4 6.80 -5.11 -9.15
C ALA A 4 7.93 -4.17 -9.60
N ARG A 5 7.76 -2.89 -9.41
CA ARG A 5 8.81 -1.93 -9.82
C ARG A 5 9.19 -1.03 -8.64
N PRO A 6 9.36 -1.65 -7.50
CA PRO A 6 9.72 -0.85 -6.31
C PRO A 6 11.01 -0.09 -6.56
N GLY A 7 10.94 1.21 -6.62
CA GLY A 7 12.18 2.02 -6.87
C GLY A 7 11.79 3.50 -6.98
N GLY A 8 11.20 4.05 -5.95
CA GLY A 8 10.80 5.48 -5.99
C GLY A 8 11.35 6.20 -4.76
N GLU A 9 10.64 7.17 -4.26
CA GLU A 9 11.12 7.91 -3.05
C GLU A 9 10.01 8.83 -2.55
N SER A 10 9.49 8.55 -1.39
CA SER A 10 8.39 9.42 -0.85
C SER A 10 8.18 9.12 0.64
N ILE A 11 7.11 9.60 1.19
CA ILE A 11 6.83 9.36 2.64
C ILE A 11 8.11 9.50 3.45
N LYS A 12 8.98 10.36 3.04
CA LYS A 12 10.25 10.56 3.78
C LYS A 12 11.24 9.42 3.51
N ASP A 13 10.77 8.23 3.21
CA ASP A 13 11.71 7.11 2.96
C ASP A 13 11.36 6.39 1.65
N THR A 14 10.30 5.60 1.64
CA THR A 14 9.94 4.86 0.40
C THR A 14 8.46 4.42 0.47
N ASN A 15 7.56 5.24 -0.04
CA ASN A 15 6.11 4.87 -0.01
C ASN A 15 5.83 3.88 -1.15
N LEU A 16 4.67 3.28 -1.17
CA LEU A 16 4.37 2.31 -2.26
C LEU A 16 2.90 2.39 -2.68
N TYR A 17 2.67 2.38 -3.96
CA TYR A 17 1.29 2.47 -4.50
C TYR A 17 0.67 1.07 -4.55
N VAL A 18 -0.59 0.96 -4.26
CA VAL A 18 -1.22 -0.38 -4.31
C VAL A 18 -2.54 -0.30 -5.07
N THR A 19 -3.00 -1.40 -5.61
CA THR A 19 -4.29 -1.36 -6.37
C THR A 19 -5.09 -2.64 -6.15
N ASN A 20 -6.37 -2.59 -6.41
CA ASN A 20 -7.23 -3.80 -6.24
C ASN A 20 -7.57 -4.00 -4.75
N LEU A 21 -8.63 -3.39 -4.29
CA LEU A 21 -9.03 -3.57 -2.86
C LEU A 21 -10.51 -3.19 -2.69
N PRO A 22 -11.14 -3.82 -1.72
CA PRO A 22 -12.58 -3.56 -1.50
C PRO A 22 -12.78 -2.29 -0.66
N ARG A 23 -14.00 -1.99 -0.34
CA ARG A 23 -14.27 -0.76 0.47
C ARG A 23 -13.91 -1.02 1.94
N THR A 24 -13.40 -2.18 2.25
CA THR A 24 -13.04 -2.46 3.66
C THR A 24 -11.63 -1.89 3.89
N ILE A 25 -10.65 -2.71 4.12
CA ILE A 25 -9.27 -2.19 4.34
C ILE A 25 -9.31 -0.96 5.23
N THR A 26 -10.33 -0.81 6.01
CA THR A 26 -10.46 0.38 6.91
C THR A 26 -9.10 0.81 7.44
N ASP A 27 -8.99 2.04 7.85
CA ASP A 27 -7.70 2.55 8.38
C ASP A 27 -7.29 1.73 9.60
N ASP A 28 -8.23 1.18 10.30
CA ASP A 28 -7.88 0.37 11.50
C ASP A 28 -7.70 -1.09 11.11
N GLN A 29 -8.12 -1.46 9.92
CA GLN A 29 -7.97 -2.87 9.49
C GLN A 29 -6.54 -3.14 9.03
N LEU A 30 -6.12 -2.54 7.94
CA LEU A 30 -4.73 -2.81 7.49
C LEU A 30 -3.79 -2.44 8.63
N ASP A 31 -4.17 -1.51 9.46
CA ASP A 31 -3.31 -1.12 10.61
C ASP A 31 -3.16 -2.34 11.52
N THR A 32 -4.22 -3.03 11.78
CA THR A 32 -4.13 -4.24 12.65
C THR A 32 -3.09 -5.19 12.08
N ILE A 33 -3.24 -5.59 10.85
CA ILE A 33 -2.23 -6.51 10.25
C ILE A 33 -0.88 -5.78 10.22
N PHE A 34 -0.91 -4.48 10.33
CA PHE A 34 0.36 -3.70 10.32
C PHE A 34 0.91 -3.62 11.76
N GLY A 35 0.66 -2.52 12.45
CA GLY A 35 1.13 -2.33 13.85
C GLY A 35 2.25 -3.30 14.22
N LYS A 36 3.38 -3.21 13.56
CA LYS A 36 4.50 -4.13 13.92
C LYS A 36 5.71 -3.91 13.00
N TYR A 37 5.51 -3.60 11.74
CA TYR A 37 6.70 -3.39 10.86
C TYR A 37 6.62 -2.05 10.12
N GLY A 38 6.37 -0.97 10.83
CA GLY A 38 6.29 0.40 10.17
C GLY A 38 5.88 0.25 8.71
N SER A 39 4.93 -0.58 8.43
CA SER A 39 4.50 -0.79 7.02
C SER A 39 3.42 0.22 6.66
N ILE A 40 3.51 1.40 7.20
CA ILE A 40 2.49 2.45 6.91
C ILE A 40 2.64 3.57 7.93
N VAL A 41 3.11 4.71 7.52
CA VAL A 41 3.21 5.84 8.48
C VAL A 41 1.88 6.61 8.40
N GLN A 42 0.89 6.01 7.76
CA GLN A 42 -0.44 6.65 7.62
C GLN A 42 -1.24 5.87 6.56
N LYS A 43 -1.37 4.58 6.70
CA LYS A 43 -2.12 3.77 5.69
C LYS A 43 -3.39 4.50 5.27
N ASN A 44 -3.78 4.38 4.03
CA ASN A 44 -5.01 5.08 3.56
C ASN A 44 -5.62 4.32 2.38
N ILE A 45 -6.92 4.38 2.21
CA ILE A 45 -7.56 3.67 1.07
C ILE A 45 -7.88 4.67 -0.04
N LEU A 46 -8.47 4.21 -1.11
CA LEU A 46 -8.81 5.11 -2.23
C LEU A 46 -10.08 4.62 -2.93
N ARG A 47 -11.19 5.27 -2.71
CA ARG A 47 -12.47 4.83 -3.36
C ARG A 47 -12.91 5.87 -4.40
N ASP A 48 -14.07 5.71 -4.96
CA ASP A 48 -14.56 6.68 -5.97
C ASP A 48 -14.94 7.99 -5.27
N LYS A 49 -15.30 8.99 -6.03
CA LYS A 49 -15.68 10.30 -5.41
C LYS A 49 -17.20 10.48 -5.50
N LEU A 50 -17.72 10.60 -6.69
CA LEU A 50 -19.19 10.79 -6.84
C LEU A 50 -19.74 9.79 -7.86
N THR A 51 -19.03 9.58 -8.93
CA THR A 51 -19.50 8.61 -9.96
C THR A 51 -18.31 8.14 -10.80
N GLY A 52 -18.53 7.21 -11.70
CA GLY A 52 -17.41 6.72 -12.55
C GLY A 52 -16.82 5.46 -11.92
N ARG A 53 -16.37 5.55 -10.69
CA ARG A 53 -15.78 4.36 -10.03
C ARG A 53 -14.67 3.78 -10.89
N PRO A 54 -13.49 4.30 -10.69
CA PRO A 54 -12.34 3.80 -11.48
C PRO A 54 -12.12 2.32 -11.21
N ARG A 55 -11.98 1.95 -9.96
CA ARG A 55 -11.75 0.53 -9.61
C ARG A 55 -11.50 0.40 -8.11
N GLY A 56 -10.79 1.34 -7.55
CA GLY A 56 -10.52 1.29 -6.08
C GLY A 56 -9.05 0.94 -5.85
N VAL A 57 -8.28 1.87 -5.34
CA VAL A 57 -6.84 1.59 -5.09
C VAL A 57 -6.50 1.94 -3.64
N ALA A 58 -5.28 1.72 -3.24
CA ALA A 58 -4.89 2.05 -1.84
C ALA A 58 -3.50 2.68 -1.81
N PHE A 59 -3.05 3.07 -0.66
CA PHE A 59 -1.70 3.69 -0.55
C PHE A 59 -1.06 3.30 0.78
N VAL A 60 -0.04 2.50 0.76
CA VAL A 60 0.64 2.12 2.03
C VAL A 60 1.82 3.07 2.19
N ARG A 61 2.19 3.43 3.38
CA ARG A 61 3.31 4.38 3.53
C ARG A 61 4.47 3.71 4.29
N TYR A 62 5.05 2.70 3.71
CA TYR A 62 6.19 2.02 4.36
C TYR A 62 7.45 2.86 4.17
N ASN A 63 7.75 3.74 5.09
CA ASN A 63 8.93 4.61 4.90
C ASN A 63 10.16 3.77 4.48
N LYS A 64 10.85 3.21 5.45
CA LYS A 64 12.09 2.40 5.19
C LYS A 64 12.11 1.82 3.77
N ARG A 65 13.27 1.75 3.17
CA ARG A 65 13.38 1.21 1.78
C ARG A 65 13.32 -0.33 1.81
N GLU A 66 14.13 -0.96 2.61
CA GLU A 66 14.09 -2.44 2.67
C GLU A 66 12.76 -2.87 3.26
N GLU A 67 12.30 -2.16 4.25
CA GLU A 67 11.00 -2.51 4.87
C GLU A 67 9.88 -2.20 3.86
N ALA A 68 10.07 -1.23 2.99
CA ALA A 68 9.02 -0.97 1.99
C ALA A 68 8.91 -2.23 1.13
N GLN A 69 10.04 -2.82 0.82
CA GLN A 69 10.04 -4.08 0.04
C GLN A 69 9.29 -5.13 0.86
N GLU A 70 9.32 -4.99 2.16
CA GLU A 70 8.60 -5.95 3.03
C GLU A 70 7.13 -5.97 2.65
N ALA A 71 6.44 -4.89 2.89
CA ALA A 71 4.99 -4.84 2.56
C ALA A 71 4.81 -5.18 1.07
N ILE A 72 5.85 -5.08 0.29
CA ILE A 72 5.70 -5.41 -1.15
C ILE A 72 5.46 -6.91 -1.29
N SER A 73 6.41 -7.71 -0.87
CA SER A 73 6.27 -9.19 -0.99
C SER A 73 5.52 -9.78 0.23
N ALA A 74 5.05 -8.95 1.12
CA ALA A 74 4.33 -9.49 2.31
C ALA A 74 3.02 -8.75 2.51
N LEU A 75 2.74 -7.78 1.68
CA LEU A 75 1.46 -7.02 1.83
C LEU A 75 0.72 -7.02 0.49
N ASN A 76 1.40 -7.19 -0.62
CA ASN A 76 0.70 -7.20 -1.94
C ASN A 76 -0.61 -7.97 -1.80
N ASN A 77 -0.64 -8.90 -0.89
CA ASN A 77 -1.87 -9.70 -0.67
C ASN A 77 -2.32 -9.57 0.79
N VAL A 78 -2.90 -8.46 1.17
CA VAL A 78 -3.37 -8.28 2.58
C VAL A 78 -4.76 -8.92 2.72
N ILE A 79 -4.92 -10.12 2.24
CA ILE A 79 -6.24 -10.81 2.33
C ILE A 79 -6.07 -12.15 3.05
N PRO A 80 -7.11 -12.93 3.00
CA PRO A 80 -7.03 -14.26 3.66
C PRO A 80 -7.03 -15.38 2.61
N GLU A 81 -6.33 -15.18 1.53
CA GLU A 81 -6.28 -16.22 0.47
C GLU A 81 -7.58 -16.21 -0.34
N GLY A 82 -7.54 -16.77 -1.52
CA GLY A 82 -8.77 -16.80 -2.37
C GLY A 82 -8.85 -15.52 -3.21
N GLY A 83 -8.72 -14.39 -2.58
CA GLY A 83 -8.79 -13.11 -3.35
C GLY A 83 -9.21 -11.96 -2.42
N SER A 84 -10.47 -11.62 -2.42
CA SER A 84 -10.95 -10.51 -1.56
C SER A 84 -10.26 -9.21 -1.98
N GLN A 85 -9.58 -9.21 -3.09
CA GLN A 85 -8.90 -7.99 -3.57
C GLN A 85 -7.99 -7.42 -2.47
N PRO A 86 -6.72 -7.57 -2.67
CA PRO A 86 -5.76 -7.04 -1.68
C PRO A 86 -4.92 -5.93 -2.31
N LEU A 87 -4.24 -5.15 -1.53
CA LEU A 87 -3.41 -4.06 -2.16
C LEU A 87 -2.21 -4.68 -2.85
N SER A 88 -2.19 -4.69 -4.16
CA SER A 88 -1.00 -5.23 -4.86
C SER A 88 0.04 -4.14 -4.73
N VAL A 89 1.12 -4.41 -4.06
CA VAL A 89 2.14 -3.35 -3.80
C VAL A 89 3.05 -3.08 -5.01
N ARG A 90 3.87 -2.08 -4.87
CA ARG A 90 4.81 -1.67 -5.94
C ARG A 90 5.31 -0.26 -5.60
N LEU A 91 6.45 -0.14 -4.97
CA LEU A 91 6.95 1.21 -4.60
C LEU A 91 6.93 2.12 -5.83
N ALA A 92 5.89 2.89 -5.98
CA ALA A 92 5.78 3.80 -7.15
C ALA A 92 7.02 4.69 -7.24
N GLU A 93 7.28 5.24 -8.40
CA GLU A 93 8.48 6.12 -8.56
C GLU A 93 8.10 7.31 -9.45
N GLU A 94 7.03 7.97 -9.16
CA GLU A 94 6.61 9.14 -9.99
C GLU A 94 5.81 10.12 -9.14
N HIS A 95 4.62 9.73 -8.74
CA HIS A 95 3.78 10.63 -7.91
C HIS A 95 3.48 9.97 -6.56
N GLY A 96 4.42 10.00 -5.65
CA GLY A 96 4.18 9.37 -4.32
C GLY A 96 3.33 10.30 -3.46
N LYS A 97 3.49 10.25 -2.17
CA LYS A 97 2.67 11.13 -1.28
C LYS A 97 3.53 12.30 -0.80
N MET A 1 20.34 -4.33 -16.84
CA MET A 1 19.61 -4.36 -15.55
C MET A 1 18.17 -3.90 -15.76
N SER A 2 17.23 -4.46 -15.05
CA SER A 2 15.81 -4.05 -15.22
C SER A 2 15.47 -2.96 -14.20
N TYR A 3 16.08 -3.00 -13.05
CA TYR A 3 15.80 -1.97 -12.02
C TYR A 3 14.37 -2.14 -11.50
N ALA A 4 14.09 -1.59 -10.35
CA ALA A 4 12.72 -1.73 -9.77
C ALA A 4 12.66 -0.99 -8.44
N ARG A 5 11.48 -0.69 -7.96
CA ARG A 5 11.37 0.03 -6.66
C ARG A 5 12.07 1.38 -6.77
N PRO A 6 11.28 2.43 -6.64
CA PRO A 6 11.88 3.78 -6.73
C PRO A 6 12.30 4.28 -5.35
N GLY A 7 12.78 5.50 -5.28
CA GLY A 7 13.21 6.06 -3.96
C GLY A 7 12.40 7.32 -3.65
N GLY A 8 12.98 8.25 -2.93
CA GLY A 8 12.24 9.50 -2.61
C GLY A 8 12.89 10.20 -1.41
N GLU A 9 12.10 10.61 -0.45
CA GLU A 9 12.67 11.29 0.75
C GLU A 9 11.64 11.27 1.89
N SER A 10 11.91 11.98 2.95
CA SER A 10 10.95 11.99 4.10
C SER A 10 10.91 10.59 4.72
N ILE A 11 11.41 10.46 5.93
CA ILE A 11 11.42 9.12 6.60
C ILE A 11 11.74 8.05 5.55
N LYS A 12 12.94 8.06 5.04
CA LYS A 12 13.31 7.06 4.00
C LYS A 12 12.44 7.32 2.76
N ASP A 13 12.35 6.37 1.85
CA ASP A 13 11.52 6.60 0.65
C ASP A 13 11.15 5.28 -0.01
N THR A 14 10.02 4.72 0.30
CA THR A 14 9.62 3.43 -0.32
C THR A 14 8.11 3.24 -0.20
N ASN A 15 7.35 4.15 -0.73
CA ASN A 15 5.85 4.02 -0.66
C ASN A 15 5.39 3.02 -1.72
N LEU A 16 4.23 2.44 -1.55
CA LEU A 16 3.74 1.49 -2.59
C LEU A 16 2.25 1.72 -2.84
N TYR A 17 1.91 1.95 -4.08
CA TYR A 17 0.49 2.19 -4.44
C TYR A 17 -0.23 0.85 -4.46
N VAL A 18 -1.04 0.59 -3.47
CA VAL A 18 -1.75 -0.72 -3.42
C VAL A 18 -3.05 -0.63 -4.21
N THR A 19 -3.07 -1.19 -5.39
CA THR A 19 -4.33 -1.13 -6.20
C THR A 19 -5.18 -2.36 -5.91
N ASN A 20 -6.41 -2.36 -6.35
CA ASN A 20 -7.30 -3.54 -6.09
C ASN A 20 -7.62 -3.61 -4.60
N LEU A 21 -7.23 -2.62 -3.84
CA LEU A 21 -7.51 -2.64 -2.38
C LEU A 21 -9.01 -2.42 -2.16
N PRO A 22 -9.65 -3.44 -1.64
CA PRO A 22 -11.10 -3.32 -1.41
C PRO A 22 -11.38 -2.16 -0.44
N ARG A 23 -12.45 -1.43 -0.66
CA ARG A 23 -12.77 -0.29 0.24
C ARG A 23 -13.65 -0.79 1.39
N THR A 24 -13.53 -2.04 1.75
CA THR A 24 -14.36 -2.58 2.86
C THR A 24 -13.52 -2.64 4.15
N ILE A 25 -12.37 -2.02 4.15
CA ILE A 25 -11.51 -2.05 5.36
C ILE A 25 -11.06 -0.62 5.70
N THR A 26 -10.47 -0.42 6.84
CA THR A 26 -10.02 0.95 7.21
C THR A 26 -8.50 0.98 7.26
N ASP A 27 -7.91 2.14 7.05
CA ASP A 27 -6.43 2.24 7.09
C ASP A 27 -5.92 1.57 8.38
N ASP A 28 -6.18 2.17 9.52
CA ASP A 28 -5.72 1.57 10.80
C ASP A 28 -5.94 0.06 10.77
N GLN A 29 -6.91 -0.40 10.03
CA GLN A 29 -7.16 -1.86 9.97
C GLN A 29 -5.95 -2.58 9.38
N LEU A 30 -5.61 -2.29 8.15
CA LEU A 30 -4.42 -2.95 7.55
C LEU A 30 -3.21 -2.76 8.47
N ASP A 31 -3.26 -1.79 9.34
CA ASP A 31 -2.13 -1.57 10.29
C ASP A 31 -2.04 -2.76 11.24
N THR A 32 -3.15 -3.16 11.80
CA THR A 32 -3.12 -4.33 12.73
C THR A 32 -2.80 -5.59 11.96
N ILE A 33 -3.31 -5.71 10.75
CA ILE A 33 -3.01 -6.92 9.95
C ILE A 33 -1.51 -7.01 9.70
N PHE A 34 -0.82 -5.90 9.69
CA PHE A 34 0.65 -5.92 9.48
C PHE A 34 1.35 -6.09 10.83
N GLY A 35 1.50 -5.02 11.57
CA GLY A 35 2.17 -5.11 12.91
C GLY A 35 3.33 -6.12 12.85
N LYS A 36 4.46 -5.69 12.40
CA LYS A 36 5.63 -6.61 12.32
C LYS A 36 6.89 -5.85 11.91
N TYR A 37 6.74 -4.88 11.05
CA TYR A 37 7.93 -4.08 10.61
C TYR A 37 7.86 -2.69 11.23
N GLY A 38 7.16 -1.78 10.61
CA GLY A 38 7.05 -0.41 11.16
C GLY A 38 5.57 -0.10 11.39
N SER A 39 5.25 1.05 11.90
CA SER A 39 3.82 1.38 12.12
C SER A 39 3.29 2.13 10.91
N ILE A 40 3.90 1.91 9.79
CA ILE A 40 3.47 2.59 8.53
C ILE A 40 3.51 4.10 8.73
N VAL A 41 3.91 4.85 7.73
CA VAL A 41 3.97 6.33 7.91
C VAL A 41 2.55 6.89 7.76
N GLN A 42 1.63 6.08 7.27
CA GLN A 42 0.21 6.55 7.11
C GLN A 42 -0.51 5.70 6.05
N LYS A 43 -1.48 4.91 6.44
CA LYS A 43 -2.23 4.09 5.46
C LYS A 43 -3.19 5.00 4.69
N ASN A 44 -3.41 4.74 3.43
CA ASN A 44 -4.34 5.61 2.66
C ASN A 44 -5.33 4.77 1.85
N ILE A 45 -6.55 5.25 1.73
CA ILE A 45 -7.57 4.49 0.96
C ILE A 45 -8.24 5.45 -0.04
N LEU A 46 -8.77 4.95 -1.11
CA LEU A 46 -9.42 5.85 -2.11
C LEU A 46 -10.21 5.03 -3.12
N ARG A 47 -11.51 5.22 -3.17
CA ARG A 47 -12.33 4.44 -4.13
C ARG A 47 -12.37 5.16 -5.48
N ASP A 48 -12.46 6.46 -5.47
CA ASP A 48 -12.50 7.24 -6.74
C ASP A 48 -12.95 8.66 -6.47
N LYS A 49 -12.02 9.57 -6.31
CA LYS A 49 -12.39 10.99 -6.04
C LYS A 49 -11.34 11.92 -6.65
N LEU A 50 -10.73 11.52 -7.72
CA LEU A 50 -9.71 12.38 -8.37
C LEU A 50 -9.64 12.09 -9.87
N THR A 51 -9.60 10.84 -10.23
CA THR A 51 -9.53 10.48 -11.67
C THR A 51 -10.90 10.00 -12.14
N GLY A 52 -11.25 8.78 -11.86
CA GLY A 52 -12.58 8.25 -12.28
C GLY A 52 -12.46 6.74 -12.57
N ARG A 53 -12.34 5.95 -11.54
CA ARG A 53 -12.21 4.48 -11.76
C ARG A 53 -13.18 3.74 -10.82
N PRO A 54 -13.65 2.59 -11.26
CA PRO A 54 -14.57 1.83 -10.39
C PRO A 54 -13.98 0.47 -10.04
N ARG A 55 -13.20 0.39 -9.01
CA ARG A 55 -12.60 -0.92 -8.62
C ARG A 55 -12.15 -0.87 -7.15
N GLY A 56 -11.65 0.25 -6.71
CA GLY A 56 -11.20 0.35 -5.28
C GLY A 56 -9.67 0.39 -5.25
N VAL A 57 -9.10 1.55 -5.13
CA VAL A 57 -7.61 1.65 -5.08
C VAL A 57 -7.18 2.24 -3.74
N ALA A 58 -5.95 2.05 -3.36
CA ALA A 58 -5.47 2.61 -2.07
C ALA A 58 -3.97 2.85 -2.13
N PHE A 59 -3.44 3.61 -1.22
CA PHE A 59 -1.98 3.87 -1.23
C PHE A 59 -1.40 3.57 0.16
N VAL A 60 -0.63 2.51 0.27
CA VAL A 60 -0.02 2.21 1.59
C VAL A 60 1.20 3.11 1.71
N ARG A 61 1.24 3.94 2.72
CA ARG A 61 2.39 4.86 2.83
C ARG A 61 3.52 4.19 3.62
N TYR A 62 4.50 3.68 2.92
CA TYR A 62 5.67 3.03 3.59
C TYR A 62 6.93 3.80 3.20
N ASN A 63 7.13 4.96 3.76
CA ASN A 63 8.33 5.76 3.39
C ASN A 63 9.61 5.09 3.87
N LYS A 64 9.51 4.01 4.60
CA LYS A 64 10.75 3.33 5.08
C LYS A 64 11.23 2.33 4.03
N ARG A 65 12.52 2.15 3.92
CA ARG A 65 13.04 1.18 2.91
C ARG A 65 12.77 -0.23 3.40
N GLU A 66 13.29 -0.57 4.57
CA GLU A 66 13.04 -1.93 5.11
C GLU A 66 11.53 -2.17 5.19
N GLU A 67 10.80 -1.22 5.70
CA GLU A 67 9.32 -1.39 5.79
C GLU A 67 8.79 -1.79 4.42
N ALA A 68 9.24 -1.15 3.37
CA ALA A 68 8.75 -1.51 2.01
C ALA A 68 9.13 -2.96 1.73
N GLN A 69 10.31 -3.37 2.11
CA GLN A 69 10.70 -4.78 1.86
C GLN A 69 9.59 -5.66 2.42
N GLU A 70 8.95 -5.20 3.47
CA GLU A 70 7.84 -5.97 4.08
C GLU A 70 6.57 -5.77 3.27
N ALA A 71 5.99 -4.61 3.36
CA ALA A 71 4.72 -4.31 2.61
C ALA A 71 4.75 -5.00 1.23
N ILE A 72 5.90 -5.20 0.67
CA ILE A 72 5.96 -5.87 -0.65
C ILE A 72 5.85 -7.38 -0.46
N SER A 73 6.80 -7.97 0.21
CA SER A 73 6.73 -9.44 0.46
C SER A 73 5.88 -9.73 1.70
N ALA A 74 4.90 -8.90 1.96
CA ALA A 74 4.02 -9.10 3.15
C ALA A 74 2.66 -8.48 2.84
N LEU A 75 2.64 -7.24 2.43
CA LEU A 75 1.33 -6.59 2.10
C LEU A 75 0.91 -7.05 0.69
N ASN A 76 1.85 -7.25 -0.21
CA ASN A 76 1.46 -7.73 -1.57
C ASN A 76 0.40 -8.81 -1.43
N ASN A 77 -0.84 -8.43 -1.53
CA ASN A 77 -1.94 -9.42 -1.35
C ASN A 77 -2.17 -9.62 0.15
N VAL A 78 -2.82 -8.68 0.79
CA VAL A 78 -3.07 -8.80 2.26
C VAL A 78 -4.39 -9.54 2.48
N ILE A 79 -4.65 -10.53 1.66
CA ILE A 79 -5.91 -11.32 1.78
C ILE A 79 -5.63 -12.73 1.25
N PRO A 80 -5.97 -13.72 2.04
CA PRO A 80 -5.74 -15.10 1.58
C PRO A 80 -6.17 -15.25 0.12
N GLU A 81 -5.34 -15.80 -0.71
CA GLU A 81 -5.71 -15.97 -2.15
C GLU A 81 -7.12 -16.54 -2.24
N GLY A 82 -8.08 -15.71 -2.54
CA GLY A 82 -9.49 -16.20 -2.66
C GLY A 82 -10.30 -15.25 -3.55
N GLY A 83 -9.63 -14.50 -4.38
CA GLY A 83 -10.36 -13.56 -5.28
C GLY A 83 -10.98 -12.43 -4.45
N SER A 84 -10.48 -12.20 -3.27
CA SER A 84 -11.04 -11.11 -2.41
C SER A 84 -10.33 -9.80 -2.74
N GLN A 85 -9.64 -9.74 -3.86
CA GLN A 85 -8.93 -8.49 -4.24
C GLN A 85 -7.74 -8.29 -3.28
N PRO A 86 -6.58 -8.18 -3.87
CA PRO A 86 -5.37 -8.01 -3.02
C PRO A 86 -4.77 -6.60 -3.15
N LEU A 87 -3.58 -6.41 -2.63
CA LEU A 87 -2.92 -5.08 -2.71
C LEU A 87 -1.80 -5.11 -3.75
N SER A 88 -1.94 -4.38 -4.82
CA SER A 88 -0.84 -4.38 -5.84
C SER A 88 0.24 -3.42 -5.33
N VAL A 89 1.34 -3.95 -4.87
CA VAL A 89 2.41 -3.08 -4.30
C VAL A 89 3.23 -2.40 -5.42
N ARG A 90 4.35 -1.81 -5.05
CA ARG A 90 5.22 -1.09 -6.03
C ARG A 90 4.87 0.40 -6.01
N LEU A 91 5.83 1.24 -5.66
CA LEU A 91 5.56 2.71 -5.60
C LEU A 91 4.86 3.19 -6.88
N ALA A 92 4.36 4.39 -6.87
CA ALA A 92 3.67 4.93 -8.08
C ALA A 92 3.86 6.46 -8.11
N GLU A 93 2.99 7.16 -8.78
CA GLU A 93 3.13 8.65 -8.84
C GLU A 93 4.56 9.02 -9.22
N GLU A 94 4.90 10.28 -9.12
CA GLU A 94 6.28 10.71 -9.48
C GLU A 94 6.85 11.60 -8.37
N HIS A 95 7.98 11.24 -7.83
CA HIS A 95 8.57 12.08 -6.75
C HIS A 95 7.58 12.20 -5.59
N GLY A 96 7.88 11.60 -4.48
CA GLY A 96 6.95 11.67 -3.31
C GLY A 96 7.68 11.21 -2.05
N LYS A 97 7.00 10.54 -1.17
CA LYS A 97 7.66 10.06 0.08
C LYS A 97 8.25 8.67 -0.16
#